data_5LTV
#
_entry.id   5LTV
#
_cell.length_a   209.765
_cell.length_b   209.765
_cell.length_c   68.885
_cell.angle_alpha   90.000
_cell.angle_beta   90.000
_cell.angle_gamma   120.000
#
_symmetry.space_group_name_H-M   'P 64'
#
loop_
_entity.id
_entity.type
_entity.pdbx_description
1 polymer 'Chemotactic transducer PctC'
2 non-polymer 'GAMMA-AMINO-BUTANOIC ACID'
3 non-polymer 'SULFATE ION'
4 non-polymer GLYCEROL
5 non-polymer 'ACETATE ION'
6 water water
#
_entity_poly.entity_id   1
_entity_poly.type   'polypeptide(L)'
_entity_poly.pdbx_seq_one_letter_code
;MGSSHHHHHHSSGLVPRGSHMNDYRQREAVRTDTENYLGEIGTLTASNIQSWLEGRMHLVEGLASQLALLDQPDEANIAR
QLEQPVFSRNFASVYLGEAASGTFTMRPYDAMPEGYDPRTRAWYKDALAADRLIVTEPFVDAGTGEQILAMSLPVRHAGQ
LLGVAAGDMKLETLTAILNSLKFDGAGYAFLVSDAGKILLHPDSGLVLKTLAEAYPKGAPNIVPGVHEVELDGSSQFVSF
TPVKGLPGVTWYVALVLDRDTAYSMLSEFRTSA
;
_entity_poly.pdbx_strand_id   A,B,C,D,E,F,G
#
# COMPACT_ATOMS: atom_id res chain seq x y z
N THR A 32 -2.22 18.77 12.61
CA THR A 32 -2.11 17.55 11.80
C THR A 32 -1.37 16.42 12.54
N ASP A 33 -0.53 16.79 13.50
CA ASP A 33 0.17 15.82 14.32
C ASP A 33 -0.54 15.57 15.65
N THR A 34 -0.83 16.61 16.43
CA THR A 34 -1.61 16.42 17.64
C THR A 34 -3.02 15.93 17.30
N GLU A 35 -3.47 16.18 16.07
CA GLU A 35 -4.72 15.56 15.61
C GLU A 35 -4.55 14.06 15.40
N ASN A 36 -3.43 13.63 14.81
CA ASN A 36 -3.16 12.20 14.65
C ASN A 36 -3.08 11.50 15.99
N TYR A 37 -2.50 12.16 16.99
CA TYR A 37 -2.27 11.53 18.29
C TYR A 37 -3.56 11.36 19.06
N LEU A 38 -4.42 12.40 19.06
CA LEU A 38 -5.73 12.26 19.68
C LEU A 38 -6.59 11.25 18.94
N GLY A 39 -6.46 11.18 17.60
CA GLY A 39 -7.18 10.18 16.84
C GLY A 39 -6.78 8.76 17.18
N GLU A 40 -5.52 8.56 17.57
N GLU A 40 -5.52 8.55 17.53
CA GLU A 40 -5.02 7.23 17.90
CA GLU A 40 -5.04 7.22 17.91
C GLU A 40 -5.33 6.83 19.34
C GLU A 40 -5.47 6.85 19.32
N ILE A 41 -5.43 7.81 20.24
CA ILE A 41 -5.84 7.54 21.61
C ILE A 41 -7.34 7.32 21.68
N GLY A 42 -8.10 8.11 20.94
CA GLY A 42 -9.53 7.90 20.90
C GLY A 42 -9.91 6.54 20.36
N THR A 43 -9.20 6.08 19.33
CA THR A 43 -9.45 4.76 18.77
C THR A 43 -9.17 3.67 19.80
N LEU A 44 -8.01 3.71 20.42
CA LEU A 44 -7.67 2.72 21.42
C LEU A 44 -8.57 2.83 22.65
N THR A 45 -9.05 4.04 22.97
CA THR A 45 -9.92 4.20 24.14
C THR A 45 -11.28 3.59 23.86
N ALA A 46 -11.77 3.76 22.63
CA ALA A 46 -13.06 3.21 22.23
C ALA A 46 -12.99 1.69 22.14
N SER A 47 -11.92 1.16 21.56
CA SER A 47 -11.89 -0.29 21.44
C SER A 47 -11.70 -0.94 22.81
N ASN A 48 -11.15 -0.21 23.80
CA ASN A 48 -11.06 -0.75 25.14
C ASN A 48 -12.44 -0.82 25.80
N ILE A 49 -13.16 0.29 25.86
CA ILE A 49 -14.50 0.25 26.43
C ILE A 49 -15.39 -0.69 25.61
N GLN A 50 -15.15 -0.83 24.30
CA GLN A 50 -15.93 -1.80 23.50
C GLN A 50 -15.71 -3.23 23.98
N SER A 51 -14.44 -3.63 24.12
CA SER A 51 -14.15 -4.98 24.60
C SER A 51 -14.73 -5.20 25.99
N TRP A 52 -14.59 -4.22 26.87
CA TRP A 52 -15.10 -4.38 28.23
C TRP A 52 -16.61 -4.58 28.23
N LEU A 53 -17.35 -3.67 27.58
CA LEU A 53 -18.82 -3.80 27.47
C LEU A 53 -19.23 -5.11 26.76
N GLU A 54 -18.49 -5.49 25.70
CA GLU A 54 -18.86 -6.71 24.97
C GLU A 54 -18.77 -7.94 25.86
N GLY A 55 -17.74 -8.01 26.73
CA GLY A 55 -17.63 -9.11 27.67
C GLY A 55 -18.82 -9.16 28.61
N ARG A 56 -19.24 -7.99 29.12
CA ARG A 56 -20.45 -7.97 29.93
C ARG A 56 -21.68 -8.39 29.13
N MET A 57 -21.80 -7.92 27.90
CA MET A 57 -22.90 -8.37 27.04
C MET A 57 -22.95 -9.89 26.93
N HIS A 58 -21.80 -10.51 26.67
CA HIS A 58 -21.75 -11.94 26.48
C HIS A 58 -22.26 -12.66 27.72
N LEU A 59 -21.89 -12.15 28.90
CA LEU A 59 -22.33 -12.80 30.14
C LEU A 59 -23.83 -12.72 30.28
N VAL A 60 -24.42 -11.58 29.87
CA VAL A 60 -25.87 -11.41 29.96
C VAL A 60 -26.57 -12.29 28.93
N GLU A 61 -25.99 -12.37 27.73
CA GLU A 61 -26.47 -13.33 26.75
C GLU A 61 -26.41 -14.75 27.30
N GLY A 62 -25.33 -15.09 28.00
CA GLY A 62 -25.22 -16.46 28.48
C GLY A 62 -26.18 -16.75 29.63
N LEU A 63 -26.53 -15.69 30.40
CA LEU A 63 -27.48 -15.84 31.49
C LEU A 63 -28.85 -16.17 30.91
N ALA A 64 -29.24 -15.46 29.86
CA ALA A 64 -30.50 -15.76 29.18
C ALA A 64 -30.52 -17.18 28.62
N SER A 65 -29.45 -17.59 27.92
CA SER A 65 -29.46 -18.97 27.41
C SER A 65 -29.47 -20.00 28.54
N GLN A 66 -28.71 -19.78 29.61
CA GLN A 66 -28.79 -20.68 30.76
C GLN A 66 -30.21 -20.82 31.28
N LEU A 67 -30.93 -19.69 31.41
CA LEU A 67 -32.28 -19.75 31.97
C LEU A 67 -33.27 -20.40 31.02
N ALA A 68 -33.15 -20.15 29.70
CA ALA A 68 -33.98 -20.85 28.73
C ALA A 68 -33.75 -22.36 28.77
N LEU A 69 -32.57 -22.80 29.19
CA LEU A 69 -32.25 -24.22 29.19
C LEU A 69 -32.76 -24.95 30.42
N LEU A 70 -33.20 -24.24 31.46
CA LEU A 70 -33.78 -24.90 32.64
C LEU A 70 -34.98 -25.73 32.22
N ASP A 71 -34.93 -27.01 32.51
CA ASP A 71 -36.10 -27.87 32.29
C ASP A 71 -37.27 -27.48 33.17
N GLN A 72 -37.00 -27.01 34.38
CA GLN A 72 -38.04 -26.60 35.32
C GLN A 72 -37.68 -25.20 35.78
N PRO A 73 -38.18 -24.25 35.21
CA PRO A 73 -37.82 -22.88 35.59
C PRO A 73 -38.71 -22.32 36.70
N ASP A 74 -38.65 -22.94 37.88
CA ASP A 74 -39.28 -22.45 39.10
C ASP A 74 -38.33 -21.50 39.83
N GLU A 75 -38.77 -20.95 40.97
CA GLU A 75 -38.03 -19.88 41.65
C GLU A 75 -36.70 -20.36 42.17
N ALA A 76 -36.68 -21.56 42.73
CA ALA A 76 -35.46 -22.06 43.35
C ALA A 76 -34.38 -22.34 42.30
N ASN A 77 -34.78 -22.86 41.14
CA ASN A 77 -33.82 -23.10 40.06
C ASN A 77 -33.29 -21.81 39.45
N ILE A 78 -34.16 -20.81 39.29
CA ILE A 78 -33.72 -19.51 38.77
C ILE A 78 -32.72 -18.87 39.74
N ALA A 79 -33.03 -18.91 41.04
CA ALA A 79 -32.16 -18.28 42.02
C ALA A 79 -30.80 -18.97 42.04
N ARG A 80 -30.80 -20.30 41.92
CA ARG A 80 -29.57 -21.07 41.91
C ARG A 80 -28.68 -20.66 40.75
N GLN A 81 -29.27 -20.58 39.54
CA GLN A 81 -28.53 -20.08 38.38
C GLN A 81 -27.97 -18.66 38.60
N LEU A 82 -28.75 -17.76 39.23
CA LEU A 82 -28.30 -16.39 39.44
C LEU A 82 -27.24 -16.28 40.52
N GLU A 83 -27.12 -17.27 41.39
CA GLU A 83 -26.18 -17.19 42.49
C GLU A 83 -24.73 -17.53 42.09
N GLN A 84 -24.48 -17.84 40.82
CA GLN A 84 -23.10 -18.14 40.40
C GLN A 84 -22.15 -16.97 40.68
N PRO A 85 -20.97 -17.22 41.25
CA PRO A 85 -20.10 -16.10 41.64
C PRO A 85 -19.59 -15.29 40.45
N VAL A 86 -19.55 -15.85 39.24
CA VAL A 86 -19.08 -15.06 38.10
C VAL A 86 -19.96 -13.82 37.90
N PHE A 87 -21.26 -13.92 38.22
CA PHE A 87 -22.17 -12.78 38.09
C PHE A 87 -21.87 -11.70 39.13
N SER A 88 -21.64 -12.07 40.38
CA SER A 88 -21.38 -11.05 41.39
C SER A 88 -19.99 -10.44 41.23
N ARG A 89 -19.05 -11.19 40.68
CA ARG A 89 -17.73 -10.65 40.40
C ARG A 89 -17.77 -9.61 39.27
N ASN A 90 -18.71 -9.71 38.33
CA ASN A 90 -18.58 -8.87 37.15
C ASN A 90 -19.72 -7.90 36.97
N PHE A 91 -20.79 -7.99 37.77
CA PHE A 91 -21.88 -7.04 37.74
C PHE A 91 -22.08 -6.49 39.14
N ALA A 92 -22.71 -5.31 39.21
CA ALA A 92 -23.29 -4.88 40.46
C ALA A 92 -24.39 -5.84 40.87
N SER A 93 -25.22 -6.25 39.92
CA SER A 93 -26.19 -7.30 40.18
C SER A 93 -26.72 -7.80 38.85
N VAL A 94 -27.25 -9.03 38.91
CA VAL A 94 -27.96 -9.67 37.81
C VAL A 94 -29.34 -10.03 38.34
N TYR A 95 -30.29 -10.16 37.40
CA TYR A 95 -31.67 -10.29 37.84
C TYR A 95 -32.57 -10.72 36.70
N LEU A 96 -33.71 -11.31 37.09
CA LEU A 96 -34.77 -11.75 36.20
C LEU A 96 -36.07 -11.14 36.71
N GLY A 97 -36.71 -10.33 35.87
CA GLY A 97 -38.04 -9.86 36.14
C GLY A 97 -38.95 -10.77 35.34
N GLU A 98 -39.90 -11.41 36.03
CA GLU A 98 -40.77 -12.41 35.44
C GLU A 98 -42.08 -11.80 34.94
N ALA A 99 -42.57 -12.30 33.80
CA ALA A 99 -43.75 -11.72 33.13
C ALA A 99 -45.05 -12.05 33.86
N ALA A 100 -45.17 -13.26 34.42
CA ALA A 100 -46.48 -13.69 34.93
C ALA A 100 -47.00 -12.76 36.05
N SER A 101 -46.16 -12.44 37.02
CA SER A 101 -46.68 -11.64 38.14
C SER A 101 -45.64 -10.68 38.71
N GLY A 102 -44.56 -10.36 37.97
CA GLY A 102 -43.59 -9.39 38.43
C GLY A 102 -42.56 -9.88 39.42
N THR A 103 -42.54 -11.17 39.73
CA THR A 103 -41.54 -11.75 40.62
C THR A 103 -40.14 -11.34 40.17
N PHE A 104 -39.36 -10.84 41.10
CA PHE A 104 -38.09 -10.22 40.81
C PHE A 104 -37.02 -10.96 41.63
N THR A 105 -36.10 -11.63 40.93
CA THR A 105 -35.00 -12.34 41.59
C THR A 105 -33.69 -11.68 41.21
N MET A 106 -33.01 -11.14 42.20
CA MET A 106 -31.77 -10.39 42.01
C MET A 106 -30.66 -11.01 42.87
N ARG A 107 -29.46 -11.15 42.26
CA ARG A 107 -28.28 -11.61 43.01
C ARG A 107 -27.10 -10.74 42.62
N PRO A 108 -26.26 -10.31 43.61
CA PRO A 108 -26.53 -10.42 45.05
C PRO A 108 -27.82 -9.70 45.44
N TYR A 109 -28.49 -10.23 46.44
CA TYR A 109 -29.81 -9.78 46.83
C TYR A 109 -29.71 -8.58 47.80
N ASP A 110 -30.49 -7.54 47.53
CA ASP A 110 -30.78 -6.54 48.54
C ASP A 110 -32.22 -6.10 48.32
N ALA A 111 -32.73 -5.25 49.22
CA ALA A 111 -34.15 -4.93 49.20
C ALA A 111 -34.49 -3.97 48.06
N MET A 112 -35.74 -4.03 47.61
CA MET A 112 -36.28 -3.12 46.63
C MET A 112 -37.42 -2.36 47.29
N PRO A 113 -37.85 -1.25 46.71
CA PRO A 113 -38.94 -0.48 47.34
C PRO A 113 -40.24 -1.27 47.43
N GLU A 114 -41.04 -0.91 48.42
CA GLU A 114 -42.37 -1.46 48.54
C GLU A 114 -43.14 -1.29 47.23
N GLY A 115 -43.77 -2.36 46.77
CA GLY A 115 -44.51 -2.36 45.54
C GLY A 115 -43.69 -2.35 44.26
N TYR A 116 -42.37 -2.55 44.36
CA TYR A 116 -41.53 -2.63 43.17
C TYR A 116 -42.06 -3.70 42.20
N ASP A 117 -42.21 -3.33 40.93
CA ASP A 117 -42.67 -4.25 39.90
C ASP A 117 -41.73 -4.06 38.73
N PRO A 118 -40.84 -5.01 38.44
CA PRO A 118 -39.83 -4.77 37.39
C PRO A 118 -40.46 -4.56 36.04
N ARG A 119 -41.69 -5.06 35.84
CA ARG A 119 -42.32 -4.90 34.53
C ARG A 119 -42.61 -3.44 34.21
N THR A 120 -42.63 -2.55 35.21
CA THR A 120 -42.89 -1.15 34.91
C THR A 120 -41.63 -0.37 34.55
N ARG A 121 -40.47 -1.02 34.46
CA ARG A 121 -39.22 -0.28 34.37
C ARG A 121 -38.67 -0.32 32.95
N ALA A 122 -37.95 0.76 32.58
CA ALA A 122 -37.47 0.92 31.22
C ALA A 122 -36.55 -0.21 30.76
N TRP A 123 -35.74 -0.78 31.67
CA TRP A 123 -34.84 -1.84 31.22
C TRP A 123 -35.64 -3.09 30.87
N TYR A 124 -36.83 -3.22 31.46
CA TYR A 124 -37.72 -4.34 31.15
C TYR A 124 -38.48 -4.07 29.85
N LYS A 125 -39.26 -2.98 29.84
CA LYS A 125 -40.10 -2.68 28.69
C LYS A 125 -39.28 -2.48 27.41
N ASP A 126 -38.09 -1.90 27.51
CA ASP A 126 -37.26 -1.74 26.30
C ASP A 126 -36.68 -3.08 25.82
N ALA A 127 -36.32 -4.00 26.73
CA ALA A 127 -35.91 -5.32 26.24
C ALA A 127 -37.02 -6.00 25.45
N LEU A 128 -38.27 -5.90 25.93
CA LEU A 128 -39.36 -6.56 25.24
C LEU A 128 -39.66 -5.88 23.91
N ALA A 129 -39.60 -4.54 23.88
CA ALA A 129 -39.89 -3.82 22.65
C ALA A 129 -38.84 -4.13 21.57
N ALA A 130 -37.57 -4.18 21.96
CA ALA A 130 -36.53 -4.50 20.98
C ALA A 130 -36.42 -5.98 20.67
N ASP A 131 -36.98 -6.86 21.51
CA ASP A 131 -36.84 -8.34 21.44
C ASP A 131 -35.40 -8.81 21.22
N ARG A 132 -34.47 -8.22 21.93
CA ARG A 132 -33.05 -8.53 21.78
C ARG A 132 -32.30 -7.78 22.88
N LEU A 133 -31.02 -8.12 23.04
CA LEU A 133 -30.17 -7.43 23.99
C LEU A 133 -30.17 -5.93 23.68
N ILE A 134 -30.41 -5.12 24.70
CA ILE A 134 -30.19 -3.69 24.61
C ILE A 134 -29.17 -3.30 25.68
N VAL A 135 -28.56 -2.15 25.47
CA VAL A 135 -27.78 -1.49 26.51
C VAL A 135 -28.46 -0.14 26.74
N THR A 136 -28.79 0.12 27.99
CA THR A 136 -29.56 1.30 28.36
C THR A 136 -28.63 2.49 28.56
N GLU A 137 -29.22 3.68 28.48
CA GLU A 137 -28.54 4.86 28.99
C GLU A 137 -28.58 4.82 30.53
N PRO A 138 -27.76 5.65 31.19
CA PRO A 138 -27.76 5.64 32.67
C PRO A 138 -29.16 5.91 33.23
N PHE A 139 -29.45 5.24 34.33
CA PHE A 139 -30.61 5.56 35.14
C PHE A 139 -30.20 5.35 36.58
N VAL A 140 -31.16 5.54 37.48
CA VAL A 140 -30.95 5.47 38.93
C VAL A 140 -31.46 4.13 39.42
N ASP A 141 -30.58 3.33 40.02
CA ASP A 141 -30.99 2.04 40.62
C ASP A 141 -32.11 2.25 41.64
N ALA A 142 -33.20 1.50 41.49
CA ALA A 142 -34.36 1.68 42.36
C ALA A 142 -34.10 1.25 43.80
N GLY A 143 -33.11 0.41 44.03
CA GLY A 143 -32.85 -0.05 45.37
C GLY A 143 -31.81 0.80 46.09
N THR A 144 -30.71 1.17 45.42
CA THR A 144 -29.57 1.81 46.07
C THR A 144 -29.45 3.31 45.82
N GLY A 145 -30.19 3.85 44.85
CA GLY A 145 -30.02 5.21 44.43
C GLY A 145 -28.79 5.48 43.58
N GLU A 146 -27.94 4.49 43.36
CA GLU A 146 -26.75 4.73 42.56
C GLU A 146 -27.12 4.89 41.09
N GLN A 147 -26.25 5.60 40.35
CA GLN A 147 -26.34 5.72 38.90
C GLN A 147 -25.75 4.49 38.24
N ILE A 148 -26.57 3.80 37.43
CA ILE A 148 -26.18 2.56 36.77
C ILE A 148 -26.62 2.54 35.30
N LEU A 149 -26.13 1.54 34.59
CA LEU A 149 -26.73 1.20 33.31
C LEU A 149 -26.85 -0.32 33.28
N ALA A 150 -27.79 -0.81 32.46
CA ALA A 150 -28.09 -2.22 32.43
C ALA A 150 -27.96 -2.75 31.00
N MET A 151 -27.70 -4.04 30.91
CA MET A 151 -27.85 -4.80 29.68
C MET A 151 -28.93 -5.82 29.90
N SER A 152 -29.94 -5.85 29.02
CA SER A 152 -31.14 -6.66 29.29
C SER A 152 -31.65 -7.29 27.99
N LEU A 153 -32.34 -8.43 28.14
CA LEU A 153 -32.90 -9.10 26.98
C LEU A 153 -33.99 -10.06 27.42
N PRO A 154 -35.01 -10.29 26.56
CA PRO A 154 -36.06 -11.25 26.90
C PRO A 154 -35.50 -12.65 27.05
N VAL A 155 -36.15 -13.42 27.91
CA VAL A 155 -35.89 -14.85 28.13
C VAL A 155 -37.18 -15.61 27.85
N ARG A 156 -37.14 -16.53 26.89
N ARG A 156 -37.14 -16.52 26.88
CA ARG A 156 -38.27 -17.41 26.61
CA ARG A 156 -38.27 -17.40 26.59
C ARG A 156 -37.89 -18.83 27.00
C ARG A 156 -37.89 -18.82 27.02
N HIS A 157 -38.90 -19.61 27.41
CA HIS A 157 -38.71 -21.02 27.68
C HIS A 157 -39.70 -21.78 26.82
N ALA A 158 -39.20 -22.69 25.98
CA ALA A 158 -40.05 -23.41 25.03
C ALA A 158 -40.94 -22.46 24.23
N GLY A 159 -40.40 -21.26 23.92
CA GLY A 159 -41.13 -20.31 23.08
C GLY A 159 -42.08 -19.35 23.80
N GLN A 160 -42.28 -19.53 25.10
CA GLN A 160 -43.14 -18.68 25.94
C GLN A 160 -42.29 -17.76 26.84
N LEU A 161 -42.70 -16.49 26.93
CA LEU A 161 -41.95 -15.50 27.68
C LEU A 161 -41.82 -15.86 29.17
N LEU A 162 -40.57 -15.97 29.63
CA LEU A 162 -40.29 -16.08 31.05
C LEU A 162 -40.21 -14.69 31.68
N GLY A 163 -39.45 -13.80 31.08
CA GLY A 163 -39.39 -12.43 31.56
C GLY A 163 -38.25 -11.72 30.85
N VAL A 164 -37.61 -10.82 31.60
CA VAL A 164 -36.43 -10.12 31.10
C VAL A 164 -35.27 -10.35 32.07
N ALA A 165 -34.14 -10.80 31.53
CA ALA A 165 -32.93 -10.98 32.31
C ALA A 165 -32.00 -9.80 32.05
N ALA A 166 -31.30 -9.35 33.10
CA ALA A 166 -30.40 -8.21 32.98
C ALA A 166 -29.19 -8.36 33.93
N GLY A 167 -28.14 -7.61 33.60
CA GLY A 167 -27.14 -7.21 34.60
C GLY A 167 -26.88 -5.73 34.54
N ASP A 168 -26.62 -5.14 35.69
CA ASP A 168 -26.28 -3.72 35.65
C ASP A 168 -24.89 -3.49 36.26
N MET A 169 -24.35 -2.31 35.96
CA MET A 169 -23.03 -1.91 36.44
C MET A 169 -23.03 -0.42 36.80
N LYS A 170 -22.29 -0.08 37.85
N LYS A 170 -22.29 -0.09 37.86
CA LYS A 170 -22.18 1.30 38.28
CA LYS A 170 -22.13 1.29 38.28
C LYS A 170 -21.40 2.13 37.28
C LYS A 170 -21.40 2.12 37.24
N LEU A 171 -21.88 3.36 37.06
CA LEU A 171 -21.24 4.27 36.13
C LEU A 171 -19.80 4.57 36.51
N GLU A 172 -19.49 4.65 37.81
N GLU A 172 -19.48 4.63 37.81
CA GLU A 172 -18.11 4.91 38.22
CA GLU A 172 -18.09 4.93 38.19
C GLU A 172 -17.17 3.83 37.71
C GLU A 172 -17.14 3.82 37.75
N THR A 173 -17.62 2.57 37.75
CA THR A 173 -16.82 1.47 37.22
C THR A 173 -16.47 1.69 35.75
N LEU A 174 -17.46 2.07 34.95
CA LEU A 174 -17.21 2.32 33.53
C LEU A 174 -16.35 3.54 33.34
N THR A 175 -16.60 4.60 34.13
CA THR A 175 -15.85 5.82 33.94
C THR A 175 -14.37 5.61 34.23
N ALA A 176 -14.07 4.83 35.26
CA ALA A 176 -12.69 4.41 35.54
C ALA A 176 -12.04 3.73 34.35
N ILE A 177 -12.73 2.73 33.74
CA ILE A 177 -12.19 2.06 32.55
C ILE A 177 -11.84 3.09 31.48
N LEU A 178 -12.76 4.03 31.22
CA LEU A 178 -12.59 5.03 30.17
C LEU A 178 -11.37 5.91 30.40
N ASN A 179 -11.13 6.33 31.65
CA ASN A 179 -10.05 7.23 32.02
C ASN A 179 -8.86 6.51 32.64
N SER A 180 -8.44 5.37 32.08
CA SER A 180 -7.34 4.63 32.71
C SER A 180 -5.98 5.33 32.54
N LEU A 181 -5.90 6.41 31.76
CA LEU A 181 -4.66 7.17 31.64
C LEU A 181 -4.71 8.51 32.35
N GLY A 187 -5.97 16.83 30.73
CA GLY A 187 -6.99 16.32 29.84
C GLY A 187 -7.79 15.14 30.41
N TYR A 188 -8.86 14.72 29.73
CA TYR A 188 -9.75 13.70 30.27
C TYR A 188 -10.63 13.15 29.15
N ALA A 189 -11.42 12.13 29.49
CA ALA A 189 -12.30 11.48 28.52
C ALA A 189 -13.70 11.29 29.08
N PHE A 190 -14.72 11.52 28.26
CA PHE A 190 -16.07 11.18 28.70
C PHE A 190 -16.80 10.43 27.56
N LEU A 191 -18.04 10.06 27.83
CA LEU A 191 -18.84 9.29 26.90
C LEU A 191 -20.15 10.03 26.66
N VAL A 192 -20.56 10.12 25.40
CA VAL A 192 -21.68 10.95 25.01
C VAL A 192 -22.40 10.27 23.85
N SER A 193 -23.73 10.36 23.83
CA SER A 193 -24.49 9.73 22.77
C SER A 193 -24.49 10.63 21.54
N ASP A 194 -24.92 10.04 20.42
CA ASP A 194 -24.99 10.78 19.16
C ASP A 194 -25.92 11.98 19.24
N ALA A 195 -26.96 11.89 20.07
CA ALA A 195 -27.88 13.01 20.25
C ALA A 195 -27.35 14.11 21.16
N GLY A 196 -26.20 13.91 21.80
CA GLY A 196 -25.64 14.89 22.72
C GLY A 196 -25.81 14.63 24.20
N LYS A 197 -26.31 13.45 24.58
N LYS A 197 -26.32 13.44 24.60
CA LYS A 197 -26.50 13.07 25.99
CA LYS A 197 -26.53 13.11 26.02
C LYS A 197 -25.19 12.59 26.60
C LYS A 197 -25.25 12.56 26.65
N ILE A 198 -24.76 13.22 27.69
CA ILE A 198 -23.58 12.76 28.42
C ILE A 198 -23.94 11.52 29.25
N LEU A 199 -23.20 10.43 29.02
CA LEU A 199 -23.45 9.13 29.61
C LEU A 199 -22.48 8.78 30.71
N LEU A 200 -21.21 9.09 30.51
CA LEU A 200 -20.20 8.92 31.52
C LEU A 200 -19.37 10.18 31.51
N HIS A 201 -18.88 10.60 32.69
CA HIS A 201 -18.08 11.81 32.83
C HIS A 201 -17.37 11.83 34.17
N PRO A 202 -16.10 12.21 34.22
CA PRO A 202 -15.41 12.29 35.52
C PRO A 202 -16.07 13.26 36.49
N ASP A 203 -16.76 14.28 35.98
CA ASP A 203 -17.65 15.11 36.78
C ASP A 203 -19.05 14.47 36.78
N SER A 204 -19.32 13.65 37.81
CA SER A 204 -20.55 12.86 37.88
C SER A 204 -21.80 13.72 37.72
N GLY A 205 -21.76 14.98 38.18
CA GLY A 205 -22.89 15.87 37.99
C GLY A 205 -23.25 16.11 36.54
N LEU A 206 -22.29 15.95 35.62
CA LEU A 206 -22.60 16.19 34.21
C LEU A 206 -23.24 14.99 33.54
N VAL A 207 -23.33 13.85 34.24
CA VAL A 207 -24.00 12.69 33.67
C VAL A 207 -25.47 12.99 33.43
N LEU A 208 -25.95 12.61 32.24
CA LEU A 208 -27.31 12.80 31.74
C LEU A 208 -27.64 14.24 31.41
N LYS A 209 -26.66 15.14 31.47
CA LYS A 209 -26.87 16.46 30.91
C LYS A 209 -26.60 16.42 29.40
N THR A 210 -27.18 17.37 28.68
CA THR A 210 -26.76 17.55 27.30
C THR A 210 -25.43 18.28 27.23
N LEU A 211 -24.78 18.19 26.07
CA LEU A 211 -23.54 18.92 25.89
C LEU A 211 -23.76 20.42 25.97
N ALA A 212 -24.92 20.88 25.49
CA ALA A 212 -25.25 22.30 25.59
C ALA A 212 -25.41 22.73 27.04
N GLU A 213 -25.88 21.82 27.91
CA GLU A 213 -25.94 22.11 29.34
C GLU A 213 -24.57 22.09 29.99
N ALA A 214 -23.70 21.17 29.56
CA ALA A 214 -22.39 21.03 30.18
C ALA A 214 -21.45 22.17 29.78
N TYR A 215 -21.52 22.64 28.53
CA TYR A 215 -20.61 23.66 28.02
C TYR A 215 -21.40 24.78 27.35
N PRO A 216 -21.98 25.68 28.17
CA PRO A 216 -22.82 26.80 27.70
C PRO A 216 -22.06 27.85 26.88
N ALA A 219 -20.88 24.66 22.93
CA ALA A 219 -20.73 23.21 22.82
C ALA A 219 -20.18 22.79 21.46
N PRO A 220 -19.32 21.77 21.43
CA PRO A 220 -18.82 21.25 20.15
C PRO A 220 -19.85 20.36 19.48
N ASN A 221 -19.76 20.32 18.16
CA ASN A 221 -20.68 19.51 17.37
C ASN A 221 -20.12 18.10 17.27
N ILE A 222 -20.97 17.10 17.45
CA ILE A 222 -20.49 15.73 17.47
C ILE A 222 -20.22 15.25 16.05
N VAL A 223 -19.00 15.46 15.57
CA VAL A 223 -18.53 14.89 14.31
C VAL A 223 -17.27 14.08 14.60
N PRO A 224 -17.18 12.79 14.14
CA PRO A 224 -15.92 12.03 14.25
C PRO A 224 -14.70 12.84 13.78
N GLY A 225 -13.67 12.93 14.63
CA GLY A 225 -12.45 13.66 14.35
C GLY A 225 -12.14 14.68 15.44
N VAL A 226 -11.22 15.60 15.11
CA VAL A 226 -10.61 16.48 16.10
C VAL A 226 -10.89 17.92 15.72
N HIS A 227 -11.18 18.74 16.73
CA HIS A 227 -11.58 20.12 16.47
C HIS A 227 -11.26 21.03 17.65
N GLU A 228 -10.79 22.24 17.34
N GLU A 228 -10.78 22.24 17.33
CA GLU A 228 -10.51 23.25 18.35
CA GLU A 228 -10.50 23.25 18.35
C GLU A 228 -11.82 23.88 18.80
C GLU A 228 -11.81 23.90 18.79
N VAL A 229 -11.98 24.05 20.11
CA VAL A 229 -13.21 24.62 20.65
C VAL A 229 -12.94 25.64 21.76
N SER A 234 -10.65 29.17 28.88
CA SER A 234 -9.64 28.36 28.20
C SER A 234 -10.18 27.58 26.96
N SER A 235 -9.39 27.53 25.89
CA SER A 235 -9.79 26.82 24.68
C SER A 235 -9.03 25.49 24.60
N GLN A 236 -9.70 24.48 24.04
CA GLN A 236 -9.21 23.11 24.10
C GLN A 236 -9.49 22.37 22.81
N PHE A 237 -8.78 21.24 22.65
CA PHE A 237 -9.05 20.28 21.60
C PHE A 237 -10.06 19.26 22.12
N VAL A 238 -11.01 18.87 21.27
CA VAL A 238 -11.96 17.84 21.64
C VAL A 238 -12.19 16.93 20.45
N SER A 239 -12.00 15.62 20.67
CA SER A 239 -12.04 14.58 19.66
C SER A 239 -13.18 13.61 19.95
N PHE A 240 -13.91 13.24 18.90
CA PHE A 240 -14.97 12.23 19.01
C PHE A 240 -14.60 10.98 18.22
N THR A 241 -14.71 9.83 18.89
CA THR A 241 -14.44 8.51 18.30
C THR A 241 -15.60 7.59 18.60
N PRO A 242 -16.24 7.02 17.60
CA PRO A 242 -17.36 6.10 17.87
C PRO A 242 -16.92 4.83 18.56
N VAL A 243 -17.80 4.31 19.41
CA VAL A 243 -17.63 2.99 19.99
C VAL A 243 -18.32 1.99 19.09
N LYS A 244 -17.56 1.02 18.60
N LYS A 244 -17.55 1.02 18.59
CA LYS A 244 -18.12 0.00 17.73
CA LYS A 244 -18.08 -0.01 17.73
C LYS A 244 -18.68 -1.14 18.57
C LYS A 244 -18.69 -1.13 18.58
N GLY A 245 -19.61 -1.88 17.97
CA GLY A 245 -20.13 -3.09 18.55
C GLY A 245 -21.27 -2.94 19.53
N LEU A 246 -21.78 -1.73 19.75
CA LEU A 246 -22.81 -1.61 20.76
C LEU A 246 -24.20 -1.68 20.14
N PRO A 247 -25.11 -2.50 20.69
CA PRO A 247 -26.37 -2.74 20.00
C PRO A 247 -27.34 -1.57 20.20
N GLY A 248 -27.90 -1.09 19.09
CA GLY A 248 -28.97 -0.13 19.15
C GLY A 248 -28.59 1.29 19.49
N VAL A 249 -27.31 1.61 19.62
CA VAL A 249 -26.88 2.94 20.05
C VAL A 249 -25.68 3.36 19.21
N THR A 250 -25.46 4.67 19.15
CA THR A 250 -24.23 5.24 18.61
C THR A 250 -23.66 6.13 19.71
N TRP A 251 -22.60 5.67 20.34
CA TRP A 251 -22.01 6.38 21.44
C TRP A 251 -20.56 6.69 21.11
N TYR A 252 -20.09 7.81 21.61
CA TYR A 252 -18.77 8.30 21.26
C TYR A 252 -17.93 8.45 22.51
N VAL A 253 -16.64 8.12 22.37
CA VAL A 253 -15.61 8.55 23.29
C VAL A 253 -15.23 9.98 22.94
N ALA A 254 -15.36 10.88 23.91
CA ALA A 254 -14.91 12.26 23.76
C ALA A 254 -13.62 12.44 24.54
N LEU A 255 -12.57 12.94 23.88
CA LEU A 255 -11.31 13.28 24.52
C LEU A 255 -11.15 14.79 24.57
N VAL A 256 -10.79 15.31 25.74
CA VAL A 256 -10.62 16.74 25.94
C VAL A 256 -9.16 16.97 26.30
N LEU A 257 -8.45 17.77 25.51
CA LEU A 257 -7.08 18.12 25.84
C LEU A 257 -6.85 19.63 25.85
N ASN B 36 38.05 -11.24 -2.56
CA ASN B 36 36.83 -11.80 -1.97
C ASN B 36 35.99 -12.47 -3.04
N TYR B 37 36.72 -13.16 -3.91
CA TYR B 37 36.12 -14.17 -4.75
C TYR B 37 35.51 -15.28 -3.90
N LEU B 38 36.11 -15.58 -2.75
CA LEU B 38 35.50 -16.52 -1.81
C LEU B 38 34.24 -15.96 -1.16
N GLY B 39 34.17 -14.64 -0.95
CA GLY B 39 32.97 -14.07 -0.37
C GLY B 39 31.78 -14.17 -1.30
N GLU B 40 32.02 -14.09 -2.61
CA GLU B 40 30.98 -14.31 -3.61
C GLU B 40 30.52 -15.76 -3.60
N ILE B 41 31.47 -16.70 -3.64
CA ILE B 41 31.11 -18.11 -3.64
C ILE B 41 30.36 -18.48 -2.37
N GLY B 42 30.82 -17.96 -1.22
CA GLY B 42 30.20 -18.32 0.05
C GLY B 42 28.79 -17.78 0.17
N THR B 43 28.57 -16.55 -0.29
CA THR B 43 27.23 -15.99 -0.33
C THR B 43 26.30 -16.83 -1.19
N LEU B 44 26.74 -17.17 -2.40
CA LEU B 44 25.88 -17.95 -3.29
C LEU B 44 25.69 -19.37 -2.78
N THR B 45 26.70 -19.91 -2.08
CA THR B 45 26.61 -21.24 -1.49
C THR B 45 25.64 -21.25 -0.31
N ALA B 46 25.73 -20.24 0.56
CA ALA B 46 24.75 -20.11 1.63
C ALA B 46 23.32 -19.88 1.08
N SER B 47 23.16 -19.09 0.03
CA SER B 47 21.78 -18.81 -0.36
C SER B 47 21.14 -20.03 -1.03
N ASN B 48 21.94 -20.90 -1.64
CA ASN B 48 21.42 -22.11 -2.25
C ASN B 48 20.97 -23.13 -1.21
N ILE B 49 21.83 -23.41 -0.20
CA ILE B 49 21.43 -24.34 0.85
C ILE B 49 20.27 -23.76 1.63
N GLN B 50 20.15 -22.42 1.68
CA GLN B 50 19.01 -21.82 2.36
C GLN B 50 17.72 -22.17 1.62
N SER B 51 17.68 -21.89 0.31
CA SER B 51 16.51 -22.20 -0.48
C SER B 51 16.17 -23.68 -0.39
N TRP B 52 17.19 -24.54 -0.55
CA TRP B 52 16.96 -25.96 -0.45
C TRP B 52 16.35 -26.33 0.89
N LEU B 53 16.88 -25.79 1.98
CA LEU B 53 16.40 -26.21 3.29
C LEU B 53 15.02 -25.63 3.58
N GLU B 54 14.79 -24.38 3.15
CA GLU B 54 13.48 -23.79 3.33
C GLU B 54 12.44 -24.54 2.52
N GLY B 55 12.81 -25.08 1.36
CA GLY B 55 11.86 -25.86 0.58
C GLY B 55 11.37 -27.09 1.32
N ARG B 56 12.31 -27.87 1.89
CA ARG B 56 11.93 -28.97 2.78
C ARG B 56 11.18 -28.48 4.03
N MET B 57 11.53 -27.32 4.55
CA MET B 57 10.81 -26.80 5.72
C MET B 57 9.34 -26.54 5.39
N HIS B 58 9.06 -26.03 4.20
CA HIS B 58 7.67 -25.76 3.81
C HIS B 58 6.87 -27.06 3.68
N LEU B 59 7.49 -28.11 3.13
CA LEU B 59 6.82 -29.39 3.00
C LEU B 59 6.48 -29.99 4.36
N VAL B 60 7.40 -29.86 5.33
CA VAL B 60 7.11 -30.33 6.68
C VAL B 60 6.02 -29.50 7.30
N GLU B 61 6.05 -28.17 7.11
CA GLU B 61 4.94 -27.33 7.60
C GLU B 61 3.64 -27.77 6.96
N GLY B 62 3.68 -28.09 5.66
CA GLY B 62 2.46 -28.48 4.98
C GLY B 62 1.94 -29.83 5.44
N LEU B 63 2.84 -30.76 5.80
CA LEU B 63 2.38 -32.04 6.35
C LEU B 63 1.64 -31.82 7.65
N ALA B 64 2.19 -30.97 8.52
CA ALA B 64 1.55 -30.74 9.81
C ALA B 64 0.17 -30.13 9.62
N SER B 65 0.03 -29.22 8.64
CA SER B 65 -1.28 -28.66 8.33
C SER B 65 -2.25 -29.73 7.92
N GLN B 66 -1.81 -30.62 7.01
CA GLN B 66 -2.67 -31.72 6.56
C GLN B 66 -3.08 -32.62 7.71
N LEU B 67 -2.14 -32.99 8.56
CA LEU B 67 -2.47 -33.86 9.69
C LEU B 67 -3.41 -33.15 10.68
N ALA B 68 -3.33 -31.83 10.77
CA ALA B 68 -4.21 -31.14 11.71
C ALA B 68 -5.64 -31.09 11.17
N LEU B 69 -5.82 -31.28 9.86
CA LEU B 69 -7.12 -31.13 9.23
C LEU B 69 -7.87 -32.44 9.07
N LEU B 70 -7.23 -33.59 9.32
CA LEU B 70 -7.89 -34.88 9.23
C LEU B 70 -9.12 -34.92 10.13
N ASP B 71 -10.29 -35.20 9.53
CA ASP B 71 -11.52 -35.31 10.30
C ASP B 71 -11.42 -36.42 11.34
N GLN B 72 -10.83 -37.55 10.95
CA GLN B 72 -10.69 -38.69 11.85
C GLN B 72 -9.20 -39.06 11.89
N PRO B 73 -8.44 -38.61 12.94
CA PRO B 73 -6.98 -38.84 12.95
C PRO B 73 -6.60 -40.18 13.55
N ASP B 74 -7.15 -41.26 13.00
CA ASP B 74 -6.73 -42.59 13.36
C ASP B 74 -5.48 -42.99 12.54
N GLU B 75 -4.90 -44.13 12.91
CA GLU B 75 -3.63 -44.52 12.32
C GLU B 75 -3.75 -44.76 10.82
N ALA B 76 -4.85 -45.37 10.36
CA ALA B 76 -5.00 -45.61 8.92
C ALA B 76 -4.97 -44.30 8.13
N ASN B 77 -5.66 -43.27 8.62
CA ASN B 77 -5.71 -42.00 7.93
C ASN B 77 -4.40 -41.22 8.05
N ILE B 78 -3.68 -41.39 9.16
CA ILE B 78 -2.37 -40.76 9.25
C ILE B 78 -1.42 -41.41 8.26
N ALA B 79 -1.40 -42.74 8.24
CA ALA B 79 -0.58 -43.49 7.28
C ALA B 79 -0.91 -43.09 5.85
N ARG B 80 -2.22 -42.97 5.53
N ARG B 80 -2.21 -42.98 5.50
CA ARG B 80 -2.63 -42.66 4.16
CA ARG B 80 -2.55 -42.67 4.11
C ARG B 80 -2.11 -41.29 3.75
C ARG B 80 -2.07 -41.28 3.74
N GLN B 81 -2.15 -40.34 4.69
CA GLN B 81 -1.61 -39.00 4.47
C GLN B 81 -0.08 -39.02 4.33
N LEU B 82 0.63 -39.80 5.16
CA LEU B 82 2.07 -39.89 5.03
C LEU B 82 2.54 -40.65 3.79
N GLU B 83 1.64 -41.39 3.12
CA GLU B 83 2.06 -42.20 1.99
C GLU B 83 2.02 -41.47 0.66
N GLN B 84 1.86 -40.15 0.64
CA GLN B 84 1.92 -39.42 -0.62
C GLN B 84 3.34 -39.46 -1.18
N PRO B 85 3.48 -39.74 -2.48
CA PRO B 85 4.80 -39.79 -3.12
C PRO B 85 5.67 -38.55 -2.97
N VAL B 86 5.07 -37.35 -2.87
CA VAL B 86 5.84 -36.11 -2.75
C VAL B 86 6.71 -36.13 -1.50
N PHE B 87 6.28 -36.85 -0.46
CA PHE B 87 7.08 -36.90 0.75
C PHE B 87 8.25 -37.86 0.61
N SER B 88 8.04 -39.04 -0.01
CA SER B 88 9.14 -39.97 -0.23
C SER B 88 10.12 -39.47 -1.28
N ARG B 89 9.67 -38.64 -2.21
CA ARG B 89 10.59 -38.05 -3.19
C ARG B 89 11.50 -36.98 -2.58
N ASN B 90 11.15 -36.35 -1.45
CA ASN B 90 11.88 -35.19 -0.99
C ASN B 90 12.51 -35.34 0.38
N PHE B 91 12.27 -36.47 1.05
CA PHE B 91 12.86 -36.79 2.32
C PHE B 91 13.29 -38.24 2.30
N ALA B 92 14.27 -38.57 3.14
CA ALA B 92 14.52 -39.97 3.47
C ALA B 92 13.24 -40.61 4.06
N SER B 93 12.60 -39.94 5.02
CA SER B 93 11.32 -40.42 5.55
C SER B 93 10.58 -39.26 6.22
N VAL B 94 9.27 -39.43 6.33
CA VAL B 94 8.39 -38.52 7.07
C VAL B 94 7.65 -39.37 8.10
N TYR B 95 7.31 -38.76 9.23
CA TYR B 95 6.79 -39.55 10.33
C TYR B 95 6.07 -38.70 11.38
N LEU B 96 5.20 -39.37 12.12
CA LEU B 96 4.48 -38.78 13.23
C LEU B 96 4.73 -39.66 14.45
N GLY B 97 5.23 -39.05 15.53
CA GLY B 97 5.26 -39.67 16.83
C GLY B 97 4.08 -39.15 17.63
N GLU B 98 3.16 -40.06 18.01
CA GLU B 98 1.93 -39.63 18.68
C GLU B 98 2.14 -39.53 20.19
N ALA B 99 1.52 -38.51 20.82
CA ALA B 99 1.72 -38.24 22.24
C ALA B 99 1.00 -39.24 23.14
N ALA B 100 -0.14 -39.78 22.72
CA ALA B 100 -0.98 -40.48 23.69
C ALA B 100 -0.33 -41.77 24.15
N SER B 101 0.26 -42.54 23.24
CA SER B 101 0.94 -43.75 23.67
C SER B 101 2.25 -44.00 22.93
N GLY B 102 2.78 -43.04 22.19
CA GLY B 102 4.03 -43.24 21.49
C GLY B 102 3.93 -43.99 20.18
N THR B 103 2.74 -44.10 19.60
CA THR B 103 2.63 -44.70 18.27
C THR B 103 3.48 -43.92 17.27
N PHE B 104 4.24 -44.66 16.47
CA PHE B 104 5.18 -44.09 15.52
C PHE B 104 4.79 -44.55 14.12
N THR B 105 4.42 -43.61 13.26
CA THR B 105 4.01 -43.93 11.90
C THR B 105 4.98 -43.25 10.94
N MET B 106 5.75 -44.06 10.21
CA MET B 106 6.82 -43.58 9.35
C MET B 106 6.62 -44.12 7.94
N ARG B 107 6.77 -43.23 6.96
CA ARG B 107 6.72 -43.62 5.54
C ARG B 107 7.87 -42.95 4.80
N PRO B 108 8.55 -43.68 3.87
CA PRO B 108 8.41 -45.13 3.63
C PRO B 108 8.70 -45.91 4.93
N TYR B 109 8.11 -47.08 5.10
CA TYR B 109 8.15 -47.73 6.39
C TYR B 109 9.33 -48.68 6.44
N ASP B 110 10.04 -48.66 7.55
CA ASP B 110 10.96 -49.76 7.85
C ASP B 110 11.00 -49.92 9.36
N ALA B 111 11.68 -50.98 9.83
CA ALA B 111 11.55 -51.39 11.22
C ALA B 111 12.32 -50.45 12.14
N MET B 112 11.77 -50.23 13.33
CA MET B 112 12.46 -49.51 14.40
C MET B 112 12.88 -50.50 15.49
N PRO B 113 13.87 -50.15 16.33
CA PRO B 113 14.30 -51.10 17.36
C PRO B 113 13.16 -51.44 18.29
N GLU B 114 13.26 -52.63 18.88
CA GLU B 114 12.33 -53.08 19.91
C GLU B 114 12.26 -52.06 21.06
N GLY B 115 11.04 -51.73 21.48
CA GLY B 115 10.83 -50.74 22.51
C GLY B 115 10.97 -49.29 22.09
N TYR B 116 11.20 -49.00 20.80
CA TYR B 116 11.36 -47.61 20.39
C TYR B 116 10.15 -46.78 20.82
N ASP B 117 10.43 -45.68 21.48
CA ASP B 117 9.40 -44.70 21.85
C ASP B 117 9.85 -43.38 21.26
N PRO B 118 9.16 -42.83 20.25
CA PRO B 118 9.63 -41.56 19.65
C PRO B 118 9.63 -40.42 20.63
N ARG B 119 8.78 -40.50 21.66
CA ARG B 119 8.67 -39.42 22.62
C ARG B 119 9.96 -39.24 23.42
N THR B 120 10.81 -40.26 23.49
CA THR B 120 12.06 -40.11 24.20
C THR B 120 13.16 -39.49 23.37
N ARG B 121 12.91 -39.17 22.09
CA ARG B 121 13.94 -38.71 21.14
C ARG B 121 13.99 -37.19 21.03
N ALA B 122 15.21 -36.67 20.86
CA ALA B 122 15.44 -35.22 20.91
C ALA B 122 14.62 -34.46 19.86
N TRP B 123 14.48 -35.02 18.64
CA TRP B 123 13.65 -34.37 17.62
C TRP B 123 12.22 -34.15 18.09
N TYR B 124 11.67 -35.11 18.87
CA TYR B 124 10.33 -34.96 19.42
C TYR B 124 10.31 -33.95 20.56
N LYS B 125 11.19 -34.12 21.54
CA LYS B 125 11.20 -33.31 22.74
C LYS B 125 11.60 -31.86 22.44
N ASP B 126 12.59 -31.63 21.57
CA ASP B 126 12.97 -30.27 21.29
C ASP B 126 11.87 -29.51 20.52
N ALA B 127 11.10 -30.24 19.70
CA ALA B 127 9.96 -29.64 19.00
C ALA B 127 8.87 -29.25 19.97
N LEU B 128 8.58 -30.11 20.96
CA LEU B 128 7.60 -29.74 21.99
C LEU B 128 8.06 -28.53 22.81
N ALA B 129 9.32 -28.52 23.23
CA ALA B 129 9.79 -27.41 24.08
C ALA B 129 9.79 -26.08 23.32
N ALA B 130 10.06 -26.12 22.02
CA ALA B 130 10.03 -24.92 21.22
C ALA B 130 8.60 -24.53 20.84
N ASP B 131 7.72 -25.52 20.69
CA ASP B 131 6.36 -25.33 20.16
C ASP B 131 6.34 -24.66 18.79
N ARG B 132 7.32 -25.00 17.93
CA ARG B 132 7.41 -24.47 16.57
C ARG B 132 8.33 -25.37 15.76
N LEU B 133 8.45 -25.10 14.46
CA LEU B 133 9.34 -25.94 13.65
C LEU B 133 10.77 -25.72 14.12
N ILE B 134 11.51 -26.81 14.26
CA ILE B 134 12.93 -26.73 14.54
C ILE B 134 13.66 -27.49 13.43
N VAL B 135 14.93 -27.13 13.24
CA VAL B 135 15.90 -27.87 12.44
C VAL B 135 16.95 -28.38 13.41
N THR B 136 17.21 -29.68 13.42
CA THR B 136 18.07 -30.24 14.44
C THR B 136 19.52 -30.24 13.96
N GLU B 137 20.42 -30.23 14.92
CA GLU B 137 21.77 -30.62 14.55
C GLU B 137 21.74 -32.12 14.23
N PRO B 138 22.75 -32.62 13.51
CA PRO B 138 22.72 -34.00 13.02
C PRO B 138 22.64 -35.04 14.15
N PHE B 139 22.05 -36.19 13.83
CA PHE B 139 22.01 -37.29 14.79
C PHE B 139 21.97 -38.63 14.05
N VAL B 140 21.90 -39.71 14.82
CA VAL B 140 21.97 -41.06 14.24
C VAL B 140 20.56 -41.60 14.15
N ASP B 141 20.13 -41.98 12.95
CA ASP B 141 18.79 -42.51 12.73
C ASP B 141 18.62 -43.82 13.52
N ALA B 142 17.57 -43.91 14.33
CA ALA B 142 17.45 -45.06 15.23
C ALA B 142 17.17 -46.36 14.47
N GLY B 143 16.63 -46.29 13.27
CA GLY B 143 16.29 -47.49 12.53
C GLY B 143 17.37 -47.97 11.57
N THR B 144 18.13 -47.05 10.98
CA THR B 144 19.11 -47.35 9.95
C THR B 144 20.56 -47.09 10.34
N GLY B 145 20.82 -46.38 11.44
CA GLY B 145 22.19 -46.08 11.78
C GLY B 145 22.84 -45.02 10.91
N GLU B 146 22.11 -44.38 10.01
CA GLU B 146 22.64 -43.28 9.21
C GLU B 146 22.71 -41.97 9.98
N GLN B 147 23.63 -41.11 9.55
CA GLN B 147 23.69 -39.73 10.04
C GLN B 147 22.66 -38.88 9.31
N ILE B 148 21.72 -38.29 10.05
CA ILE B 148 20.65 -37.55 9.43
C ILE B 148 20.47 -36.22 10.15
N LEU B 149 19.63 -35.36 9.57
CA LEU B 149 19.03 -34.30 10.36
C LEU B 149 17.54 -34.20 10.03
N ALA B 150 16.78 -33.67 11.00
CA ALA B 150 15.32 -33.63 10.95
C ALA B 150 14.78 -32.20 11.05
N MET B 151 13.59 -32.01 10.49
CA MET B 151 12.77 -30.84 10.76
C MET B 151 11.48 -31.34 11.39
N SER B 152 11.17 -30.84 12.58
CA SER B 152 10.11 -31.40 13.36
C SER B 152 9.36 -30.24 13.99
N LEU B 153 8.09 -30.51 14.33
CA LEU B 153 7.18 -29.50 14.84
C LEU B 153 5.99 -30.19 15.48
N PRO B 154 5.40 -29.58 16.51
CA PRO B 154 4.21 -30.16 17.13
C PRO B 154 3.05 -30.08 16.15
N VAL B 155 2.11 -31.02 16.30
CA VAL B 155 0.88 -31.05 15.51
C VAL B 155 -0.26 -31.15 16.50
N ARG B 156 -1.19 -30.21 16.43
N ARG B 156 -1.19 -30.21 16.43
CA ARG B 156 -2.40 -30.24 17.21
CA ARG B 156 -2.41 -30.24 17.21
C ARG B 156 -3.60 -30.46 16.29
C ARG B 156 -3.59 -30.48 16.28
N HIS B 157 -4.59 -31.20 16.80
CA HIS B 157 -5.85 -31.44 16.10
C HIS B 157 -6.98 -30.89 16.96
N ALA B 158 -7.73 -29.95 16.41
CA ALA B 158 -8.78 -29.26 17.16
C ALA B 158 -8.28 -28.79 18.53
N GLY B 159 -7.05 -28.26 18.57
CA GLY B 159 -6.46 -27.69 19.76
C GLY B 159 -5.75 -28.68 20.66
N GLN B 160 -5.91 -29.97 20.43
CA GLN B 160 -5.31 -31.00 21.29
C GLN B 160 -4.08 -31.63 20.63
N LEU B 161 -2.99 -31.76 21.40
CA LEU B 161 -1.70 -32.26 20.89
C LEU B 161 -1.86 -33.65 20.29
N LEU B 162 -1.57 -33.76 19.00
CA LEU B 162 -1.55 -35.06 18.35
C LEU B 162 -0.18 -35.74 18.55
N GLY B 163 0.91 -34.99 18.37
CA GLY B 163 2.28 -35.42 18.58
C GLY B 163 3.22 -34.49 17.83
N VAL B 164 4.38 -35.02 17.43
CA VAL B 164 5.35 -34.28 16.62
C VAL B 164 5.51 -34.94 15.25
N ALA B 165 5.33 -34.17 14.18
CA ALA B 165 5.60 -34.61 12.83
C ALA B 165 6.98 -34.11 12.38
N ALA B 166 7.60 -34.87 11.48
CA ALA B 166 8.94 -34.57 11.02
C ALA B 166 9.17 -35.13 9.64
N GLY B 167 10.12 -34.53 8.92
CA GLY B 167 10.85 -35.21 7.88
C GLY B 167 12.35 -35.20 8.18
N ASP B 168 13.07 -36.23 7.71
CA ASP B 168 14.50 -36.19 7.89
C ASP B 168 15.23 -36.43 6.56
N MET B 169 16.54 -36.16 6.59
CA MET B 169 17.33 -36.18 5.38
C MET B 169 18.75 -36.57 5.75
N LYS B 170 19.41 -37.29 4.85
CA LYS B 170 20.75 -37.79 5.10
C LYS B 170 21.77 -36.67 4.99
N LEU B 171 22.79 -36.69 5.85
CA LEU B 171 23.82 -35.68 5.76
C LEU B 171 24.48 -35.66 4.38
N GLU B 172 24.60 -36.83 3.73
N GLU B 172 24.62 -36.85 3.77
CA GLU B 172 25.34 -36.84 2.47
CA GLU B 172 25.27 -36.95 2.46
C GLU B 172 24.56 -36.14 1.38
C GLU B 172 24.56 -36.08 1.44
N THR B 173 23.23 -36.10 1.48
CA THR B 173 22.43 -35.28 0.57
C THR B 173 22.75 -33.80 0.73
N LEU B 174 22.79 -33.34 1.98
CA LEU B 174 23.07 -31.92 2.23
C LEU B 174 24.50 -31.56 1.85
N THR B 175 25.47 -32.38 2.29
CA THR B 175 26.87 -32.13 1.98
C THR B 175 27.12 -32.07 0.47
N ALA B 176 26.40 -32.91 -0.29
CA ALA B 176 26.54 -32.84 -1.74
C ALA B 176 25.92 -31.58 -2.30
N ILE B 177 24.87 -31.03 -1.69
CA ILE B 177 24.35 -29.73 -2.14
C ILE B 177 25.40 -28.66 -1.89
N LEU B 178 26.07 -28.72 -0.74
CA LEU B 178 27.03 -27.71 -0.34
C LEU B 178 28.27 -27.73 -1.21
N ASN B 179 28.66 -28.91 -1.69
CA ASN B 179 29.91 -29.06 -2.43
C ASN B 179 29.67 -29.36 -3.91
N SER B 180 28.57 -28.87 -4.48
CA SER B 180 28.29 -29.17 -5.88
C SER B 180 29.27 -28.46 -6.77
N LEU B 181 30.22 -27.82 -6.11
CA LEU B 181 31.43 -27.55 -6.87
C LEU B 181 32.80 -27.87 -6.33
N TYR B 188 37.38 -27.04 -0.62
CA TYR B 188 36.08 -27.63 -0.27
C TYR B 188 35.18 -26.73 0.61
N ALA B 189 33.95 -27.20 0.89
CA ALA B 189 32.99 -26.52 1.76
C ALA B 189 32.54 -27.43 2.91
N PHE B 190 32.35 -26.85 4.08
CA PHE B 190 31.67 -27.57 5.17
C PHE B 190 30.73 -26.58 5.86
N LEU B 191 29.96 -27.10 6.82
CA LEU B 191 28.95 -26.32 7.54
C LEU B 191 29.25 -26.43 9.03
N VAL B 192 29.27 -25.29 9.72
CA VAL B 192 29.60 -25.26 11.14
C VAL B 192 28.62 -24.34 11.88
N SER B 193 28.26 -24.71 13.12
CA SER B 193 27.44 -23.86 13.94
C SER B 193 28.24 -22.68 14.49
N ASP B 194 27.51 -21.70 15.01
CA ASP B 194 28.15 -20.53 15.62
C ASP B 194 29.00 -20.90 16.82
N ALA B 195 28.62 -21.94 17.56
CA ALA B 195 29.36 -22.45 18.70
C ALA B 195 30.61 -23.24 18.31
N GLY B 196 30.80 -23.52 17.02
CA GLY B 196 31.94 -24.26 16.54
C GLY B 196 31.75 -25.75 16.31
N LYS B 197 30.52 -26.25 16.30
CA LYS B 197 30.30 -27.66 16.03
C LYS B 197 30.09 -27.87 14.54
N ILE B 198 30.93 -28.73 13.96
CA ILE B 198 30.81 -29.10 12.55
C ILE B 198 29.56 -29.93 12.34
N LEU B 199 28.69 -29.47 11.45
CA LEU B 199 27.43 -30.14 11.16
C LEU B 199 27.49 -30.95 9.89
N LEU B 200 28.13 -30.43 8.85
CA LEU B 200 28.33 -31.13 7.59
C LEU B 200 29.80 -31.04 7.22
N HIS B 201 30.35 -32.11 6.66
CA HIS B 201 31.76 -32.09 6.29
C HIS B 201 32.00 -33.18 5.26
N PRO B 202 32.79 -32.92 4.20
CA PRO B 202 33.14 -33.99 3.26
C PRO B 202 33.86 -35.16 3.90
N ASP B 203 34.69 -34.88 4.91
CA ASP B 203 35.20 -35.91 5.83
C ASP B 203 34.13 -36.18 6.87
N SER B 204 33.38 -37.28 6.71
N SER B 204 33.39 -37.29 6.69
CA SER B 204 32.28 -37.57 7.62
CA SER B 204 32.29 -37.64 7.59
C SER B 204 32.75 -37.86 9.04
C SER B 204 32.75 -37.83 9.03
N GLY B 205 34.03 -38.15 9.24
CA GLY B 205 34.52 -38.36 10.59
C GLY B 205 34.51 -37.10 11.43
N LEU B 206 34.60 -35.94 10.79
CA LEU B 206 34.62 -34.66 11.49
C LEU B 206 33.21 -34.14 11.79
N VAL B 207 32.17 -34.78 11.27
CA VAL B 207 30.81 -34.38 11.63
C VAL B 207 30.62 -34.54 13.13
N LEU B 208 30.00 -33.52 13.74
CA LEU B 208 29.70 -33.39 15.17
C LEU B 208 30.94 -33.20 16.05
N LYS B 209 32.11 -33.01 15.47
CA LYS B 209 33.27 -32.62 16.29
C LYS B 209 33.41 -31.10 16.30
N THR B 210 34.25 -30.61 17.21
CA THR B 210 34.53 -29.18 17.31
C THR B 210 35.50 -28.72 16.22
N LEU B 211 35.49 -27.41 15.96
CA LEU B 211 36.54 -26.81 15.13
C LEU B 211 37.90 -27.02 15.76
N ALA B 212 37.98 -26.93 17.10
CA ALA B 212 39.23 -27.17 17.81
C ALA B 212 39.72 -28.60 17.61
N GLU B 213 38.81 -29.58 17.64
CA GLU B 213 39.19 -30.97 17.35
C GLU B 213 39.54 -31.15 15.88
N ALA B 214 38.88 -30.42 14.98
CA ALA B 214 39.19 -30.51 13.56
C ALA B 214 40.46 -29.77 13.22
N TYR B 215 40.77 -28.71 13.96
CA TYR B 215 42.02 -27.97 13.80
C TYR B 215 42.78 -27.98 15.11
N PRO B 216 43.54 -29.03 15.33
CA PRO B 216 44.58 -29.00 16.36
C PRO B 216 45.38 -27.70 16.34
N LYS B 217 45.86 -27.26 17.47
CA LYS B 217 46.92 -26.22 17.51
C LYS B 217 46.56 -25.03 16.60
N GLY B 218 45.31 -24.56 16.69
CA GLY B 218 44.90 -23.39 15.93
C GLY B 218 43.63 -23.51 15.12
N ALA B 219 42.48 -23.14 15.72
CA ALA B 219 41.18 -23.08 15.07
C ALA B 219 40.82 -21.66 14.69
N PRO B 220 40.33 -21.43 13.45
CA PRO B 220 40.02 -20.07 13.03
C PRO B 220 38.78 -19.57 13.74
N ASN B 221 38.84 -18.32 14.17
CA ASN B 221 37.70 -17.72 14.86
C ASN B 221 36.53 -17.57 13.88
N ILE B 222 35.33 -17.97 14.32
CA ILE B 222 34.15 -17.95 13.44
C ILE B 222 33.50 -16.58 13.54
N VAL B 223 33.74 -15.74 12.55
CA VAL B 223 32.97 -14.53 12.31
C VAL B 223 32.87 -14.43 10.80
N PRO B 224 31.86 -13.74 10.25
CA PRO B 224 31.84 -13.52 8.79
C PRO B 224 33.15 -12.95 8.28
N GLY B 225 33.44 -13.25 7.01
CA GLY B 225 34.67 -12.85 6.35
C GLY B 225 35.79 -13.88 6.43
N VAL B 226 36.88 -13.59 5.71
CA VAL B 226 38.10 -14.39 5.82
C VAL B 226 38.90 -13.97 7.05
N SER B 235 48.25 -21.86 6.24
CA SER B 235 48.54 -22.25 4.86
C SER B 235 47.32 -22.07 3.95
N GLN B 236 46.14 -21.89 4.56
CA GLN B 236 44.89 -21.90 3.84
C GLN B 236 44.06 -20.65 4.13
N PHE B 237 43.22 -20.30 3.17
CA PHE B 237 42.15 -19.33 3.37
C PHE B 237 40.91 -20.05 3.88
N VAL B 238 40.21 -19.44 4.84
CA VAL B 238 38.95 -19.99 5.33
C VAL B 238 37.94 -18.85 5.51
N SER B 239 36.76 -19.01 4.93
CA SER B 239 35.74 -17.98 4.83
C SER B 239 34.45 -18.49 5.46
N PHE B 240 33.77 -17.63 6.22
CA PHE B 240 32.53 -18.01 6.90
C PHE B 240 31.42 -17.13 6.39
N THR B 241 30.36 -17.75 5.87
CA THR B 241 29.18 -17.05 5.42
C THR B 241 27.98 -17.56 6.21
N PRO B 242 27.26 -16.71 6.92
CA PRO B 242 26.06 -17.17 7.62
C PRO B 242 24.97 -17.57 6.63
N VAL B 243 24.24 -18.63 6.98
CA VAL B 243 23.07 -19.04 6.23
C VAL B 243 21.86 -18.33 6.81
N LYS B 244 21.14 -17.59 5.98
CA LYS B 244 19.97 -16.89 6.43
C LYS B 244 18.76 -17.80 6.46
N GLY B 245 17.73 -17.36 7.19
CA GLY B 245 16.42 -17.99 7.17
C GLY B 245 16.29 -19.35 7.83
N LEU B 246 17.23 -19.74 8.72
CA LEU B 246 16.98 -21.01 9.40
C LEU B 246 16.43 -20.76 10.79
N PRO B 247 15.39 -21.48 11.22
CA PRO B 247 14.75 -21.14 12.51
C PRO B 247 15.58 -21.67 13.68
N GLY B 248 15.94 -20.77 14.60
CA GLY B 248 16.46 -21.14 15.89
C GLY B 248 17.94 -21.38 15.94
N VAL B 249 18.65 -21.23 14.82
CA VAL B 249 20.06 -21.61 14.73
C VAL B 249 20.81 -20.53 13.96
N THR B 250 22.12 -20.53 14.15
CA THR B 250 23.03 -19.67 13.40
C THR B 250 24.09 -20.58 12.80
N TRP B 251 23.93 -20.92 11.53
CA TRP B 251 24.88 -21.81 10.88
C TRP B 251 25.64 -21.07 9.79
N TYR B 252 26.87 -21.49 9.56
CA TYR B 252 27.75 -20.84 8.60
C TYR B 252 28.25 -21.85 7.57
N VAL B 253 28.32 -21.41 6.31
CA VAL B 253 29.05 -22.13 5.28
C VAL B 253 30.52 -21.78 5.43
N ALA B 254 31.37 -22.80 5.56
CA ALA B 254 32.80 -22.56 5.65
C ALA B 254 33.47 -23.07 4.38
N LEU B 255 34.14 -22.17 3.66
CA LEU B 255 34.93 -22.51 2.48
C LEU B 255 36.41 -22.57 2.83
N VAL B 256 37.10 -23.57 2.28
CA VAL B 256 38.53 -23.82 2.53
C VAL B 256 39.26 -23.83 1.20
N LEU B 257 40.38 -23.10 1.14
CA LEU B 257 41.11 -22.93 -0.11
C LEU B 257 42.58 -22.76 0.18
N ASP B 258 43.43 -23.38 -0.65
CA ASP B 258 44.88 -23.23 -0.54
C ASP B 258 45.38 -21.86 -0.98
N ASP C 33 7.49 14.91 25.03
CA ASP C 33 8.50 13.87 25.17
C ASP C 33 7.99 12.55 24.62
N THR C 34 8.81 11.89 23.80
CA THR C 34 8.36 10.67 23.13
C THR C 34 8.17 9.52 24.11
N GLU C 35 8.88 9.55 25.24
CA GLU C 35 8.83 8.43 26.17
C GLU C 35 7.52 8.38 26.94
N ASN C 36 6.92 9.54 27.21
CA ASN C 36 5.57 9.50 27.75
C ASN C 36 4.55 9.17 26.68
N TYR C 37 4.86 9.45 25.41
CA TYR C 37 3.94 9.11 24.32
C TYR C 37 3.87 7.60 24.11
N LEU C 38 5.03 6.93 24.10
CA LEU C 38 5.04 5.49 23.99
C LEU C 38 4.50 4.82 25.25
N GLY C 39 4.83 5.37 26.42
CA GLY C 39 4.23 4.89 27.66
C GLY C 39 2.71 4.87 27.60
N GLU C 40 2.12 5.94 27.04
CA GLU C 40 0.67 6.04 26.95
C GLU C 40 0.10 5.01 25.99
N ILE C 41 0.72 4.86 24.82
CA ILE C 41 0.25 3.89 23.83
C ILE C 41 0.40 2.47 24.35
N GLY C 42 1.57 2.12 24.90
CA GLY C 42 1.74 0.85 25.58
C GLY C 42 0.67 0.57 26.64
N THR C 43 0.35 1.56 27.48
CA THR C 43 -0.62 1.33 28.56
C THR C 43 -2.03 1.05 28.00
N LEU C 44 -2.42 1.79 26.96
CA LEU C 44 -3.74 1.59 26.38
C LEU C 44 -3.81 0.32 25.58
N THR C 45 -2.69 -0.11 25.00
CA THR C 45 -2.67 -1.33 24.22
C THR C 45 -2.68 -2.53 25.15
N ALA C 46 -1.99 -2.41 26.28
CA ALA C 46 -1.99 -3.47 27.26
C ALA C 46 -3.38 -3.67 27.84
N SER C 47 -4.09 -2.56 28.10
CA SER C 47 -5.40 -2.69 28.72
C SER C 47 -6.43 -3.17 27.71
N ASN C 48 -6.22 -2.88 26.42
CA ASN C 48 -7.04 -3.48 25.36
C ASN C 48 -6.97 -5.00 25.40
N ILE C 49 -5.76 -5.55 25.52
CA ILE C 49 -5.55 -6.98 25.55
C ILE C 49 -6.12 -7.56 26.83
N GLN C 50 -5.92 -6.84 27.95
CA GLN C 50 -6.46 -7.29 29.22
C GLN C 50 -7.98 -7.34 29.19
N SER C 51 -8.62 -6.29 28.68
CA SER C 51 -10.08 -6.27 28.63
C SER C 51 -10.63 -7.43 27.82
N TRP C 52 -10.00 -7.71 26.67
CA TRP C 52 -10.49 -8.75 25.79
C TRP C 52 -10.27 -10.14 26.41
N LEU C 53 -9.06 -10.41 26.90
CA LEU C 53 -8.78 -11.73 27.48
C LEU C 53 -9.60 -11.97 28.75
N GLU C 54 -9.76 -10.93 29.59
CA GLU C 54 -10.60 -11.10 30.78
C GLU C 54 -12.06 -11.42 30.43
N GLY C 55 -12.58 -10.79 29.37
CA GLY C 55 -13.92 -11.11 28.94
C GLY C 55 -14.08 -12.58 28.58
N ARG C 56 -13.07 -13.17 27.93
CA ARG C 56 -13.12 -14.62 27.66
C ARG C 56 -12.91 -15.42 28.94
N MET C 57 -12.03 -14.94 29.86
CA MET C 57 -11.87 -15.60 31.16
C MET C 57 -13.22 -15.76 31.88
N HIS C 58 -13.99 -14.68 31.96
CA HIS C 58 -15.23 -14.75 32.73
C HIS C 58 -16.19 -15.77 32.10
N LEU C 59 -16.19 -15.86 30.76
CA LEU C 59 -17.02 -16.85 30.08
C LEU C 59 -16.62 -18.26 30.44
N VAL C 60 -15.31 -18.55 30.43
CA VAL C 60 -14.89 -19.89 30.81
C VAL C 60 -15.18 -20.16 32.30
N GLU C 61 -14.95 -19.17 33.18
CA GLU C 61 -15.35 -19.31 34.57
C GLU C 61 -16.83 -19.64 34.70
N GLY C 62 -17.70 -18.97 33.89
CA GLY C 62 -19.12 -19.26 33.95
C GLY C 62 -19.48 -20.63 33.38
N LEU C 63 -18.70 -21.11 32.41
CA LEU C 63 -18.94 -22.48 31.91
C LEU C 63 -18.69 -23.51 33.01
N ALA C 64 -17.63 -23.30 33.78
CA ALA C 64 -17.31 -24.26 34.82
C ALA C 64 -18.37 -24.26 35.93
N SER C 65 -18.84 -23.09 36.36
CA SER C 65 -19.87 -23.10 37.41
C SER C 65 -21.20 -23.62 36.88
N GLN C 66 -21.54 -23.30 35.62
CA GLN C 66 -22.71 -23.90 34.99
C GLN C 66 -22.65 -25.41 35.05
N LEU C 67 -21.49 -25.98 34.69
CA LEU C 67 -21.38 -27.44 34.68
C LEU C 67 -21.45 -28.01 36.10
N ALA C 68 -20.89 -27.26 37.07
CA ALA C 68 -20.92 -27.71 38.47
C ALA C 68 -22.32 -27.80 39.01
N LEU C 69 -23.27 -27.02 38.46
CA LEU C 69 -24.66 -27.10 38.93
C LEU C 69 -25.38 -28.34 38.44
N LEU C 70 -24.89 -29.00 37.38
CA LEU C 70 -25.64 -30.09 36.77
C LEU C 70 -25.64 -31.34 37.65
N ASP C 71 -26.80 -31.95 37.78
CA ASP C 71 -26.96 -33.08 38.68
C ASP C 71 -26.77 -34.37 37.89
N GLN C 72 -25.74 -35.14 38.26
CA GLN C 72 -25.35 -36.36 37.57
C GLN C 72 -25.45 -36.18 36.04
N PRO C 73 -24.68 -35.23 35.47
CA PRO C 73 -24.86 -34.89 34.05
C PRO C 73 -24.45 -35.99 33.06
N ASP C 74 -25.43 -36.52 32.34
CA ASP C 74 -25.12 -37.40 31.23
C ASP C 74 -24.28 -36.67 30.18
N GLU C 75 -23.81 -37.42 29.18
N GLU C 75 -23.83 -37.41 29.18
CA GLU C 75 -23.09 -36.78 28.08
CA GLU C 75 -23.10 -36.78 28.09
C GLU C 75 -24.00 -35.88 27.25
C GLU C 75 -24.00 -35.88 27.25
N ALA C 76 -25.29 -36.21 27.16
CA ALA C 76 -26.20 -35.35 26.42
C ALA C 76 -26.45 -34.02 27.12
N ASN C 77 -26.45 -33.98 28.46
CA ASN C 77 -26.66 -32.72 29.16
C ASN C 77 -25.43 -31.84 29.05
N ILE C 78 -24.25 -32.44 29.15
CA ILE C 78 -23.04 -31.67 28.96
C ILE C 78 -23.07 -31.00 27.59
N ALA C 79 -23.35 -31.79 26.56
CA ALA C 79 -23.31 -31.25 25.20
C ALA C 79 -24.24 -30.05 25.04
N ARG C 80 -25.46 -30.11 25.57
CA ARG C 80 -26.34 -29.01 25.25
C ARG C 80 -25.99 -27.74 26.04
N GLN C 81 -25.28 -27.89 27.16
CA GLN C 81 -24.68 -26.76 27.84
C GLN C 81 -23.54 -26.14 27.00
N LEU C 82 -22.67 -26.99 26.42
CA LEU C 82 -21.55 -26.52 25.63
C LEU C 82 -21.97 -25.89 24.30
N GLU C 83 -23.14 -26.25 23.76
CA GLU C 83 -23.59 -25.76 22.46
C GLU C 83 -24.36 -24.44 22.53
N GLN C 84 -24.45 -23.81 23.69
CA GLN C 84 -25.08 -22.51 23.77
C GLN C 84 -24.41 -21.50 22.83
N PRO C 85 -25.18 -20.66 22.17
CA PRO C 85 -24.60 -19.70 21.20
C PRO C 85 -23.49 -18.82 21.76
N VAL C 86 -23.58 -18.40 23.01
CA VAL C 86 -22.49 -17.58 23.54
C VAL C 86 -21.15 -18.32 23.44
N PHE C 87 -21.18 -19.68 23.52
CA PHE C 87 -19.88 -20.38 23.40
C PHE C 87 -19.48 -20.61 21.93
N SER C 88 -20.45 -20.87 21.04
CA SER C 88 -20.16 -20.98 19.61
C SER C 88 -19.49 -19.73 19.05
N ARG C 89 -20.01 -18.56 19.42
CA ARG C 89 -19.55 -17.32 18.79
C ARG C 89 -18.21 -16.86 19.35
N ASN C 90 -17.90 -17.15 20.62
CA ASN C 90 -16.75 -16.52 21.27
C ASN C 90 -15.56 -17.45 21.46
N PHE C 91 -15.67 -18.73 21.08
CA PHE C 91 -14.59 -19.70 21.23
C PHE C 91 -14.53 -20.56 19.98
N ALA C 92 -13.31 -21.00 19.63
CA ALA C 92 -13.18 -22.04 18.60
C ALA C 92 -13.81 -23.33 19.10
N SER C 93 -13.59 -23.68 20.37
CA SER C 93 -14.32 -24.77 20.99
C SER C 93 -14.32 -24.60 22.52
N VAL C 94 -15.28 -25.28 23.17
CA VAL C 94 -15.31 -25.45 24.62
C VAL C 94 -15.39 -26.94 24.91
N TYR C 95 -14.80 -27.36 26.02
CA TYR C 95 -14.76 -28.78 26.28
C TYR C 95 -14.64 -29.06 27.78
N LEU C 96 -14.84 -30.32 28.12
CA LEU C 96 -14.79 -30.82 29.48
C LEU C 96 -14.08 -32.16 29.51
N GLY C 97 -13.04 -32.27 30.33
CA GLY C 97 -12.43 -33.54 30.66
C GLY C 97 -12.90 -34.00 32.02
N GLU C 98 -13.51 -35.19 32.07
CA GLU C 98 -14.07 -35.74 33.31
C GLU C 98 -13.07 -36.64 34.03
N ALA C 99 -13.02 -36.48 35.36
CA ALA C 99 -12.00 -37.14 36.17
C ALA C 99 -12.27 -38.63 36.35
N ALA C 100 -13.55 -39.02 36.43
CA ALA C 100 -13.90 -40.40 36.78
C ALA C 100 -13.26 -41.39 35.83
N SER C 101 -13.41 -41.16 34.52
CA SER C 101 -12.83 -42.10 33.55
C SER C 101 -12.26 -41.39 32.33
N GLY C 102 -12.04 -40.08 32.39
CA GLY C 102 -11.44 -39.40 31.27
C GLY C 102 -12.36 -39.13 30.12
N THR C 103 -13.68 -39.28 30.29
CA THR C 103 -14.66 -38.88 29.28
C THR C 103 -14.45 -37.43 28.84
N PHE C 104 -14.45 -37.21 27.52
CA PHE C 104 -14.11 -35.92 26.90
C PHE C 104 -15.24 -35.46 25.97
N THR C 105 -15.86 -34.33 26.28
CA THR C 105 -16.90 -33.74 25.44
C THR C 105 -16.46 -32.36 24.97
N MET C 106 -16.34 -32.22 23.65
CA MET C 106 -15.96 -30.99 22.97
C MET C 106 -17.11 -30.56 22.05
N ARG C 107 -17.37 -29.26 22.01
CA ARG C 107 -18.24 -28.63 21.01
C ARG C 107 -17.63 -27.36 20.44
N PRO C 108 -17.70 -27.17 19.11
CA PRO C 108 -18.17 -28.10 18.07
C PRO C 108 -17.33 -29.38 18.07
N TYR C 109 -17.97 -30.52 17.77
CA TYR C 109 -17.33 -31.83 17.88
C TYR C 109 -16.14 -32.03 16.94
N ASP C 110 -15.10 -32.69 17.45
CA ASP C 110 -14.02 -33.16 16.62
C ASP C 110 -13.54 -34.47 17.23
N ALA C 111 -13.16 -35.41 16.38
CA ALA C 111 -12.63 -36.67 16.87
C ALA C 111 -11.22 -36.46 17.41
N MET C 112 -10.92 -37.14 18.54
CA MET C 112 -9.58 -37.11 19.12
C MET C 112 -8.77 -38.33 18.71
N PRO C 113 -7.44 -38.28 18.81
CA PRO C 113 -6.60 -39.42 18.39
C PRO C 113 -6.80 -40.64 19.29
N GLU C 114 -6.39 -41.79 18.76
CA GLU C 114 -6.45 -43.02 19.52
C GLU C 114 -5.70 -42.89 20.85
N GLY C 115 -6.35 -43.34 21.92
CA GLY C 115 -5.73 -43.29 23.23
C GLY C 115 -5.81 -41.96 23.94
N TYR C 116 -6.46 -40.96 23.33
CA TYR C 116 -6.55 -39.64 23.96
C TYR C 116 -7.19 -39.74 25.34
N ASP C 117 -6.49 -39.19 26.32
CA ASP C 117 -6.96 -39.11 27.70
C ASP C 117 -6.73 -37.67 28.13
N PRO C 118 -7.79 -36.88 28.33
CA PRO C 118 -7.58 -35.47 28.69
C PRO C 118 -6.89 -35.30 30.01
N ARG C 119 -6.99 -36.27 30.94
CA ARG C 119 -6.29 -36.13 32.22
C ARG C 119 -4.77 -36.11 32.08
N THR C 120 -4.21 -36.63 30.98
CA THR C 120 -2.76 -36.63 30.85
C THR C 120 -2.23 -35.34 30.25
N ARG C 121 -3.09 -34.39 29.90
N ARG C 121 -3.08 -34.38 29.92
CA ARG C 121 -2.68 -33.18 29.20
CA ARG C 121 -2.67 -33.18 29.21
C ARG C 121 -2.49 -32.03 30.18
C ARG C 121 -2.49 -32.02 30.19
N ALA C 122 -1.69 -31.04 29.78
CA ALA C 122 -1.25 -29.99 30.71
C ALA C 122 -2.39 -29.06 31.11
N TRP C 123 -3.30 -28.75 30.19
CA TRP C 123 -4.39 -27.86 30.55
C TRP C 123 -5.25 -28.47 31.65
N TYR C 124 -5.35 -29.80 31.66
CA TYR C 124 -6.05 -30.50 32.73
C TYR C 124 -5.24 -30.49 34.03
N LYS C 125 -3.98 -30.95 33.94
CA LYS C 125 -3.18 -31.14 35.14
C LYS C 125 -2.80 -29.81 35.79
N ASP C 126 -2.43 -28.80 34.98
CA ASP C 126 -2.07 -27.51 35.59
C ASP C 126 -3.27 -26.86 36.26
N ALA C 127 -4.47 -27.03 35.71
CA ALA C 127 -5.67 -26.46 36.34
C ALA C 127 -5.92 -27.07 37.73
N LEU C 128 -5.88 -28.41 37.83
CA LEU C 128 -5.97 -29.06 39.14
C LEU C 128 -4.84 -28.63 40.06
N ALA C 129 -3.60 -28.60 39.56
CA ALA C 129 -2.46 -28.33 40.45
C ALA C 129 -2.55 -26.91 41.00
N ALA C 130 -2.89 -25.93 40.15
CA ALA C 130 -3.08 -24.55 40.60
C ALA C 130 -4.43 -24.35 41.30
N ASP C 131 -5.44 -25.17 40.98
CA ASP C 131 -6.81 -25.00 41.45
C ASP C 131 -7.35 -23.60 41.19
N ARG C 132 -7.18 -23.13 39.96
CA ARG C 132 -7.71 -21.85 39.54
C ARG C 132 -7.63 -21.82 38.03
N LEU C 133 -8.10 -20.74 37.42
CA LEU C 133 -8.04 -20.63 35.97
C LEU C 133 -6.60 -20.39 35.51
N ILE C 134 -6.18 -21.09 34.46
CA ILE C 134 -4.84 -20.95 33.92
C ILE C 134 -4.96 -20.54 32.47
N VAL C 135 -4.09 -19.63 32.05
CA VAL C 135 -3.97 -19.17 30.66
C VAL C 135 -2.72 -19.79 30.07
N THR C 136 -2.86 -20.41 28.90
CA THR C 136 -1.69 -20.88 28.16
C THR C 136 -1.23 -19.82 27.18
N GLU C 137 0.06 -19.87 26.81
CA GLU C 137 0.59 -19.06 25.71
C GLU C 137 -0.08 -19.49 24.40
N PRO C 138 -0.15 -18.61 23.40
CA PRO C 138 -0.81 -19.03 22.16
C PRO C 138 0.03 -20.06 21.42
N PHE C 139 -0.64 -20.88 20.63
CA PHE C 139 -0.05 -21.67 19.55
C PHE C 139 -0.70 -21.20 18.26
N VAL C 140 -0.14 -21.61 17.13
CA VAL C 140 -0.75 -21.29 15.84
C VAL C 140 -1.39 -22.56 15.33
N ASP C 141 -2.61 -22.43 14.83
CA ASP C 141 -3.35 -23.54 14.27
C ASP C 141 -2.71 -23.90 12.93
N ALA C 142 -2.27 -25.15 12.77
CA ALA C 142 -1.55 -25.47 11.55
C ALA C 142 -2.48 -25.49 10.35
N GLY C 143 -3.76 -25.77 10.55
CA GLY C 143 -4.67 -25.83 9.42
C GLY C 143 -5.04 -24.48 8.86
N THR C 144 -5.17 -23.48 9.73
CA THR C 144 -5.65 -22.17 9.36
C THR C 144 -4.61 -21.07 9.54
N GLY C 145 -3.51 -21.32 10.25
CA GLY C 145 -2.58 -20.25 10.60
C GLY C 145 -3.02 -19.29 11.72
N GLU C 146 -4.21 -19.44 12.28
CA GLU C 146 -4.66 -18.55 13.33
C GLU C 146 -3.96 -18.80 14.67
N GLN C 147 -3.78 -17.72 15.43
N GLN C 147 -3.76 -17.72 15.43
CA GLN C 147 -3.26 -17.80 16.79
CA GLN C 147 -3.23 -17.82 16.78
C GLN C 147 -4.37 -18.17 17.75
C GLN C 147 -4.36 -18.16 17.76
N ILE C 148 -4.15 -19.20 18.56
CA ILE C 148 -5.16 -19.76 19.46
C ILE C 148 -4.54 -19.82 20.84
N LEU C 149 -5.33 -19.51 21.86
CA LEU C 149 -4.94 -19.85 23.21
C LEU C 149 -6.10 -20.48 23.97
N ALA C 150 -5.72 -21.20 25.01
CA ALA C 150 -6.62 -21.97 25.87
C ALA C 150 -6.65 -21.41 27.29
N MET C 151 -7.82 -21.56 27.91
CA MET C 151 -8.05 -21.27 29.32
C MET C 151 -8.72 -22.49 29.92
N SER C 152 -8.35 -22.86 31.14
CA SER C 152 -8.96 -24.02 31.76
C SER C 152 -9.04 -23.84 33.27
N LEU C 153 -9.95 -24.58 33.90
CA LEU C 153 -10.16 -24.47 35.33
C LEU C 153 -11.00 -25.64 35.84
N PRO C 154 -10.88 -26.00 37.12
CA PRO C 154 -11.59 -27.19 37.64
C PRO C 154 -13.10 -26.98 37.77
N VAL C 155 -13.80 -28.11 37.73
CA VAL C 155 -15.25 -28.17 37.91
C VAL C 155 -15.52 -29.09 39.10
N ARG C 156 -16.08 -28.53 40.18
N ARG C 156 -16.08 -28.54 40.17
CA ARG C 156 -16.45 -29.29 41.37
CA ARG C 156 -16.46 -29.31 41.36
C ARG C 156 -17.95 -29.16 41.65
C ARG C 156 -17.95 -29.17 41.63
N HIS C 157 -18.60 -30.30 41.88
CA HIS C 157 -20.04 -30.39 42.15
C HIS C 157 -20.23 -30.90 43.59
N ALA C 158 -20.72 -30.01 44.47
CA ALA C 158 -20.90 -30.34 45.89
C ALA C 158 -19.59 -30.79 46.54
N GLY C 159 -18.49 -30.12 46.19
CA GLY C 159 -17.19 -30.45 46.73
C GLY C 159 -16.46 -31.60 46.05
N GLN C 160 -17.11 -32.35 45.18
CA GLN C 160 -16.48 -33.47 44.46
C GLN C 160 -16.07 -33.03 43.06
N LEU C 161 -14.84 -33.36 42.68
CA LEU C 161 -14.26 -32.96 41.41
C LEU C 161 -15.00 -33.64 40.25
N LEU C 162 -15.66 -32.86 39.39
CA LEU C 162 -16.17 -33.41 38.15
C LEU C 162 -15.06 -33.53 37.10
N GLY C 163 -14.23 -32.51 36.97
CA GLY C 163 -13.20 -32.53 35.91
C GLY C 163 -12.60 -31.14 35.72
N VAL C 164 -12.21 -30.86 34.48
CA VAL C 164 -11.66 -29.57 34.13
C VAL C 164 -12.32 -29.10 32.83
N ALA C 165 -12.80 -27.86 32.85
CA ALA C 165 -13.44 -27.28 31.68
C ALA C 165 -12.52 -26.24 31.04
N ALA C 166 -12.71 -26.02 29.74
CA ALA C 166 -11.77 -25.17 29.04
C ALA C 166 -12.40 -24.60 27.78
N GLY C 167 -11.77 -23.56 27.26
CA GLY C 167 -12.17 -22.99 26.01
C GLY C 167 -10.92 -22.55 25.28
N ASP C 168 -11.00 -22.63 23.93
CA ASP C 168 -9.98 -22.12 23.01
C ASP C 168 -10.55 -20.93 22.23
N MET C 169 -9.74 -19.93 22.03
CA MET C 169 -10.18 -18.72 21.36
C MET C 169 -9.15 -18.24 20.35
N LYS C 170 -9.64 -17.76 19.23
N LYS C 170 -9.62 -17.80 19.20
CA LYS C 170 -8.83 -17.09 18.22
CA LYS C 170 -8.78 -17.13 18.22
C LYS C 170 -8.42 -15.70 18.69
C LYS C 170 -8.41 -15.73 18.71
N LEU C 171 -7.17 -15.31 18.39
CA LEU C 171 -6.61 -14.04 18.84
C LEU C 171 -6.52 -13.00 17.73
N GLU C 172 -7.32 -13.15 16.67
CA GLU C 172 -7.35 -12.23 15.53
C GLU C 172 -7.53 -10.77 15.94
N THR C 173 -8.52 -10.50 16.79
CA THR C 173 -8.81 -9.17 17.30
C THR C 173 -7.60 -8.53 17.98
N LEU C 174 -6.81 -9.32 18.72
CA LEU C 174 -5.64 -8.75 19.39
C LEU C 174 -4.50 -8.48 18.42
N THR C 175 -4.23 -9.41 17.50
CA THR C 175 -3.22 -9.15 16.49
C THR C 175 -3.60 -7.96 15.61
N ALA C 176 -4.90 -7.76 15.35
CA ALA C 176 -5.36 -6.61 14.58
C ALA C 176 -5.08 -5.29 15.31
N ILE C 177 -5.29 -5.26 16.64
CA ILE C 177 -4.92 -4.07 17.42
C ILE C 177 -3.42 -3.82 17.34
N LEU C 178 -2.61 -4.86 17.58
CA LEU C 178 -1.17 -4.68 17.49
C LEU C 178 -0.75 -4.24 16.09
N ASN C 179 -1.43 -4.72 15.06
CA ASN C 179 -1.06 -4.37 13.70
C ASN C 179 -1.42 -2.94 13.34
N SER C 180 -2.36 -2.33 14.05
CA SER C 180 -2.76 -0.97 13.71
C SER C 180 -1.77 0.08 14.21
N LEU C 181 -0.75 -0.31 14.98
CA LEU C 181 0.19 0.60 15.62
C LEU C 181 1.44 0.71 14.76
N LYS C 182 1.30 1.45 13.66
CA LYS C 182 2.41 1.64 12.75
C LYS C 182 3.23 2.90 13.03
N PHE C 183 2.70 3.83 13.84
CA PHE C 183 3.43 5.05 14.24
C PHE C 183 3.86 5.87 13.02
N ASP C 184 2.94 6.03 12.06
CA ASP C 184 3.18 6.73 10.81
C ASP C 184 4.33 6.11 10.00
N GLY C 185 4.62 4.83 10.18
CA GLY C 185 5.65 4.16 9.42
C GLY C 185 6.96 3.93 10.14
N ALA C 186 7.12 4.52 11.32
CA ALA C 186 8.41 4.53 12.03
C ALA C 186 8.52 3.47 13.14
N GLY C 187 7.50 2.63 13.33
CA GLY C 187 7.51 1.68 14.43
C GLY C 187 6.40 0.66 14.33
N TYR C 188 6.39 -0.27 15.30
CA TYR C 188 5.49 -1.42 15.29
C TYR C 188 5.37 -1.95 16.72
N ALA C 189 4.53 -2.97 16.90
CA ALA C 189 4.06 -3.41 18.20
C ALA C 189 3.89 -4.92 18.23
N PHE C 190 4.27 -5.56 19.34
CA PHE C 190 4.04 -6.99 19.45
C PHE C 190 3.88 -7.37 20.92
N LEU C 191 3.49 -8.62 21.16
CA LEU C 191 3.28 -9.17 22.50
C LEU C 191 4.34 -10.24 22.80
N VAL C 192 4.96 -10.18 23.99
CA VAL C 192 6.08 -11.05 24.29
C VAL C 192 6.04 -11.43 25.77
N SER C 193 6.39 -12.69 26.06
CA SER C 193 6.47 -13.15 27.43
C SER C 193 7.72 -12.61 28.11
N ASP C 194 7.71 -12.73 29.45
CA ASP C 194 8.83 -12.29 30.27
C ASP C 194 10.10 -13.08 29.97
N ALA C 195 9.97 -14.31 29.47
CA ALA C 195 11.13 -15.10 29.10
C ALA C 195 11.59 -14.78 27.69
N GLY C 196 10.98 -13.80 27.04
CA GLY C 196 11.40 -13.39 25.72
C GLY C 196 10.75 -14.08 24.54
N LYS C 197 9.72 -14.90 24.76
CA LYS C 197 9.04 -15.54 23.64
C LYS C 197 7.99 -14.59 23.03
N ILE C 198 8.04 -14.44 21.71
CA ILE C 198 7.07 -13.61 20.99
C ILE C 198 5.75 -14.37 20.89
N LEU C 199 4.69 -13.81 21.47
CA LEU C 199 3.38 -14.46 21.50
C LEU C 199 2.49 -14.04 20.35
N LEU C 200 2.50 -12.76 20.01
CA LEU C 200 1.76 -12.24 18.88
C LEU C 200 2.60 -11.18 18.19
N HIS C 201 2.46 -11.09 16.87
CA HIS C 201 3.35 -10.21 16.12
C HIS C 201 2.74 -9.99 14.74
N PRO C 202 2.74 -8.75 14.24
CA PRO C 202 2.17 -8.49 12.90
C PRO C 202 2.85 -9.27 11.78
N ASP C 203 4.13 -9.55 11.94
CA ASP C 203 4.86 -10.50 11.09
C ASP C 203 4.62 -11.90 11.64
N SER C 204 3.77 -12.67 10.96
CA SER C 204 3.46 -14.02 11.44
C SER C 204 4.68 -14.95 11.43
N GLY C 205 5.76 -14.58 10.75
CA GLY C 205 6.97 -15.37 10.74
C GLY C 205 7.79 -15.31 12.01
N LEU C 206 7.49 -14.35 12.90
CA LEU C 206 8.20 -14.20 14.17
C LEU C 206 7.43 -14.74 15.37
N VAL C 207 6.16 -15.12 15.19
CA VAL C 207 5.38 -15.68 16.30
C VAL C 207 6.04 -16.96 16.81
N LEU C 208 6.19 -17.06 18.13
CA LEU C 208 6.80 -18.16 18.87
C LEU C 208 8.31 -18.25 18.66
N LYS C 209 8.91 -17.26 18.01
CA LYS C 209 10.36 -17.13 18.04
C LYS C 209 10.76 -16.27 19.24
N THR C 210 11.96 -16.49 19.74
CA THR C 210 12.45 -15.71 20.87
C THR C 210 12.86 -14.32 20.40
N LEU C 211 13.10 -13.43 21.38
CA LEU C 211 13.61 -12.09 21.07
C LEU C 211 15.00 -12.15 20.46
N ALA C 212 15.83 -13.10 20.91
CA ALA C 212 17.18 -13.23 20.35
C ALA C 212 17.14 -13.54 18.86
N GLU C 213 16.16 -14.31 18.40
CA GLU C 213 16.15 -14.66 16.98
C GLU C 213 15.42 -13.61 16.14
N ALA C 214 14.52 -12.87 16.76
CA ALA C 214 13.88 -11.77 16.05
C ALA C 214 14.89 -10.66 15.79
N TYR C 215 15.85 -10.52 16.68
CA TYR C 215 16.89 -9.49 16.62
C TYR C 215 18.24 -10.17 16.75
N PRO C 216 18.78 -10.72 15.65
CA PRO C 216 20.01 -11.52 15.77
C PRO C 216 21.19 -10.66 16.13
N LYS C 217 21.15 -9.36 15.78
CA LYS C 217 22.20 -8.41 16.10
C LYS C 217 22.32 -8.20 17.60
N GLY C 218 21.20 -8.16 18.28
CA GLY C 218 21.15 -7.83 19.69
C GLY C 218 19.71 -7.72 20.13
N ALA C 219 19.42 -8.29 21.29
CA ALA C 219 18.06 -8.37 21.76
C ALA C 219 17.84 -7.44 22.94
N PRO C 220 16.82 -6.60 22.91
CA PRO C 220 16.61 -5.66 24.01
C PRO C 220 16.24 -6.38 25.29
N ASN C 221 16.75 -5.88 26.40
CA ASN C 221 16.37 -6.43 27.70
C ASN C 221 14.92 -6.11 28.03
N ILE C 222 14.18 -7.11 28.48
CA ILE C 222 12.80 -6.92 28.90
C ILE C 222 12.83 -6.21 30.25
N VAL C 223 12.67 -4.89 30.24
CA VAL C 223 12.55 -4.06 31.44
C VAL C 223 11.36 -3.13 31.24
N PRO C 224 10.43 -3.04 32.18
CA PRO C 224 9.30 -2.11 32.02
C PRO C 224 9.78 -0.67 31.92
N GLY C 225 9.04 0.12 31.14
CA GLY C 225 9.43 1.48 30.82
C GLY C 225 9.92 1.61 29.39
N VAL C 226 10.35 2.84 29.07
CA VAL C 226 10.86 3.20 27.75
C VAL C 226 12.35 3.49 27.86
N HIS C 227 13.14 2.93 26.94
CA HIS C 227 14.59 3.09 26.97
C HIS C 227 15.15 3.11 25.57
N GLU C 228 16.21 3.91 25.38
CA GLU C 228 16.96 3.90 24.12
C GLU C 228 17.90 2.71 24.09
N VAL C 229 17.93 2.00 22.96
CA VAL C 229 18.82 0.85 22.78
C VAL C 229 19.31 0.82 21.35
N GLU C 230 20.44 0.17 21.17
CA GLU C 230 20.88 -0.23 19.85
C GLU C 230 20.11 -1.46 19.45
N LEU C 231 19.24 -1.32 18.45
CA LEU C 231 18.34 -2.41 18.08
C LEU C 231 18.26 -2.59 16.56
N SER C 234 20.70 0.20 14.44
CA SER C 234 19.97 1.46 14.44
C SER C 234 19.36 1.78 15.81
N SER C 235 19.66 2.95 16.36
CA SER C 235 19.22 3.32 17.71
C SER C 235 17.71 3.60 17.73
N GLN C 236 16.99 2.89 18.60
CA GLN C 236 15.54 2.99 18.65
C GLN C 236 15.05 3.09 20.09
N PHE C 237 13.79 3.53 20.22
CA PHE C 237 13.07 3.46 21.48
C PHE C 237 12.40 2.11 21.61
N VAL C 238 12.54 1.50 22.79
CA VAL C 238 11.89 0.24 23.10
C VAL C 238 11.11 0.37 24.40
N SER C 239 9.82 0.04 24.33
CA SER C 239 8.89 0.15 25.44
C SER C 239 8.29 -1.22 25.75
N PHE C 240 8.39 -1.64 27.02
CA PHE C 240 7.73 -2.85 27.49
C PHE C 240 6.68 -2.47 28.55
N THR C 241 5.43 -2.87 28.31
CA THR C 241 4.32 -2.61 29.23
C THR C 241 3.69 -3.92 29.68
N PRO C 242 3.67 -4.22 30.98
CA PRO C 242 3.05 -5.48 31.42
C PRO C 242 1.56 -5.44 31.19
N VAL C 243 1.01 -6.60 30.83
CA VAL C 243 -0.43 -6.76 30.66
C VAL C 243 -0.97 -7.17 32.01
N LYS C 244 -1.83 -6.33 32.59
N LYS C 244 -1.84 -6.34 32.58
CA LYS C 244 -2.34 -6.65 33.91
CA LYS C 244 -2.37 -6.65 33.89
C LYS C 244 -3.48 -7.67 33.81
C LYS C 244 -3.47 -7.70 33.80
N GLY C 245 -3.74 -8.34 34.93
CA GLY C 245 -4.92 -9.16 35.05
C GLY C 245 -4.85 -10.54 34.45
N LEU C 246 -3.67 -11.04 34.13
CA LEU C 246 -3.60 -12.41 33.61
C LEU C 246 -3.01 -13.36 34.65
N PRO C 247 -3.70 -14.43 35.00
CA PRO C 247 -3.24 -15.27 36.11
C PRO C 247 -2.05 -16.13 35.72
N GLY C 248 -1.02 -16.10 36.55
CA GLY C 248 0.06 -17.03 36.36
C GLY C 248 1.06 -16.67 35.27
N VAL C 249 0.83 -15.62 34.49
CA VAL C 249 1.79 -15.27 33.44
C VAL C 249 2.18 -13.81 33.54
N THR C 250 3.31 -13.50 32.93
CA THR C 250 3.80 -12.13 32.83
C THR C 250 4.08 -11.88 31.36
N TRP C 251 3.25 -11.03 30.75
CA TRP C 251 3.30 -10.71 29.33
C TRP C 251 3.41 -9.21 29.13
N TYR C 252 4.09 -8.83 28.07
CA TYR C 252 4.41 -7.43 27.82
C TYR C 252 3.95 -7.02 26.42
N VAL C 253 3.36 -5.84 26.34
CA VAL C 253 3.28 -5.16 25.06
C VAL C 253 4.63 -4.53 24.76
N ALA C 254 5.15 -4.79 23.57
CA ALA C 254 6.45 -4.28 23.15
C ALA C 254 6.22 -3.31 22.00
N LEU C 255 6.65 -2.07 22.20
CA LEU C 255 6.63 -1.03 21.17
C LEU C 255 8.07 -0.68 20.77
N VAL C 256 8.29 -0.45 19.49
CA VAL C 256 9.62 -0.10 19.01
C VAL C 256 9.47 1.05 18.04
N LEU C 257 10.16 2.14 18.29
CA LEU C 257 9.99 3.33 17.47
C LEU C 257 11.33 3.81 16.94
N ASP D 33 18.99 33.16 -43.16
CA ASP D 33 19.37 31.80 -43.50
C ASP D 33 19.76 31.05 -42.21
N THR D 34 20.89 31.41 -41.60
CA THR D 34 21.20 30.83 -40.30
C THR D 34 20.13 31.18 -39.27
N GLU D 35 19.35 32.24 -39.51
CA GLU D 35 18.21 32.54 -38.65
C GLU D 35 17.11 31.51 -38.85
N ASN D 36 16.94 31.03 -40.08
CA ASN D 36 15.96 29.97 -40.28
C ASN D 36 16.46 28.63 -39.75
N TYR D 37 17.77 28.39 -39.76
CA TYR D 37 18.34 27.18 -39.19
C TYR D 37 18.12 27.13 -37.67
N LEU D 38 18.48 28.21 -36.96
CA LEU D 38 18.28 28.27 -35.52
C LEU D 38 16.80 28.20 -35.15
N GLY D 39 15.95 28.84 -35.95
CA GLY D 39 14.50 28.77 -35.73
C GLY D 39 13.96 27.34 -35.75
N GLU D 40 14.38 26.55 -36.75
CA GLU D 40 13.94 25.15 -36.81
C GLU D 40 14.47 24.35 -35.61
N ILE D 41 15.72 24.59 -35.21
CA ILE D 41 16.27 23.85 -34.07
C ILE D 41 15.50 24.21 -32.79
N GLY D 42 15.30 25.51 -32.55
CA GLY D 42 14.55 25.91 -31.38
C GLY D 42 13.15 25.32 -31.34
N THR D 43 12.51 25.22 -32.51
CA THR D 43 11.13 24.71 -32.56
C THR D 43 11.10 23.20 -32.26
N LEU D 44 11.98 22.42 -32.88
CA LEU D 44 12.05 21.00 -32.61
C LEU D 44 12.42 20.73 -31.16
N THR D 45 13.35 21.53 -30.62
CA THR D 45 13.80 21.36 -29.25
C THR D 45 12.68 21.70 -28.28
N ALA D 46 11.95 22.76 -28.58
CA ALA D 46 10.84 23.11 -27.72
C ALA D 46 9.75 22.04 -27.80
N SER D 47 9.49 21.50 -28.98
CA SER D 47 8.37 20.56 -29.04
C SER D 47 8.75 19.21 -28.43
N ASN D 48 10.04 18.87 -28.43
CA ASN D 48 10.49 17.68 -27.71
C ASN D 48 10.27 17.83 -26.20
N ILE D 49 10.49 19.04 -25.67
CA ILE D 49 10.29 19.29 -24.26
C ILE D 49 8.79 19.33 -23.94
N GLN D 50 8.00 19.89 -24.86
CA GLN D 50 6.56 19.94 -24.67
C GLN D 50 5.94 18.52 -24.67
N SER D 51 6.31 17.67 -25.64
N SER D 51 6.33 17.67 -25.62
CA SER D 51 5.77 16.31 -25.66
CA SER D 51 5.77 16.33 -25.66
C SER D 51 6.14 15.52 -24.41
C SER D 51 6.15 15.52 -24.43
N TRP D 52 7.39 15.65 -23.95
CA TRP D 52 7.79 14.90 -22.78
C TRP D 52 7.02 15.38 -21.55
N LEU D 53 6.85 16.70 -21.39
CA LEU D 53 6.14 17.23 -20.24
C LEU D 53 4.64 16.98 -20.33
N GLU D 54 4.07 17.07 -21.55
CA GLU D 54 2.66 16.79 -21.73
C GLU D 54 2.35 15.32 -21.43
N GLY D 55 3.30 14.42 -21.72
CA GLY D 55 3.11 13.02 -21.35
C GLY D 55 2.93 12.85 -19.86
N ARG D 56 3.79 13.49 -19.06
CA ARG D 56 3.68 13.41 -17.62
C ARG D 56 2.42 14.11 -17.13
N MET D 57 2.06 15.25 -17.72
CA MET D 57 0.76 15.87 -17.39
C MET D 57 -0.38 14.87 -17.54
N HIS D 58 -0.38 14.12 -18.65
CA HIS D 58 -1.50 13.21 -18.88
C HIS D 58 -1.56 12.14 -17.81
N LEU D 59 -0.38 11.64 -17.39
CA LEU D 59 -0.32 10.67 -16.31
C LEU D 59 -0.82 11.26 -15.01
N VAL D 60 -0.48 12.53 -14.74
CA VAL D 60 -0.94 13.13 -13.49
C VAL D 60 -2.45 13.35 -13.53
N GLU D 61 -2.97 13.83 -14.67
CA GLU D 61 -4.44 13.92 -14.82
C GLU D 61 -5.14 12.57 -14.67
N GLY D 62 -4.53 11.48 -15.18
CA GLY D 62 -5.13 10.17 -15.00
C GLY D 62 -5.05 9.68 -13.56
N LEU D 63 -4.02 10.07 -12.81
CA LEU D 63 -3.98 9.75 -11.39
C LEU D 63 -5.14 10.41 -10.65
N ALA D 64 -5.33 11.72 -10.86
CA ALA D 64 -6.45 12.40 -10.24
C ALA D 64 -7.77 11.76 -10.68
N SER D 65 -7.87 11.44 -11.96
CA SER D 65 -9.12 10.89 -12.48
C SER D 65 -9.39 9.49 -11.90
N GLN D 66 -8.35 8.63 -11.78
CA GLN D 66 -8.56 7.30 -11.19
C GLN D 66 -8.98 7.38 -9.74
N LEU D 67 -8.35 8.30 -8.99
CA LEU D 67 -8.66 8.41 -7.57
C LEU D 67 -10.06 8.94 -7.37
N ALA D 68 -10.49 9.85 -8.27
CA ALA D 68 -11.83 10.40 -8.20
C ALA D 68 -12.91 9.33 -8.36
N LEU D 69 -12.58 8.18 -8.96
CA LEU D 69 -13.58 7.14 -9.22
C LEU D 69 -13.68 6.13 -8.09
N LEU D 70 -12.70 6.13 -7.18
CA LEU D 70 -12.76 5.27 -6.01
C LEU D 70 -13.97 5.64 -5.15
N ASP D 71 -14.73 4.63 -4.73
CA ASP D 71 -15.87 4.88 -3.87
C ASP D 71 -15.40 4.75 -2.43
N GLN D 72 -15.46 5.85 -1.69
CA GLN D 72 -14.98 5.97 -0.32
C GLN D 72 -13.62 5.27 -0.20
N PRO D 73 -12.54 5.89 -0.68
CA PRO D 73 -11.23 5.23 -0.69
C PRO D 73 -10.52 5.35 0.64
N ASP D 74 -10.27 4.22 1.29
N ASP D 74 -10.27 4.22 1.29
CA ASP D 74 -9.43 4.21 2.48
CA ASP D 74 -9.42 4.20 2.47
C ASP D 74 -7.96 4.28 2.07
C ASP D 74 -7.96 4.24 2.06
N GLU D 75 -7.09 4.31 3.07
CA GLU D 75 -5.67 4.54 2.82
C GLU D 75 -5.00 3.38 2.11
N ALA D 76 -5.44 2.15 2.40
CA ALA D 76 -4.91 0.99 1.70
C ALA D 76 -5.21 1.05 0.20
N ASN D 77 -6.41 1.51 -0.18
CA ASN D 77 -6.70 1.54 -1.61
C ASN D 77 -5.96 2.67 -2.31
N ILE D 78 -5.89 3.85 -1.70
CA ILE D 78 -5.11 4.96 -2.27
C ILE D 78 -3.67 4.52 -2.52
N ALA D 79 -3.07 3.83 -1.57
CA ALA D 79 -1.66 3.45 -1.69
C ALA D 79 -1.49 2.46 -2.84
N ARG D 80 -2.36 1.45 -2.91
CA ARG D 80 -2.40 0.53 -4.04
C ARG D 80 -2.45 1.29 -5.36
N GLN D 81 -3.32 2.30 -5.45
CA GLN D 81 -3.40 3.13 -6.66
C GLN D 81 -2.06 3.84 -6.95
N LEU D 82 -1.42 4.40 -5.91
CA LEU D 82 -0.14 5.11 -6.15
C LEU D 82 0.99 4.17 -6.54
N GLU D 83 0.91 2.87 -6.21
CA GLU D 83 2.02 1.93 -6.41
C GLU D 83 2.04 1.29 -7.80
N GLN D 84 1.13 1.67 -8.69
CA GLN D 84 1.13 1.11 -10.04
C GLN D 84 2.46 1.36 -10.74
N PRO D 85 2.93 0.41 -11.54
CA PRO D 85 4.25 0.55 -12.15
C PRO D 85 4.35 1.77 -13.03
N VAL D 86 3.26 2.19 -13.66
CA VAL D 86 3.37 3.34 -14.56
C VAL D 86 3.79 4.57 -13.74
N PHE D 87 3.45 4.62 -12.46
CA PHE D 87 3.84 5.75 -11.66
C PHE D 87 5.27 5.58 -11.11
N SER D 88 5.64 4.34 -10.71
N SER D 88 5.64 4.35 -10.69
CA SER D 88 7.02 4.10 -10.25
CA SER D 88 6.99 4.18 -10.16
C SER D 88 8.03 4.36 -11.36
C SER D 88 8.05 4.31 -11.23
N ARG D 89 7.68 4.00 -12.60
N ARG D 89 7.72 4.06 -12.50
CA ARG D 89 8.63 4.11 -13.70
CA ARG D 89 8.70 4.18 -13.58
C ARG D 89 8.78 5.55 -14.22
C ARG D 89 8.83 5.62 -14.07
N ASN D 90 7.73 6.36 -14.18
CA ASN D 90 7.74 7.67 -14.82
C ASN D 90 7.78 8.86 -13.85
N PHE D 91 7.76 8.65 -12.54
CA PHE D 91 7.84 9.70 -11.55
C PHE D 91 8.87 9.29 -10.51
N ALA D 92 9.54 10.29 -9.91
CA ALA D 92 10.30 10.00 -8.71
C ALA D 92 9.36 9.58 -7.59
N SER D 93 8.21 10.24 -7.49
CA SER D 93 7.22 9.86 -6.50
C SER D 93 5.87 10.43 -6.92
N VAL D 94 4.81 9.79 -6.47
CA VAL D 94 3.48 10.34 -6.61
C VAL D 94 2.91 10.41 -5.19
N TYR D 95 1.93 11.29 -5.00
CA TYR D 95 1.40 11.48 -3.66
C TYR D 95 0.05 12.19 -3.69
N LEU D 96 -0.66 12.05 -2.59
CA LEU D 96 -1.96 12.67 -2.42
C LEU D 96 -2.03 13.29 -1.04
N GLY D 97 -2.56 14.50 -0.99
CA GLY D 97 -2.88 15.15 0.27
C GLY D 97 -4.38 15.34 0.35
N GLU D 98 -4.94 14.93 1.47
CA GLU D 98 -6.39 14.89 1.60
C GLU D 98 -6.91 16.09 2.37
N ALA D 99 -8.03 16.65 1.89
CA ALA D 99 -8.56 17.88 2.49
C ALA D 99 -9.13 17.66 3.89
N ALA D 100 -9.70 16.48 4.15
CA ALA D 100 -10.53 16.30 5.34
C ALA D 100 -9.71 16.51 6.63
N SER D 101 -8.59 15.80 6.76
CA SER D 101 -7.73 16.01 7.91
C SER D 101 -6.24 16.11 7.55
N GLY D 102 -5.92 16.37 6.28
CA GLY D 102 -4.53 16.44 5.88
C GLY D 102 -3.79 15.12 5.77
N THR D 103 -4.49 14.02 5.55
CA THR D 103 -3.75 12.77 5.44
C THR D 103 -2.87 12.77 4.18
N PHE D 104 -1.64 12.30 4.32
CA PHE D 104 -0.65 12.37 3.24
C PHE D 104 -0.09 11.00 2.92
N THR D 105 -0.26 10.56 1.67
CA THR D 105 0.27 9.27 1.20
C THR D 105 1.22 9.51 0.06
N MET D 106 2.44 9.00 0.16
N MET D 106 2.45 8.99 0.16
CA MET D 106 3.42 9.16 -0.90
CA MET D 106 3.45 9.15 -0.87
C MET D 106 4.03 7.81 -1.24
C MET D 106 4.01 7.78 -1.24
N ARG D 107 4.28 7.58 -2.53
CA ARG D 107 4.91 6.35 -2.98
C ARG D 107 5.96 6.68 -4.02
N PRO D 108 7.17 6.16 -3.87
CA PRO D 108 7.67 5.40 -2.71
C PRO D 108 7.68 6.23 -1.44
N TYR D 109 7.62 5.51 -0.33
CA TYR D 109 7.43 6.13 0.96
C TYR D 109 8.68 6.87 1.44
N ASP D 110 8.47 8.05 2.02
CA ASP D 110 9.47 8.76 2.80
C ASP D 110 8.77 9.41 3.98
N ALA D 111 9.48 9.54 5.09
CA ALA D 111 8.99 10.21 6.27
C ALA D 111 9.05 11.72 6.08
N MET D 112 8.04 12.40 6.55
CA MET D 112 7.87 13.84 6.46
C MET D 112 8.27 14.51 7.77
N PRO D 113 8.52 15.81 7.75
CA PRO D 113 8.89 16.51 8.98
C PRO D 113 7.74 16.55 9.98
N GLU D 114 8.11 16.78 11.25
CA GLU D 114 7.14 16.99 12.33
C GLU D 114 6.19 18.14 12.00
N GLY D 115 4.89 17.90 12.20
CA GLY D 115 3.88 18.90 11.91
C GLY D 115 3.52 19.05 10.45
N TYR D 116 4.12 18.27 9.55
CA TYR D 116 3.82 18.35 8.12
C TYR D 116 2.31 18.21 7.87
N ASP D 117 1.74 19.20 7.17
CA ASP D 117 0.36 19.15 6.67
C ASP D 117 0.42 19.52 5.19
N PRO D 118 0.05 18.61 4.28
CA PRO D 118 0.09 18.93 2.85
C PRO D 118 -0.78 20.13 2.49
N ARG D 119 -1.86 20.34 3.23
CA ARG D 119 -2.77 21.43 2.87
C ARG D 119 -2.14 22.81 2.97
N THR D 120 -1.03 22.95 3.68
CA THR D 120 -0.35 24.22 3.81
C THR D 120 0.71 24.46 2.73
N ARG D 121 0.98 23.49 1.86
N ARG D 121 0.95 23.49 1.86
CA ARG D 121 2.03 23.61 0.87
CA ARG D 121 1.99 23.60 0.85
C ARG D 121 1.49 24.16 -0.45
C ARG D 121 1.46 24.21 -0.44
N ALA D 122 2.38 24.79 -1.22
CA ALA D 122 1.98 25.53 -2.42
C ALA D 122 1.50 24.59 -3.54
N TRP D 123 2.13 23.41 -3.70
CA TRP D 123 1.58 22.47 -4.68
C TRP D 123 0.12 22.15 -4.38
N TYR D 124 -0.24 22.08 -3.10
CA TYR D 124 -1.65 21.81 -2.81
C TYR D 124 -2.50 23.06 -3.01
N LYS D 125 -2.14 24.16 -2.33
CA LYS D 125 -2.96 25.37 -2.36
C LYS D 125 -3.04 25.98 -3.76
N ASP D 126 -1.93 25.98 -4.51
CA ASP D 126 -1.97 26.58 -5.85
C ASP D 126 -2.88 25.79 -6.77
N ALA D 127 -2.89 24.45 -6.67
CA ALA D 127 -3.77 23.68 -7.54
C ALA D 127 -5.24 23.90 -7.18
N LEU D 128 -5.58 24.01 -5.89
CA LEU D 128 -6.94 24.36 -5.50
C LEU D 128 -7.34 25.76 -5.93
N ALA D 129 -6.47 26.75 -5.70
CA ALA D 129 -6.79 28.13 -6.10
C ALA D 129 -7.05 28.23 -7.59
N ALA D 130 -6.12 27.74 -8.41
CA ALA D 130 -6.33 27.85 -9.85
C ALA D 130 -7.32 26.80 -10.34
N ASP D 131 -7.61 25.78 -9.54
CA ASP D 131 -8.44 24.66 -9.98
C ASP D 131 -8.01 24.18 -11.37
N ARG D 132 -6.71 23.86 -11.51
CA ARG D 132 -6.17 23.21 -12.69
C ARG D 132 -4.83 22.60 -12.34
N LEU D 133 -4.17 22.03 -13.34
CA LEU D 133 -2.86 21.44 -13.17
C LEU D 133 -1.81 22.54 -13.06
N ILE D 134 -0.92 22.37 -12.09
CA ILE D 134 0.20 23.26 -11.80
C ILE D 134 1.48 22.56 -12.18
N VAL D 135 2.35 23.24 -12.92
CA VAL D 135 3.71 22.80 -13.20
C VAL D 135 4.63 23.76 -12.48
N THR D 136 5.54 23.23 -11.68
CA THR D 136 6.49 24.05 -10.97
C THR D 136 7.79 24.17 -11.76
N GLU D 137 8.58 25.19 -11.41
CA GLU D 137 9.93 25.27 -11.93
C GLU D 137 10.76 24.17 -11.28
N PRO D 138 11.80 23.70 -11.98
CA PRO D 138 12.68 22.69 -11.38
C PRO D 138 13.30 23.19 -10.09
N PHE D 139 13.50 22.26 -9.17
CA PHE D 139 14.33 22.49 -7.99
C PHE D 139 15.40 21.42 -8.04
N VAL D 140 16.42 21.59 -7.19
CA VAL D 140 17.59 20.72 -7.18
C VAL D 140 17.53 19.99 -5.86
N ASP D 141 17.51 18.67 -5.90
CA ASP D 141 17.51 17.87 -4.67
C ASP D 141 18.89 17.96 -4.01
N ALA D 142 18.94 18.54 -2.81
CA ALA D 142 20.22 18.89 -2.20
C ALA D 142 21.11 17.67 -1.96
N GLY D 143 20.52 16.50 -1.73
CA GLY D 143 21.33 15.34 -1.35
C GLY D 143 22.03 14.67 -2.51
N THR D 144 21.50 14.82 -3.73
CA THR D 144 22.00 14.11 -4.90
C THR D 144 22.37 15.05 -6.04
N GLY D 145 21.90 16.29 -6.02
CA GLY D 145 22.09 17.21 -7.12
C GLY D 145 21.09 17.07 -8.25
N GLU D 146 20.15 16.14 -8.16
CA GLU D 146 19.25 15.94 -9.29
C GLU D 146 18.25 17.09 -9.47
N GLN D 147 17.79 17.26 -10.69
CA GLN D 147 16.86 18.32 -11.01
C GLN D 147 15.49 17.70 -11.20
N ILE D 148 14.51 18.19 -10.43
CA ILE D 148 13.18 17.57 -10.31
C ILE D 148 12.13 18.67 -10.49
N LEU D 149 10.98 18.32 -11.06
CA LEU D 149 9.84 19.23 -10.99
C LEU D 149 8.57 18.47 -10.61
N ALA D 150 7.62 19.23 -10.11
CA ALA D 150 6.36 18.69 -9.60
C ALA D 150 5.20 19.17 -10.45
N MET D 151 4.17 18.31 -10.59
CA MET D 151 2.90 18.70 -11.17
C MET D 151 1.80 18.28 -10.22
N SER D 152 0.76 19.10 -10.09
CA SER D 152 -0.30 18.79 -9.14
C SER D 152 -1.65 19.24 -9.67
N LEU D 153 -2.71 18.65 -9.12
CA LEU D 153 -4.04 18.77 -9.68
C LEU D 153 -5.09 18.33 -8.67
N PRO D 154 -6.24 19.00 -8.59
CA PRO D 154 -7.25 18.62 -7.58
C PRO D 154 -7.98 17.33 -7.91
N VAL D 155 -8.44 16.67 -6.86
CA VAL D 155 -9.21 15.43 -6.99
C VAL D 155 -10.59 15.66 -6.38
N ARG D 156 -11.64 15.43 -7.17
N ARG D 156 -11.64 15.42 -7.18
CA ARG D 156 -13.02 15.57 -6.71
CA ARG D 156 -13.02 15.57 -6.71
C ARG D 156 -13.80 14.28 -6.95
C ARG D 156 -13.81 14.30 -6.96
N HIS D 157 -14.56 13.88 -5.95
CA HIS D 157 -15.35 12.64 -5.99
C HIS D 157 -16.83 13.02 -5.89
N ALA D 158 -17.53 12.91 -7.02
CA ALA D 158 -18.94 13.27 -7.10
C ALA D 158 -19.17 14.72 -6.64
N GLY D 159 -18.25 15.61 -7.00
CA GLY D 159 -18.36 17.01 -6.66
C GLY D 159 -17.75 17.41 -5.31
N GLN D 160 -17.44 16.46 -4.43
CA GLN D 160 -16.78 16.76 -3.16
C GLN D 160 -15.25 16.57 -3.28
N LEU D 161 -14.52 17.52 -2.71
CA LEU D 161 -13.07 17.54 -2.85
C LEU D 161 -12.42 16.46 -1.97
N LEU D 162 -11.70 15.53 -2.61
CA LEU D 162 -10.91 14.57 -1.88
C LEU D 162 -9.59 15.20 -1.43
N GLY D 163 -8.93 15.93 -2.32
CA GLY D 163 -7.61 16.47 -2.03
C GLY D 163 -6.92 16.91 -3.31
N VAL D 164 -5.60 16.96 -3.25
CA VAL D 164 -4.76 17.28 -4.40
C VAL D 164 -3.79 16.11 -4.59
N ALA D 165 -3.66 15.65 -5.85
CA ALA D 165 -2.75 14.60 -6.27
C ALA D 165 -1.61 15.24 -7.05
N ALA D 166 -0.44 14.58 -7.03
CA ALA D 166 0.76 15.18 -7.60
C ALA D 166 1.81 14.11 -7.87
N GLY D 167 2.75 14.44 -8.76
CA GLY D 167 3.91 13.64 -9.04
C GLY D 167 5.17 14.48 -9.21
N ASP D 168 6.31 13.97 -8.75
CA ASP D 168 7.63 14.56 -9.00
C ASP D 168 8.36 13.73 -10.05
N MET D 169 9.12 14.39 -10.91
CA MET D 169 9.84 13.66 -11.96
C MET D 169 11.25 14.24 -12.07
N LYS D 170 12.24 13.36 -12.25
CA LYS D 170 13.60 13.81 -12.61
C LYS D 170 13.66 14.24 -14.07
N LEU D 171 14.54 15.21 -14.34
CA LEU D 171 14.58 15.92 -15.59
C LEU D 171 15.82 15.61 -16.43
N GLU D 172 16.54 14.53 -16.13
CA GLU D 172 17.78 14.33 -16.86
C GLU D 172 17.57 14.01 -18.35
N THR D 173 16.42 13.42 -18.73
CA THR D 173 16.12 13.21 -20.16
C THR D 173 16.08 14.54 -20.91
N LEU D 174 15.37 15.54 -20.35
CA LEU D 174 15.33 16.87 -20.97
C LEU D 174 16.70 17.52 -20.98
N THR D 175 17.48 17.37 -19.92
CA THR D 175 18.82 17.94 -19.92
C THR D 175 19.67 17.29 -21.01
N ALA D 176 19.53 15.97 -21.17
CA ALA D 176 20.29 15.27 -22.21
C ALA D 176 19.96 15.80 -23.60
N ILE D 177 18.68 16.10 -23.85
CA ILE D 177 18.31 16.73 -25.11
C ILE D 177 19.04 18.06 -25.29
N LEU D 178 19.05 18.91 -24.27
CA LEU D 178 19.72 20.20 -24.42
C LEU D 178 21.24 20.03 -24.57
N ASN D 179 21.82 19.09 -23.83
CA ASN D 179 23.25 18.89 -23.91
C ASN D 179 23.71 18.36 -25.27
N SER D 180 22.81 17.74 -26.05
CA SER D 180 23.19 17.17 -27.34
C SER D 180 23.30 18.20 -28.45
N LEU D 181 22.81 19.42 -28.24
CA LEU D 181 22.92 20.49 -29.23
C LEU D 181 24.20 21.24 -28.96
N LYS D 182 25.27 20.82 -29.61
CA LYS D 182 26.56 21.47 -29.45
C LYS D 182 26.99 22.26 -30.68
N PHE D 183 26.23 22.17 -31.77
CA PHE D 183 26.41 23.00 -32.97
C PHE D 183 27.83 22.91 -33.51
N ASP D 184 28.33 21.67 -33.59
CA ASP D 184 29.69 21.38 -34.05
C ASP D 184 30.74 22.15 -33.25
N GLY D 185 30.43 22.49 -32.00
CA GLY D 185 31.36 23.16 -31.13
C GLY D 185 31.24 24.66 -31.05
N ALA D 186 30.33 25.25 -31.82
CA ALA D 186 30.11 26.69 -31.86
C ALA D 186 28.94 27.20 -30.99
N GLY D 187 28.21 26.32 -30.29
CA GLY D 187 27.07 26.83 -29.55
C GLY D 187 26.51 25.84 -28.55
N TYR D 188 25.42 26.23 -27.90
CA TYR D 188 24.79 25.42 -26.86
C TYR D 188 23.34 25.86 -26.66
N ALA D 189 22.65 25.15 -25.77
CA ALA D 189 21.22 25.28 -25.59
C ALA D 189 20.88 25.12 -24.12
N PHE D 190 19.76 25.73 -23.71
CA PHE D 190 19.34 25.65 -22.34
C PHE D 190 17.90 26.17 -22.27
N LEU D 191 17.24 25.91 -21.15
CA LEU D 191 15.86 26.28 -20.86
C LEU D 191 15.83 27.40 -19.82
N VAL D 192 15.03 28.44 -20.09
CA VAL D 192 15.04 29.67 -19.28
C VAL D 192 13.62 30.17 -19.15
N SER D 193 13.27 30.68 -17.97
CA SER D 193 11.91 31.20 -17.84
C SER D 193 11.83 32.60 -18.47
N ASP D 194 10.59 33.05 -18.71
CA ASP D 194 10.37 34.39 -19.24
C ASP D 194 10.92 35.50 -18.32
N ALA D 195 11.21 35.20 -17.05
CA ALA D 195 11.79 36.21 -16.16
C ALA D 195 13.32 36.17 -16.11
N GLY D 196 13.93 35.25 -16.83
CA GLY D 196 15.37 35.15 -16.88
C GLY D 196 16.00 34.11 -15.96
N LYS D 197 15.20 33.26 -15.31
CA LYS D 197 15.74 32.21 -14.45
C LYS D 197 16.07 30.97 -15.26
N ILE D 198 17.31 30.53 -15.21
CA ILE D 198 17.72 29.35 -15.94
C ILE D 198 17.14 28.12 -15.25
N LEU D 199 16.43 27.28 -16.02
CA LEU D 199 15.69 26.15 -15.46
C LEU D 199 16.36 24.80 -15.68
N LEU D 200 16.93 24.60 -16.87
CA LEU D 200 17.82 23.50 -17.16
C LEU D 200 18.97 24.04 -18.03
N HIS D 201 20.15 23.43 -17.88
CA HIS D 201 21.37 23.94 -18.48
C HIS D 201 22.41 22.83 -18.45
N PRO D 202 23.10 22.57 -19.57
CA PRO D 202 24.20 21.57 -19.55
C PRO D 202 25.22 21.78 -18.43
N ASP D 203 25.53 23.02 -18.11
CA ASP D 203 26.32 23.39 -16.95
C ASP D 203 25.43 23.41 -15.70
N SER D 204 25.48 22.34 -14.89
CA SER D 204 24.61 22.27 -13.72
C SER D 204 24.86 23.42 -12.76
N GLY D 205 26.01 24.08 -12.84
CA GLY D 205 26.28 25.22 -11.99
C GLY D 205 25.42 26.42 -12.30
N LEU D 206 24.82 26.46 -13.48
CA LEU D 206 24.03 27.63 -13.83
C LEU D 206 22.53 27.43 -13.58
N VAL D 207 22.10 26.20 -13.28
CA VAL D 207 20.68 25.97 -13.02
C VAL D 207 20.22 26.82 -11.84
N LEU D 208 19.06 27.44 -12.00
CA LEU D 208 18.39 28.37 -11.07
C LEU D 208 19.08 29.72 -10.92
N LYS D 209 20.24 29.92 -11.55
N LYS D 209 20.24 29.93 -11.52
CA LYS D 209 20.83 31.24 -11.65
CA LYS D 209 20.81 31.26 -11.59
C LYS D 209 20.06 32.07 -12.68
C LYS D 209 20.10 32.07 -12.69
N THR D 210 20.25 33.39 -12.60
CA THR D 210 19.60 34.30 -13.54
C THR D 210 20.47 34.50 -14.78
N LEU D 211 19.87 35.06 -15.83
CA LEU D 211 20.65 35.35 -17.02
C LEU D 211 21.78 36.33 -16.71
N ALA D 212 21.52 37.28 -15.79
CA ALA D 212 22.53 38.28 -15.42
C ALA D 212 23.70 37.65 -14.69
N GLU D 213 23.46 36.59 -13.92
CA GLU D 213 24.58 35.89 -13.31
C GLU D 213 25.36 35.06 -14.33
N ALA D 214 24.68 34.49 -15.33
CA ALA D 214 25.34 33.67 -16.33
C ALA D 214 26.12 34.49 -17.35
N TYR D 215 25.72 35.74 -17.55
CA TYR D 215 26.39 36.63 -18.49
C TYR D 215 26.67 37.95 -17.79
N PRO D 216 27.63 37.97 -16.87
CA PRO D 216 27.89 39.21 -16.11
C PRO D 216 28.28 40.41 -16.98
N LYS D 217 28.90 40.20 -18.14
CA LYS D 217 29.27 41.32 -18.99
C LYS D 217 28.08 41.87 -19.76
N GLY D 218 26.96 41.15 -19.79
CA GLY D 218 25.74 41.64 -20.41
C GLY D 218 24.82 40.54 -20.87
N ALA D 219 23.67 40.42 -20.25
CA ALA D 219 22.76 39.34 -20.58
C ALA D 219 21.90 39.73 -21.77
N PRO D 220 21.52 38.79 -22.62
CA PRO D 220 20.61 39.12 -23.73
C PRO D 220 19.19 39.27 -23.21
N ASN D 221 18.40 40.07 -23.91
CA ASN D 221 17.00 40.22 -23.55
C ASN D 221 16.19 39.09 -24.14
N ILE D 222 15.22 38.60 -23.37
CA ILE D 222 14.40 37.50 -23.84
C ILE D 222 13.38 38.10 -24.82
N VAL D 223 13.59 37.86 -26.11
CA VAL D 223 12.60 38.20 -27.15
C VAL D 223 12.48 37.00 -28.07
N PRO D 224 11.26 36.58 -28.41
CA PRO D 224 11.13 35.42 -29.30
C PRO D 224 11.79 35.69 -30.64
N GLY D 225 12.36 34.65 -31.22
CA GLY D 225 13.02 34.75 -32.51
C GLY D 225 14.55 34.71 -32.39
N VAL D 226 15.19 35.00 -33.53
CA VAL D 226 16.63 34.96 -33.67
C VAL D 226 17.14 36.39 -33.81
N HIS D 227 18.21 36.72 -33.08
CA HIS D 227 18.81 38.04 -33.13
C HIS D 227 20.32 37.92 -32.89
N GLU D 228 21.06 38.89 -33.42
CA GLU D 228 22.49 39.01 -33.14
C GLU D 228 22.70 39.97 -31.99
N VAL D 229 23.49 39.57 -31.00
CA VAL D 229 23.70 40.39 -29.83
C VAL D 229 25.15 40.32 -29.39
N GLU D 230 25.59 41.33 -28.65
N GLU D 230 25.56 41.34 -28.64
CA GLU D 230 26.89 41.28 -28.01
CA GLU D 230 26.84 41.34 -27.93
C GLU D 230 26.76 40.49 -26.72
C GLU D 230 26.70 40.45 -26.70
N LEU D 231 27.48 39.38 -26.64
CA LEU D 231 27.26 38.39 -25.58
C LEU D 231 28.56 37.66 -25.25
N ASP D 232 28.94 37.69 -23.97
CA ASP D 232 30.09 36.92 -23.47
C ASP D 232 31.40 37.37 -24.11
N GLY D 233 31.46 38.64 -24.51
CA GLY D 233 32.65 39.18 -25.14
C GLY D 233 32.81 38.88 -26.61
N SER D 234 31.70 38.85 -27.36
CA SER D 234 31.71 38.38 -28.74
C SER D 234 30.34 38.67 -29.34
N SER D 235 30.29 38.71 -30.67
CA SER D 235 29.04 38.84 -31.40
C SER D 235 28.46 37.46 -31.66
N GLN D 236 27.22 37.22 -31.24
CA GLN D 236 26.65 35.88 -31.28
C GLN D 236 25.18 35.90 -31.67
N PHE D 237 24.72 34.79 -32.26
CA PHE D 237 23.27 34.61 -32.45
C PHE D 237 22.63 34.10 -31.15
N VAL D 238 21.49 34.68 -30.80
CA VAL D 238 20.67 34.17 -29.70
C VAL D 238 19.23 33.92 -30.21
N SER D 239 18.70 32.74 -29.88
CA SER D 239 17.36 32.37 -30.27
C SER D 239 16.59 31.93 -29.03
N PHE D 240 15.34 32.41 -28.93
CA PHE D 240 14.40 32.08 -27.86
C PHE D 240 13.14 31.53 -28.49
N THR D 241 12.80 30.28 -28.15
CA THR D 241 11.62 29.61 -28.66
C THR D 241 10.72 29.20 -27.50
N PRO D 242 9.48 29.65 -27.47
CA PRO D 242 8.58 29.27 -26.37
C PRO D 242 8.20 27.80 -26.45
N VAL D 243 8.09 27.18 -25.26
CA VAL D 243 7.60 25.81 -25.13
C VAL D 243 6.07 25.87 -25.03
N LYS D 244 5.38 25.33 -26.03
CA LYS D 244 3.91 25.42 -26.02
C LYS D 244 3.31 24.46 -25.00
N GLY D 245 2.11 24.77 -24.58
CA GLY D 245 1.26 23.76 -23.98
C GLY D 245 1.43 23.61 -22.48
N LEU D 246 2.28 24.44 -21.87
CA LEU D 246 2.51 24.38 -20.42
C LEU D 246 1.56 25.33 -19.69
N PRO D 247 0.77 24.85 -18.73
CA PRO D 247 -0.21 25.71 -18.07
C PRO D 247 0.45 26.59 -17.00
N GLY D 248 0.10 27.87 -17.05
CA GLY D 248 0.55 28.86 -16.10
C GLY D 248 2.00 29.31 -16.18
N VAL D 249 2.80 28.90 -17.17
CA VAL D 249 4.21 29.30 -17.25
C VAL D 249 4.59 29.65 -18.68
N THR D 250 5.57 30.51 -18.83
CA THR D 250 6.14 30.79 -20.15
C THR D 250 7.63 30.49 -20.04
N TRP D 251 8.04 29.36 -20.58
CA TRP D 251 9.43 28.94 -20.64
C TRP D 251 9.92 28.98 -22.08
N TYR D 252 11.23 29.22 -22.26
CA TYR D 252 11.85 29.30 -23.57
C TYR D 252 13.08 28.38 -23.67
N VAL D 253 13.22 27.77 -24.85
CA VAL D 253 14.49 27.19 -25.24
C VAL D 253 15.38 28.31 -25.73
N ALA D 254 16.58 28.44 -25.13
CA ALA D 254 17.59 29.40 -25.53
C ALA D 254 18.71 28.69 -26.28
N LEU D 255 18.96 29.14 -27.51
CA LEU D 255 20.09 28.67 -28.30
C LEU D 255 21.10 29.81 -28.47
N VAL D 256 22.38 29.48 -28.36
CA VAL D 256 23.44 30.46 -28.50
C VAL D 256 24.43 29.94 -29.53
N LEU D 257 24.75 30.74 -30.53
CA LEU D 257 25.61 30.25 -31.59
C LEU D 257 26.60 31.34 -32.00
N ASP D 258 27.88 30.98 -32.05
CA ASP D 258 28.93 31.88 -32.58
C ASP D 258 29.05 31.91 -34.13
N ASP E 33 42.06 -18.00 -14.49
CA ASP E 33 41.41 -17.67 -15.75
C ASP E 33 39.99 -17.17 -15.48
N THR E 34 39.61 -16.07 -16.13
CA THR E 34 38.27 -15.51 -15.93
C THR E 34 37.18 -16.40 -16.50
N GLU E 35 37.49 -17.25 -17.47
CA GLU E 35 36.48 -18.16 -18.01
C GLU E 35 36.11 -19.23 -16.99
N ASN E 36 37.08 -19.72 -16.21
CA ASN E 36 36.76 -20.59 -15.10
C ASN E 36 35.90 -19.88 -14.06
N TYR E 37 36.20 -18.61 -13.81
CA TYR E 37 35.52 -17.89 -12.72
C TYR E 37 34.06 -17.63 -13.07
N LEU E 38 33.79 -17.20 -14.30
CA LEU E 38 32.42 -16.96 -14.69
C LEU E 38 31.62 -18.25 -14.81
N GLY E 39 32.26 -19.35 -15.21
CA GLY E 39 31.54 -20.60 -15.31
C GLY E 39 31.12 -21.06 -13.94
N GLU E 40 31.98 -20.83 -12.97
CA GLU E 40 31.69 -21.12 -11.58
C GLU E 40 30.50 -20.30 -11.09
N ILE E 41 30.55 -19.00 -11.27
CA ILE E 41 29.45 -18.12 -10.84
C ILE E 41 28.15 -18.47 -11.58
N GLY E 42 28.23 -18.69 -12.89
CA GLY E 42 27.05 -19.09 -13.63
C GLY E 42 26.43 -20.38 -13.10
N THR E 43 27.27 -21.37 -12.78
CA THR E 43 26.77 -22.65 -12.29
C THR E 43 26.06 -22.48 -10.96
N LEU E 44 26.67 -21.72 -10.05
CA LEU E 44 26.09 -21.54 -8.74
C LEU E 44 24.81 -20.70 -8.80
N THR E 45 24.81 -19.65 -9.62
CA THR E 45 23.62 -18.83 -9.79
C THR E 45 22.45 -19.64 -10.34
N ALA E 46 22.71 -20.47 -11.35
CA ALA E 46 21.67 -21.34 -11.89
C ALA E 46 21.18 -22.34 -10.83
N SER E 47 22.08 -22.83 -9.97
CA SER E 47 21.64 -23.74 -8.91
C SER E 47 20.69 -23.07 -7.94
N ASN E 48 21.00 -21.81 -7.58
CA ASN E 48 20.16 -21.01 -6.71
C ASN E 48 18.76 -20.89 -7.27
N ILE E 49 18.64 -20.61 -8.57
CA ILE E 49 17.35 -20.53 -9.23
C ILE E 49 16.69 -21.90 -9.27
N GLN E 50 17.47 -22.95 -9.48
CA GLN E 50 16.92 -24.30 -9.53
C GLN E 50 16.35 -24.72 -8.18
N SER E 51 17.13 -24.53 -7.12
CA SER E 51 16.65 -24.90 -5.78
C SER E 51 15.41 -24.11 -5.42
N TRP E 52 15.38 -22.81 -5.72
CA TRP E 52 14.25 -22.00 -5.25
C TRP E 52 12.97 -22.40 -5.99
N LEU E 53 13.06 -22.66 -7.29
CA LEU E 53 11.89 -23.02 -8.10
C LEU E 53 11.45 -24.46 -7.81
N GLU E 54 12.40 -25.38 -7.60
CA GLU E 54 12.01 -26.76 -7.25
C GLU E 54 11.29 -26.80 -5.91
N GLY E 55 11.77 -25.99 -4.96
CA GLY E 55 11.04 -25.82 -3.70
C GLY E 55 9.57 -25.51 -3.93
N ARG E 56 9.28 -24.50 -4.77
CA ARG E 56 7.88 -24.14 -5.04
C ARG E 56 7.19 -25.25 -5.83
N MET E 57 7.91 -25.90 -6.76
CA MET E 57 7.35 -27.04 -7.51
C MET E 57 6.87 -28.15 -6.58
N HIS E 58 7.62 -28.46 -5.51
CA HIS E 58 7.21 -29.59 -4.66
C HIS E 58 5.95 -29.25 -3.88
N LEU E 59 5.85 -27.98 -3.45
CA LEU E 59 4.63 -27.51 -2.79
C LEU E 59 3.43 -27.64 -3.72
N VAL E 60 3.60 -27.33 -5.01
CA VAL E 60 2.44 -27.40 -5.88
C VAL E 60 2.07 -28.87 -6.14
N GLU E 61 3.08 -29.72 -6.31
CA GLU E 61 2.81 -31.16 -6.38
C GLU E 61 2.08 -31.64 -5.14
N GLY E 62 2.55 -31.21 -3.95
CA GLY E 62 1.86 -31.56 -2.73
C GLY E 62 0.43 -31.01 -2.63
N LEU E 63 0.17 -29.86 -3.26
CA LEU E 63 -1.20 -29.36 -3.30
C LEU E 63 -2.10 -30.27 -4.13
N ALA E 64 -1.62 -30.70 -5.29
CA ALA E 64 -2.42 -31.57 -6.14
C ALA E 64 -2.57 -32.94 -5.48
N SER E 65 -1.56 -33.35 -4.74
CA SER E 65 -1.61 -34.67 -4.13
C SER E 65 -2.57 -34.70 -2.93
N GLN E 66 -2.61 -33.62 -2.15
CA GLN E 66 -3.63 -33.49 -1.08
C GLN E 66 -5.02 -33.48 -1.64
N LEU E 67 -5.23 -32.69 -2.71
CA LEU E 67 -6.56 -32.61 -3.30
C LEU E 67 -6.95 -33.97 -3.88
N ALA E 68 -5.97 -34.71 -4.43
CA ALA E 68 -6.28 -35.98 -5.08
C ALA E 68 -6.75 -37.02 -4.08
N LEU E 69 -6.40 -36.86 -2.81
CA LEU E 69 -6.80 -37.79 -1.76
C LEU E 69 -8.25 -37.55 -1.27
N LEU E 70 -8.82 -36.37 -1.46
CA LEU E 70 -10.20 -36.13 -1.04
C LEU E 70 -11.13 -36.89 -1.96
N ASP E 71 -12.21 -37.43 -1.42
CA ASP E 71 -13.16 -38.12 -2.28
C ASP E 71 -14.37 -37.21 -2.49
N GLN E 72 -14.61 -36.86 -3.75
CA GLN E 72 -15.67 -35.95 -4.15
C GLN E 72 -15.72 -34.69 -3.27
N PRO E 73 -14.62 -33.94 -3.20
CA PRO E 73 -14.60 -32.78 -2.30
C PRO E 73 -15.60 -31.71 -2.75
N ASP E 74 -16.26 -31.12 -1.78
CA ASP E 74 -17.10 -29.96 -2.05
C ASP E 74 -16.30 -28.69 -1.85
N GLU E 75 -16.91 -27.56 -2.20
CA GLU E 75 -16.19 -26.31 -2.29
C GLU E 75 -15.55 -25.93 -0.96
N ALA E 76 -16.25 -26.16 0.15
CA ALA E 76 -15.73 -25.81 1.45
C ALA E 76 -14.51 -26.63 1.77
N ASN E 77 -14.49 -27.89 1.37
CA ASN E 77 -13.32 -28.74 1.58
C ASN E 77 -12.13 -28.30 0.72
N ILE E 78 -12.38 -27.91 -0.54
CA ILE E 78 -11.30 -27.39 -1.38
C ILE E 78 -10.70 -26.11 -0.79
N ALA E 79 -11.57 -25.16 -0.35
CA ALA E 79 -11.09 -23.88 0.19
C ALA E 79 -10.27 -24.11 1.45
N ARG E 80 -10.70 -25.06 2.29
CA ARG E 80 -9.98 -25.33 3.52
C ARG E 80 -8.62 -25.95 3.20
N GLN E 81 -8.49 -26.54 2.02
CA GLN E 81 -7.21 -27.02 1.55
C GLN E 81 -6.34 -25.86 1.06
N LEU E 82 -6.93 -24.96 0.28
CA LEU E 82 -6.20 -23.87 -0.32
C LEU E 82 -5.87 -22.75 0.65
N GLU E 83 -6.53 -22.68 1.81
CA GLU E 83 -6.25 -21.62 2.76
C GLU E 83 -5.17 -22.00 3.75
N GLN E 84 -4.53 -23.17 3.62
CA GLN E 84 -3.46 -23.50 4.57
C GLN E 84 -2.33 -22.46 4.49
N PRO E 85 -1.66 -22.22 5.64
CA PRO E 85 -0.64 -21.14 5.70
C PRO E 85 0.56 -21.36 4.82
N VAL E 86 1.05 -22.59 4.69
CA VAL E 86 2.15 -22.81 3.74
C VAL E 86 1.82 -22.22 2.34
N PHE E 87 0.54 -22.24 1.89
CA PHE E 87 0.27 -21.68 0.57
C PHE E 87 0.15 -20.16 0.60
N SER E 88 -0.37 -19.60 1.70
CA SER E 88 -0.46 -18.15 1.85
C SER E 88 0.89 -17.48 1.88
N ARG E 89 1.85 -18.07 2.61
N ARG E 89 1.87 -18.04 2.59
CA ARG E 89 3.16 -17.46 2.79
CA ARG E 89 3.12 -17.30 2.71
C ARG E 89 4.04 -17.54 1.56
C ARG E 89 4.09 -17.54 1.55
N ASN E 90 3.94 -18.63 0.80
CA ASN E 90 4.89 -18.94 -0.25
C ASN E 90 4.40 -18.65 -1.66
N PHE E 91 3.17 -18.19 -1.80
CA PHE E 91 2.53 -18.03 -3.10
C PHE E 91 1.69 -16.77 -3.04
N ALA E 92 1.69 -16.01 -4.14
CA ALA E 92 0.76 -14.89 -4.26
C ALA E 92 -0.68 -15.38 -4.28
N SER E 93 -0.94 -16.47 -5.00
CA SER E 93 -2.22 -17.16 -4.90
C SER E 93 -2.06 -18.62 -5.36
N VAL E 94 -2.98 -19.46 -4.89
CA VAL E 94 -3.12 -20.86 -5.29
C VAL E 94 -4.55 -21.01 -5.71
N TYR E 95 -4.80 -21.90 -6.67
CA TYR E 95 -6.16 -22.02 -7.19
C TYR E 95 -6.37 -23.39 -7.81
N LEU E 96 -7.65 -23.76 -7.93
CA LEU E 96 -8.09 -24.99 -8.55
C LEU E 96 -9.20 -24.67 -9.54
N GLY E 97 -9.05 -25.11 -10.79
CA GLY E 97 -10.15 -25.15 -11.74
C GLY E 97 -10.62 -26.58 -11.92
N GLU E 98 -11.94 -26.77 -11.79
CA GLU E 98 -12.51 -28.10 -11.81
C GLU E 98 -13.04 -28.44 -13.19
N ALA E 99 -12.82 -29.70 -13.59
CA ALA E 99 -13.18 -30.20 -14.92
C ALA E 99 -14.69 -30.26 -15.13
N ALA E 100 -15.44 -30.62 -14.08
CA ALA E 100 -16.84 -31.02 -14.25
C ALA E 100 -17.68 -29.88 -14.79
N SER E 101 -17.59 -28.69 -14.16
CA SER E 101 -18.36 -27.55 -14.63
C SER E 101 -17.59 -26.24 -14.52
N GLY E 102 -16.26 -26.29 -14.50
CA GLY E 102 -15.48 -25.07 -14.51
C GLY E 102 -15.52 -24.31 -13.21
N THR E 103 -15.93 -24.94 -12.14
CA THR E 103 -15.90 -24.24 -10.86
C THR E 103 -14.45 -23.86 -10.53
N PHE E 104 -14.27 -22.64 -10.05
CA PHE E 104 -12.98 -22.03 -9.82
C PHE E 104 -12.86 -21.61 -8.36
N THR E 105 -11.75 -21.95 -7.71
CA THR E 105 -11.53 -21.49 -6.35
C THR E 105 -10.10 -20.98 -6.26
N MET E 106 -9.96 -19.72 -5.85
CA MET E 106 -8.66 -19.13 -5.69
C MET E 106 -8.54 -18.55 -4.29
N ARG E 107 -7.38 -18.79 -3.65
CA ARG E 107 -7.05 -18.17 -2.37
C ARG E 107 -5.66 -17.51 -2.40
N PRO E 108 -5.59 -16.24 -1.93
CA PRO E 108 -6.68 -15.42 -1.40
C PRO E 108 -7.70 -15.01 -2.49
N TYR E 109 -8.95 -14.83 -2.07
CA TYR E 109 -10.02 -14.65 -3.02
C TYR E 109 -9.92 -13.34 -3.83
N ASP E 110 -10.28 -13.42 -5.12
CA ASP E 110 -10.34 -12.31 -6.04
C ASP E 110 -11.43 -12.64 -7.04
N ALA E 111 -12.30 -11.66 -7.31
CA ALA E 111 -13.38 -11.85 -8.27
C ALA E 111 -12.82 -11.94 -9.69
N MET E 112 -13.34 -12.84 -10.45
CA MET E 112 -12.94 -13.09 -11.82
C MET E 112 -13.87 -12.35 -12.77
N PRO E 113 -13.50 -12.14 -14.03
CA PRO E 113 -14.39 -11.46 -14.97
C PRO E 113 -15.61 -12.33 -15.30
N GLU E 114 -16.61 -11.68 -15.91
CA GLU E 114 -17.84 -12.35 -16.30
C GLU E 114 -17.57 -13.45 -17.33
N GLY E 115 -18.15 -14.63 -17.11
CA GLY E 115 -17.93 -15.77 -17.98
C GLY E 115 -16.60 -16.47 -17.86
N TYR E 116 -15.76 -16.09 -16.90
CA TYR E 116 -14.47 -16.79 -16.73
C TYR E 116 -14.68 -18.30 -16.60
N ASP E 117 -13.96 -19.06 -17.41
CA ASP E 117 -13.96 -20.52 -17.28
C ASP E 117 -12.50 -20.94 -17.21
N PRO E 118 -12.02 -21.45 -16.07
CA PRO E 118 -10.59 -21.86 -16.00
C PRO E 118 -10.19 -22.87 -17.06
N ARG E 119 -11.14 -23.71 -17.49
CA ARG E 119 -10.83 -24.79 -18.42
C ARG E 119 -10.38 -24.29 -19.77
N THR E 120 -10.74 -23.07 -20.13
CA THR E 120 -10.31 -22.47 -21.39
C THR E 120 -8.92 -21.84 -21.30
N ARG E 121 -8.20 -21.96 -20.17
CA ARG E 121 -7.00 -21.16 -19.95
C ARG E 121 -5.73 -22.00 -20.11
N ALA E 122 -4.62 -21.33 -20.50
CA ALA E 122 -3.44 -22.09 -20.93
C ALA E 122 -2.84 -22.87 -19.77
N TRP E 123 -2.85 -22.31 -18.54
CA TRP E 123 -2.32 -23.07 -17.40
C TRP E 123 -3.11 -24.35 -17.19
N TYR E 124 -4.41 -24.34 -17.49
CA TYR E 124 -5.24 -25.53 -17.35
C TYR E 124 -4.94 -26.53 -18.48
N LYS E 125 -5.04 -26.08 -19.74
CA LYS E 125 -4.90 -26.99 -20.88
C LYS E 125 -3.47 -27.50 -21.03
N ASP E 126 -2.47 -26.64 -20.78
CA ASP E 126 -1.09 -27.09 -20.97
C ASP E 126 -0.73 -28.15 -19.94
N ALA E 127 -1.27 -28.04 -18.72
CA ALA E 127 -0.99 -29.05 -17.69
C ALA E 127 -1.55 -30.39 -18.10
N LEU E 128 -2.78 -30.42 -18.66
CA LEU E 128 -3.33 -31.67 -19.14
C LEU E 128 -2.56 -32.17 -20.35
N ALA E 129 -2.14 -31.24 -21.23
CA ALA E 129 -1.42 -31.63 -22.43
C ALA E 129 -0.14 -32.35 -22.10
N ALA E 130 0.64 -31.78 -21.18
CA ALA E 130 1.89 -32.39 -20.73
C ALA E 130 1.66 -33.53 -19.75
N ASP E 131 0.53 -33.54 -19.03
CA ASP E 131 0.26 -34.47 -17.92
C ASP E 131 1.42 -34.52 -16.91
N ARG E 132 1.85 -33.33 -16.48
CA ARG E 132 2.89 -33.15 -15.46
C ARG E 132 2.89 -31.67 -15.07
N LEU E 133 3.69 -31.33 -14.06
CA LEU E 133 3.82 -29.94 -13.64
C LEU E 133 4.47 -29.12 -14.75
N ILE E 134 3.93 -27.94 -15.00
CA ILE E 134 4.49 -27.04 -15.99
C ILE E 134 4.77 -25.73 -15.28
N VAL E 135 5.80 -25.04 -15.78
CA VAL E 135 6.24 -23.76 -15.27
C VAL E 135 6.16 -22.79 -16.41
N THR E 136 5.55 -21.63 -16.19
CA THR E 136 5.41 -20.68 -17.28
C THR E 136 6.56 -19.67 -17.21
N GLU E 137 6.78 -18.96 -18.33
CA GLU E 137 7.66 -17.81 -18.25
C GLU E 137 7.05 -16.73 -17.36
N PRO E 138 7.88 -15.97 -16.65
CA PRO E 138 7.34 -14.86 -15.84
C PRO E 138 6.53 -13.88 -16.66
N PHE E 139 5.55 -13.26 -16.00
CA PHE E 139 4.87 -12.07 -16.45
C PHE E 139 4.98 -11.02 -15.34
N VAL E 140 4.72 -9.77 -15.72
CA VAL E 140 4.75 -8.64 -14.80
C VAL E 140 3.32 -8.34 -14.41
N ASP E 141 3.00 -8.43 -13.12
CA ASP E 141 1.67 -8.03 -12.71
C ASP E 141 1.45 -6.53 -12.96
N ALA E 142 0.42 -6.20 -13.77
CA ALA E 142 0.26 -4.81 -14.20
C ALA E 142 -0.17 -3.90 -13.06
N GLY E 143 -0.75 -4.45 -12.00
CA GLY E 143 -1.22 -3.69 -10.86
C GLY E 143 -0.09 -3.35 -9.91
N THR E 144 0.84 -4.29 -9.72
CA THR E 144 1.90 -4.10 -8.76
C THR E 144 3.29 -3.97 -9.36
N GLY E 145 3.51 -4.46 -10.58
CA GLY E 145 4.82 -4.43 -11.21
C GLY E 145 5.74 -5.58 -10.86
N GLU E 146 5.32 -6.49 -9.97
CA GLU E 146 6.25 -7.54 -9.59
C GLU E 146 6.23 -8.67 -10.62
N GLN E 147 7.36 -9.36 -10.74
CA GLN E 147 7.45 -10.51 -11.63
C GLN E 147 6.80 -11.72 -10.96
N ILE E 148 5.95 -12.43 -11.72
CA ILE E 148 5.16 -13.56 -11.25
C ILE E 148 5.30 -14.71 -12.24
N LEU E 149 5.39 -15.95 -11.73
CA LEU E 149 5.22 -17.09 -12.60
C LEU E 149 4.27 -18.11 -11.97
N ALA E 150 3.68 -18.90 -12.85
CA ALA E 150 2.65 -19.86 -12.53
C ALA E 150 3.18 -21.27 -12.77
N MET E 151 2.84 -22.18 -11.87
CA MET E 151 3.04 -23.62 -12.01
C MET E 151 1.70 -24.32 -11.87
N SER E 152 1.45 -25.33 -12.69
CA SER E 152 0.17 -26.01 -12.61
C SER E 152 0.34 -27.47 -13.02
N LEU E 153 -0.58 -28.31 -12.56
CA LEU E 153 -0.55 -29.71 -12.89
C LEU E 153 -1.90 -30.31 -12.59
N PRO E 154 -2.21 -31.45 -13.21
CA PRO E 154 -3.52 -32.09 -13.02
C PRO E 154 -3.70 -32.71 -11.65
N VAL E 155 -4.99 -32.88 -11.30
CA VAL E 155 -5.43 -33.53 -10.05
C VAL E 155 -6.41 -34.64 -10.40
N ARG E 156 -5.97 -35.88 -10.20
CA ARG E 156 -6.77 -37.08 -10.46
C ARG E 156 -7.03 -37.88 -9.20
N HIS E 157 -8.32 -38.17 -8.92
CA HIS E 157 -8.75 -38.95 -7.76
C HIS E 157 -9.21 -40.31 -8.26
N ALA E 158 -8.44 -41.35 -7.92
CA ALA E 158 -8.76 -42.72 -8.33
C ALA E 158 -8.95 -42.84 -9.85
N GLY E 159 -8.10 -42.16 -10.63
CA GLY E 159 -8.17 -42.26 -12.09
C GLY E 159 -9.11 -41.28 -12.80
N GLN E 160 -9.85 -40.47 -12.07
N GLN E 160 -9.82 -40.43 -12.06
CA GLN E 160 -10.78 -39.50 -12.66
CA GLN E 160 -10.77 -39.50 -12.66
C GLN E 160 -10.32 -38.08 -12.37
C GLN E 160 -10.34 -38.07 -12.36
N LEU E 161 -10.40 -37.22 -13.38
CA LEU E 161 -9.84 -35.86 -13.27
C LEU E 161 -10.74 -34.96 -12.41
N LEU E 162 -10.17 -34.40 -11.35
CA LEU E 162 -10.88 -33.37 -10.59
C LEU E 162 -10.68 -32.00 -11.21
N GLY E 163 -9.48 -31.73 -11.71
CA GLY E 163 -9.17 -30.49 -12.39
C GLY E 163 -7.67 -30.24 -12.34
N VAL E 164 -7.31 -28.96 -12.46
CA VAL E 164 -5.93 -28.50 -12.48
C VAL E 164 -5.73 -27.57 -11.30
N ALA E 165 -4.70 -27.85 -10.50
CA ALA E 165 -4.30 -27.00 -9.39
C ALA E 165 -3.04 -26.23 -9.78
N ALA E 166 -2.89 -25.04 -9.22
CA ALA E 166 -1.85 -24.13 -9.65
C ALA E 166 -1.46 -23.16 -8.53
N GLY E 167 -0.22 -22.65 -8.64
CA GLY E 167 0.27 -21.63 -7.74
C GLY E 167 1.00 -20.54 -8.54
N ASP E 168 0.76 -19.28 -8.16
CA ASP E 168 1.51 -18.11 -8.61
C ASP E 168 2.48 -17.65 -7.52
N MET E 169 3.69 -17.25 -7.92
CA MET E 169 4.71 -16.88 -6.94
C MET E 169 5.45 -15.65 -7.45
N LYS E 170 5.71 -14.71 -6.53
CA LYS E 170 6.59 -13.58 -6.83
C LYS E 170 8.04 -14.04 -6.93
N LEU E 171 8.76 -13.40 -7.83
CA LEU E 171 10.15 -13.75 -8.11
C LEU E 171 11.16 -12.79 -7.49
N GLU E 172 10.77 -12.04 -6.46
CA GLU E 172 11.68 -11.02 -5.91
C GLU E 172 13.02 -11.60 -5.46
N THR E 173 12.98 -12.74 -4.78
CA THR E 173 14.20 -13.39 -4.30
C THR E 173 15.20 -13.73 -5.42
N LEU E 174 14.71 -14.19 -6.59
CA LEU E 174 15.63 -14.56 -7.67
C LEU E 174 16.18 -13.31 -8.36
N THR E 175 15.36 -12.28 -8.50
CA THR E 175 15.84 -10.99 -9.00
C THR E 175 16.88 -10.39 -8.06
N ALA E 176 16.64 -10.47 -6.75
CA ALA E 176 17.64 -10.02 -5.79
C ALA E 176 18.98 -10.73 -6.00
N ILE E 177 18.95 -12.06 -6.21
CA ILE E 177 20.19 -12.82 -6.42
C ILE E 177 20.89 -12.31 -7.66
N LEU E 178 20.15 -12.21 -8.77
CA LEU E 178 20.74 -11.72 -10.00
C LEU E 178 21.30 -10.30 -9.83
N ASN E 179 20.60 -9.46 -9.06
CA ASN E 179 21.03 -8.08 -8.87
C ASN E 179 22.25 -7.97 -7.96
N SER E 180 22.46 -8.94 -7.06
CA SER E 180 23.66 -8.94 -6.23
C SER E 180 24.95 -9.16 -7.02
N LEU E 181 24.89 -9.57 -8.27
CA LEU E 181 26.09 -9.90 -9.05
C LEU E 181 26.48 -8.69 -9.88
N LYS E 182 27.30 -7.81 -9.31
CA LYS E 182 27.73 -6.60 -10.00
C LYS E 182 29.20 -6.64 -10.43
N PHE E 183 29.95 -7.67 -10.02
CA PHE E 183 31.32 -7.89 -10.47
C PHE E 183 32.17 -6.65 -10.24
N ASP E 184 32.05 -6.08 -9.05
CA ASP E 184 32.75 -4.86 -8.65
C ASP E 184 32.48 -3.70 -9.60
N GLY E 185 31.34 -3.73 -10.30
CA GLY E 185 30.96 -2.70 -11.24
C GLY E 185 31.21 -3.03 -12.70
N ALA E 186 31.91 -4.13 -13.00
CA ALA E 186 32.34 -4.46 -14.35
C ALA E 186 31.36 -5.33 -15.14
N GLY E 187 30.20 -5.68 -14.55
CA GLY E 187 29.29 -6.55 -15.26
C GLY E 187 27.98 -6.76 -14.54
N TYR E 188 27.19 -7.71 -15.05
CA TYR E 188 25.85 -7.96 -14.53
C TYR E 188 25.33 -9.31 -15.01
N ALA E 189 24.17 -9.69 -14.46
CA ALA E 189 23.57 -11.01 -14.62
C ALA E 189 22.07 -10.86 -14.90
N PHE E 190 21.53 -11.71 -15.76
CA PHE E 190 20.10 -11.79 -15.93
C PHE E 190 19.71 -13.21 -16.32
N LEU E 191 18.41 -13.40 -16.60
CA LEU E 191 17.84 -14.70 -16.91
C LEU E 191 17.09 -14.61 -18.22
N VAL E 192 17.40 -15.50 -19.16
CA VAL E 192 16.93 -15.40 -20.54
C VAL E 192 16.53 -16.78 -21.04
N SER E 193 15.47 -16.82 -21.86
CA SER E 193 15.05 -18.09 -22.42
C SER E 193 15.86 -18.43 -23.65
N ASP E 194 15.79 -19.71 -24.03
CA ASP E 194 16.52 -20.23 -25.19
C ASP E 194 16.16 -19.49 -26.47
N ALA E 195 14.96 -18.94 -26.57
CA ALA E 195 14.58 -18.15 -27.74
C ALA E 195 14.94 -16.68 -27.60
N GLY E 196 15.72 -16.31 -26.58
CA GLY E 196 16.16 -14.93 -26.44
C GLY E 196 15.23 -13.99 -25.70
N LYS E 197 14.26 -14.50 -24.94
CA LYS E 197 13.36 -13.65 -24.16
C LYS E 197 13.98 -13.41 -22.79
N ILE E 198 14.20 -12.15 -22.43
CA ILE E 198 14.69 -11.78 -21.11
C ILE E 198 13.57 -11.98 -20.09
N LEU E 199 13.83 -12.80 -19.08
CA LEU E 199 12.79 -13.25 -18.15
C LEU E 199 12.88 -12.55 -16.80
N LEU E 200 14.09 -12.36 -16.30
CA LEU E 200 14.40 -11.57 -15.14
C LEU E 200 15.62 -10.73 -15.48
N HIS E 201 15.66 -9.49 -14.96
CA HIS E 201 16.73 -8.53 -15.21
C HIS E 201 16.81 -7.51 -14.08
N PRO E 202 17.99 -7.14 -13.61
CA PRO E 202 18.08 -6.01 -12.66
C PRO E 202 17.43 -4.73 -13.16
N ASP E 203 17.63 -4.41 -14.44
CA ASP E 203 16.88 -3.37 -15.12
C ASP E 203 15.49 -3.88 -15.46
N SER E 204 14.50 -3.56 -14.61
CA SER E 204 13.12 -3.95 -14.85
C SER E 204 12.60 -3.50 -16.23
N GLY E 205 13.20 -2.46 -16.82
CA GLY E 205 12.76 -2.01 -18.13
C GLY E 205 12.98 -3.02 -19.24
N LEU E 206 13.97 -3.90 -19.09
CA LEU E 206 14.32 -4.87 -20.12
C LEU E 206 13.59 -6.20 -19.97
N VAL E 207 12.79 -6.39 -18.91
CA VAL E 207 12.10 -7.64 -18.66
C VAL E 207 11.04 -7.86 -19.75
N LEU E 208 11.05 -9.06 -20.33
CA LEU E 208 10.20 -9.48 -21.44
C LEU E 208 10.60 -8.88 -22.78
N LYS E 209 11.74 -8.21 -22.86
CA LYS E 209 12.30 -7.80 -24.15
C LYS E 209 13.18 -8.91 -24.69
N THR E 210 13.50 -8.83 -25.98
CA THR E 210 14.39 -9.83 -26.54
C THR E 210 15.83 -9.36 -26.38
N LEU E 211 16.78 -10.26 -26.65
CA LEU E 211 18.18 -9.88 -26.65
C LEU E 211 18.45 -8.86 -27.73
N ALA E 212 17.78 -9.00 -28.87
CA ALA E 212 17.97 -8.07 -29.98
C ALA E 212 17.55 -6.65 -29.61
N GLU E 213 16.48 -6.50 -28.83
CA GLU E 213 16.11 -5.16 -28.38
C GLU E 213 16.98 -4.68 -27.22
N ALA E 214 17.45 -5.59 -26.37
CA ALA E 214 18.34 -5.17 -25.28
C ALA E 214 19.69 -4.72 -25.82
N TYR E 215 20.14 -5.32 -26.92
CA TYR E 215 21.46 -5.03 -27.51
C TYR E 215 21.28 -4.70 -28.98
N PRO E 216 20.83 -3.48 -29.30
CA PRO E 216 20.75 -3.05 -30.71
C PRO E 216 22.15 -2.77 -31.28
N ALA E 219 23.48 -8.21 -30.40
CA ALA E 219 23.12 -9.24 -29.41
C ALA E 219 24.03 -10.47 -29.52
N PRO E 220 24.35 -11.08 -28.38
CA PRO E 220 25.17 -12.30 -28.40
C PRO E 220 24.33 -13.52 -28.71
N ASN E 221 24.99 -14.54 -29.22
CA ASN E 221 24.35 -15.80 -29.51
C ASN E 221 24.29 -16.62 -28.22
N ILE E 222 23.11 -17.18 -27.95
CA ILE E 222 22.94 -18.01 -26.77
C ILE E 222 23.61 -19.34 -27.01
N VAL E 223 24.75 -19.54 -26.38
CA VAL E 223 25.50 -20.78 -26.55
C VAL E 223 26.09 -21.09 -25.19
N PRO E 224 26.02 -22.32 -24.73
CA PRO E 224 26.53 -22.65 -23.40
C PRO E 224 28.03 -22.40 -23.34
N GLY E 225 28.50 -21.90 -22.20
CA GLY E 225 29.89 -21.60 -21.96
C GLY E 225 30.17 -20.11 -21.94
N VAL E 226 31.46 -19.79 -21.88
CA VAL E 226 31.91 -18.40 -21.79
C VAL E 226 32.66 -18.03 -23.05
N HIS E 227 32.37 -16.81 -23.53
CA HIS E 227 32.74 -16.36 -24.86
C HIS E 227 33.20 -14.94 -24.83
N GLU E 228 34.22 -14.63 -25.63
CA GLU E 228 34.53 -13.27 -25.98
C GLU E 228 33.83 -12.92 -27.28
N VAL E 229 32.95 -11.93 -27.21
CA VAL E 229 32.49 -11.18 -28.35
C VAL E 229 32.47 -9.72 -27.93
N GLU E 230 32.14 -8.86 -28.89
CA GLU E 230 32.10 -7.43 -28.69
C GLU E 230 30.65 -6.95 -28.76
N LEU E 231 30.21 -6.34 -27.66
CA LEU E 231 28.79 -6.22 -27.38
C LEU E 231 28.49 -4.87 -26.71
N ASP E 232 27.49 -4.13 -27.24
CA ASP E 232 27.17 -2.80 -26.71
C ASP E 232 28.32 -1.82 -26.92
N GLY E 233 29.10 -2.04 -27.98
CA GLY E 233 30.23 -1.19 -28.32
C GLY E 233 31.49 -1.35 -27.49
N SER E 234 31.78 -2.57 -27.03
CA SER E 234 32.88 -2.88 -26.13
C SER E 234 33.06 -4.38 -25.95
N SER E 235 34.31 -4.80 -25.79
CA SER E 235 34.65 -6.23 -25.80
C SER E 235 34.38 -6.82 -24.42
N GLN E 236 33.58 -7.87 -24.40
CA GLN E 236 33.06 -8.38 -23.14
C GLN E 236 32.99 -9.90 -23.17
N PHE E 237 33.09 -10.46 -21.97
CA PHE E 237 32.82 -11.88 -21.77
C PHE E 237 31.32 -12.09 -21.55
N VAL E 238 30.79 -13.14 -22.19
CA VAL E 238 29.38 -13.51 -22.09
C VAL E 238 29.31 -14.99 -21.75
N SER E 239 28.58 -15.31 -20.68
CA SER E 239 28.45 -16.68 -20.18
C SER E 239 26.98 -17.04 -20.08
N PHE E 240 26.60 -18.17 -20.68
CA PHE E 240 25.26 -18.72 -20.61
C PHE E 240 25.31 -20.07 -19.91
N THR E 241 24.61 -20.19 -18.77
CA THR E 241 24.56 -21.41 -17.97
C THR E 241 23.13 -21.91 -17.89
N PRO E 242 22.83 -23.13 -18.36
CA PRO E 242 21.45 -23.63 -18.25
C PRO E 242 21.06 -23.86 -16.81
N VAL E 243 19.80 -23.56 -16.51
CA VAL E 243 19.20 -23.87 -15.22
C VAL E 243 18.63 -25.29 -15.29
N LYS E 244 19.08 -26.16 -14.38
N LYS E 244 19.09 -26.17 -14.39
CA LYS E 244 18.70 -27.55 -14.46
CA LYS E 244 18.72 -27.57 -14.45
C LYS E 244 17.37 -27.82 -13.75
C LYS E 244 17.39 -27.82 -13.73
N GLY E 245 16.76 -28.96 -14.07
CA GLY E 245 15.61 -29.44 -13.31
C GLY E 245 14.30 -28.72 -13.52
N LEU E 246 14.19 -27.89 -14.55
CA LEU E 246 12.95 -27.19 -14.84
C LEU E 246 12.20 -27.88 -15.96
N PRO E 247 11.02 -28.42 -15.70
CA PRO E 247 10.32 -29.24 -16.70
C PRO E 247 9.86 -28.42 -17.91
N GLY E 248 10.28 -28.82 -19.10
CA GLY E 248 9.66 -28.30 -20.30
C GLY E 248 10.22 -27.00 -20.84
N VAL E 249 11.28 -26.46 -20.25
CA VAL E 249 11.78 -25.15 -20.63
C VAL E 249 13.30 -25.22 -20.61
N THR E 250 13.92 -24.28 -21.32
CA THR E 250 15.36 -24.14 -21.37
C THR E 250 15.64 -22.68 -21.09
N TRP E 251 15.99 -22.39 -19.85
CA TRP E 251 16.39 -21.05 -19.44
C TRP E 251 17.87 -21.03 -19.07
N TYR E 252 18.49 -19.85 -19.26
CA TYR E 252 19.93 -19.64 -19.06
C TYR E 252 20.20 -18.50 -18.10
N VAL E 253 21.20 -18.69 -17.23
CA VAL E 253 21.77 -17.59 -16.48
C VAL E 253 22.80 -16.92 -17.37
N ALA E 254 22.58 -15.64 -17.67
CA ALA E 254 23.46 -14.87 -18.54
C ALA E 254 24.35 -13.95 -17.72
N LEU E 255 25.67 -14.10 -17.85
CA LEU E 255 26.66 -13.22 -17.21
C LEU E 255 27.38 -12.40 -18.27
N VAL E 256 27.46 -11.08 -18.05
CA VAL E 256 28.14 -10.14 -18.93
C VAL E 256 29.24 -9.47 -18.13
N LEU E 257 30.46 -9.50 -18.63
CA LEU E 257 31.60 -8.96 -17.89
C LEU E 257 32.51 -8.15 -18.81
N ASP E 258 32.92 -6.97 -18.34
CA ASP E 258 33.97 -6.17 -19.03
C ASP E 258 35.40 -6.55 -18.66
N ASP F 33 30.57 20.68 -40.61
CA ASP F 33 30.32 19.54 -41.47
C ASP F 33 28.83 19.23 -41.54
N THR F 34 28.31 19.12 -42.75
CA THR F 34 26.88 18.89 -42.93
C THR F 34 26.44 17.52 -42.41
N GLU F 35 27.38 16.58 -42.23
CA GLU F 35 27.02 15.28 -41.66
C GLU F 35 26.68 15.40 -40.18
N ASN F 36 27.54 16.06 -39.40
CA ASN F 36 27.21 16.38 -38.01
C ASN F 36 25.89 17.10 -37.94
N TYR F 37 25.65 17.98 -38.89
CA TYR F 37 24.43 18.77 -38.91
C TYR F 37 23.20 17.88 -39.05
N LEU F 38 23.17 17.03 -40.07
CA LEU F 38 22.00 16.18 -40.24
C LEU F 38 21.89 15.15 -39.12
N GLY F 39 23.02 14.67 -38.58
CA GLY F 39 22.97 13.76 -37.45
C GLY F 39 22.25 14.33 -36.24
N GLU F 40 22.61 15.57 -35.84
CA GLU F 40 21.95 16.25 -34.74
C GLU F 40 20.44 16.40 -34.97
N ILE F 41 20.06 16.85 -36.17
CA ILE F 41 18.63 17.03 -36.45
C ILE F 41 17.92 15.70 -36.51
N GLY F 42 18.56 14.70 -37.11
CA GLY F 42 17.99 13.37 -37.13
C GLY F 42 17.66 12.87 -35.74
N THR F 43 18.63 12.93 -34.83
CA THR F 43 18.40 12.38 -33.50
C THR F 43 17.37 13.21 -32.74
N LEU F 44 17.32 14.52 -33.00
CA LEU F 44 16.36 15.38 -32.31
C LEU F 44 14.94 15.11 -32.78
N THR F 45 14.74 15.02 -34.10
CA THR F 45 13.45 14.64 -34.67
C THR F 45 13.04 13.24 -34.21
N ALA F 46 13.99 12.31 -34.17
CA ALA F 46 13.70 10.96 -33.71
C ALA F 46 13.27 10.98 -32.23
N SER F 47 13.98 11.75 -31.40
CA SER F 47 13.56 11.76 -30.00
C SER F 47 12.22 12.46 -29.83
N ASN F 48 11.85 13.39 -30.71
CA ASN F 48 10.53 13.99 -30.52
C ASN F 48 9.44 12.98 -30.85
N ILE F 49 9.69 12.11 -31.82
CA ILE F 49 8.75 11.05 -32.13
C ILE F 49 8.71 10.02 -31.01
N GLN F 50 9.86 9.68 -30.47
CA GLN F 50 9.91 8.67 -29.42
C GLN F 50 9.17 9.17 -28.19
N SER F 51 9.44 10.43 -27.82
CA SER F 51 8.81 11.06 -26.67
C SER F 51 7.29 11.05 -26.78
N TRP F 52 6.78 11.50 -27.92
CA TRP F 52 5.33 11.58 -28.11
C TRP F 52 4.72 10.18 -28.05
N LEU F 53 5.31 9.20 -28.75
CA LEU F 53 4.75 7.85 -28.78
C LEU F 53 4.85 7.19 -27.40
N GLU F 54 5.96 7.44 -26.68
CA GLU F 54 6.08 6.90 -25.31
C GLU F 54 5.04 7.49 -24.38
N GLY F 55 4.69 8.76 -24.57
CA GLY F 55 3.58 9.32 -23.84
C GLY F 55 2.33 8.47 -23.96
N ARG F 56 1.98 8.06 -25.19
CA ARG F 56 0.75 7.32 -25.38
C ARG F 56 0.92 5.89 -24.87
N MET F 57 2.12 5.31 -25.05
CA MET F 57 2.41 3.98 -24.49
C MET F 57 2.17 3.94 -22.98
N HIS F 58 2.63 4.95 -22.24
CA HIS F 58 2.39 5.01 -20.80
C HIS F 58 0.92 5.10 -20.45
N LEU F 59 0.12 5.85 -21.23
CA LEU F 59 -1.34 5.89 -20.97
C LEU F 59 -1.98 4.52 -21.21
N VAL F 60 -1.60 3.84 -22.28
CA VAL F 60 -2.13 2.52 -22.56
C VAL F 60 -1.71 1.53 -21.47
N GLU F 61 -0.43 1.59 -21.07
CA GLU F 61 0.00 0.76 -19.94
C GLU F 61 -0.78 1.09 -18.68
N GLY F 62 -1.02 2.38 -18.43
CA GLY F 62 -1.76 2.76 -17.23
C GLY F 62 -3.22 2.36 -17.33
N LEU F 63 -3.74 2.17 -18.56
CA LEU F 63 -5.10 1.68 -18.70
C LEU F 63 -5.17 0.22 -18.29
N ALA F 64 -4.21 -0.59 -18.75
CA ALA F 64 -4.15 -1.98 -18.36
C ALA F 64 -3.98 -2.10 -16.86
N SER F 65 -3.16 -1.23 -16.27
CA SER F 65 -2.96 -1.29 -14.82
C SER F 65 -4.25 -1.07 -14.08
N GLN F 66 -5.01 -0.04 -14.49
CA GLN F 66 -6.24 0.30 -13.78
C GLN F 66 -7.26 -0.80 -13.88
N LEU F 67 -7.34 -1.44 -15.06
CA LEU F 67 -8.25 -2.58 -15.24
C LEU F 67 -7.82 -3.74 -14.37
N ALA F 68 -6.52 -4.04 -14.35
CA ALA F 68 -6.01 -5.10 -13.48
C ALA F 68 -6.36 -4.89 -12.01
N LEU F 69 -6.54 -3.63 -11.57
CA LEU F 69 -6.80 -3.31 -10.18
C LEU F 69 -8.28 -3.22 -9.82
N LEU F 70 -9.19 -3.29 -10.80
CA LEU F 70 -10.62 -3.37 -10.49
C LEU F 70 -10.94 -4.56 -9.57
N ASP F 71 -11.49 -4.27 -8.39
CA ASP F 71 -11.96 -5.34 -7.51
C ASP F 71 -13.09 -6.15 -8.15
N GLN F 72 -14.00 -5.51 -8.87
CA GLN F 72 -15.06 -6.22 -9.59
C GLN F 72 -14.99 -5.86 -11.08
N PRO F 73 -14.36 -6.63 -11.86
CA PRO F 73 -14.21 -6.24 -13.28
C PRO F 73 -15.38 -6.73 -14.12
N ASP F 74 -16.58 -6.22 -13.83
CA ASP F 74 -17.75 -6.43 -14.67
C ASP F 74 -17.75 -5.40 -15.81
N GLU F 75 -18.75 -5.47 -16.70
CA GLU F 75 -18.78 -4.58 -17.85
C GLU F 75 -19.00 -3.13 -17.46
N ALA F 76 -19.94 -2.86 -16.55
CA ALA F 76 -20.22 -1.49 -16.15
C ALA F 76 -18.99 -0.81 -15.55
N ASN F 77 -18.16 -1.56 -14.82
CA ASN F 77 -16.96 -0.99 -14.23
C ASN F 77 -15.84 -0.79 -15.26
N ILE F 78 -15.69 -1.74 -16.19
CA ILE F 78 -14.75 -1.58 -17.29
C ILE F 78 -15.12 -0.38 -18.13
N ALA F 79 -16.40 -0.25 -18.46
CA ALA F 79 -16.84 0.89 -19.26
C ALA F 79 -16.50 2.19 -18.56
N ARG F 80 -16.79 2.30 -17.26
N ARG F 80 -16.83 2.28 -17.27
CA ARG F 80 -16.61 3.61 -16.62
CA ARG F 80 -16.62 3.49 -16.49
C ARG F 80 -15.13 3.93 -16.45
C ARG F 80 -15.16 3.89 -16.52
N GLN F 81 -14.28 2.91 -16.35
CA GLN F 81 -12.83 3.13 -16.39
C GLN F 81 -12.39 3.63 -17.76
N LEU F 82 -13.05 3.19 -18.84
CA LEU F 82 -12.70 3.60 -20.20
C LEU F 82 -13.19 4.99 -20.57
N GLU F 83 -14.11 5.54 -19.80
CA GLU F 83 -14.77 6.78 -20.18
C GLU F 83 -14.11 8.00 -19.57
N GLN F 84 -12.92 7.85 -18.97
CA GLN F 84 -12.27 9.01 -18.38
C GLN F 84 -11.85 10.02 -19.44
N PRO F 85 -11.96 11.32 -19.17
CA PRO F 85 -11.61 12.33 -20.18
C PRO F 85 -10.18 12.23 -20.73
N VAL F 86 -9.20 11.86 -19.92
CA VAL F 86 -7.82 11.72 -20.39
C VAL F 86 -7.72 10.73 -21.55
N PHE F 87 -8.64 9.75 -21.62
CA PHE F 87 -8.62 8.85 -22.77
C PHE F 87 -9.31 9.45 -24.00
N SER F 88 -10.52 10.02 -23.82
CA SER F 88 -11.17 10.80 -24.89
C SER F 88 -10.24 11.83 -25.50
N ARG F 89 -9.44 12.51 -24.69
CA ARG F 89 -8.68 13.64 -25.21
C ARG F 89 -7.41 13.19 -25.94
N ASN F 90 -6.88 12.03 -25.61
CA ASN F 90 -5.60 11.67 -26.20
C ASN F 90 -5.67 10.52 -27.15
N PHE F 91 -6.85 9.91 -27.31
CA PHE F 91 -6.99 8.78 -28.22
C PHE F 91 -8.22 9.05 -29.07
N ALA F 92 -8.22 8.52 -30.29
CA ALA F 92 -9.42 8.53 -31.09
C ALA F 92 -10.42 7.51 -30.55
N SER F 93 -9.94 6.35 -30.11
CA SER F 93 -10.74 5.51 -29.21
C SER F 93 -9.84 4.66 -28.32
N VAL F 94 -10.42 4.14 -27.25
CA VAL F 94 -9.82 3.12 -26.41
C VAL F 94 -10.81 1.99 -26.30
N TYR F 95 -10.30 0.77 -26.08
CA TYR F 95 -11.21 -0.37 -26.13
C TYR F 95 -10.60 -1.59 -25.46
N LEU F 96 -11.48 -2.50 -25.04
CA LEU F 96 -11.09 -3.73 -24.39
C LEU F 96 -11.81 -4.89 -25.06
N GLY F 97 -11.04 -5.88 -25.51
CA GLY F 97 -11.64 -7.16 -25.87
C GLY F 97 -11.41 -8.23 -24.81
N GLU F 98 -12.47 -8.83 -24.28
CA GLU F 98 -12.36 -9.77 -23.17
C GLU F 98 -12.14 -11.22 -23.64
N ALA F 99 -11.27 -11.94 -22.93
CA ALA F 99 -10.94 -13.29 -23.32
C ALA F 99 -12.12 -14.25 -23.12
N ALA F 100 -12.88 -14.10 -22.02
CA ALA F 100 -13.89 -15.09 -21.65
C ALA F 100 -14.89 -15.37 -22.78
N SER F 101 -15.55 -14.33 -23.26
CA SER F 101 -16.53 -14.59 -24.30
C SER F 101 -16.48 -13.53 -25.40
N GLY F 102 -15.31 -12.92 -25.62
CA GLY F 102 -15.16 -11.90 -26.63
C GLY F 102 -16.02 -10.66 -26.47
N THR F 103 -16.44 -10.33 -25.25
CA THR F 103 -17.16 -9.07 -25.01
C THR F 103 -16.28 -7.88 -25.41
N PHE F 104 -16.84 -6.93 -26.16
CA PHE F 104 -16.08 -5.80 -26.69
C PHE F 104 -16.66 -4.48 -26.19
N THR F 105 -15.81 -3.67 -25.56
CA THR F 105 -16.17 -2.36 -25.03
C THR F 105 -15.24 -1.32 -25.64
N MET F 106 -15.81 -0.36 -26.35
CA MET F 106 -15.09 0.71 -27.00
C MET F 106 -15.69 2.06 -26.65
N ARG F 107 -14.84 3.02 -26.30
CA ARG F 107 -15.24 4.42 -26.15
C ARG F 107 -14.37 5.34 -27.01
N PRO F 108 -15.00 6.26 -27.75
CA PRO F 108 -16.46 6.46 -27.85
C PRO F 108 -17.15 5.28 -28.52
N TYR F 109 -18.43 5.12 -28.23
CA TYR F 109 -19.07 3.90 -28.67
C TYR F 109 -19.49 4.01 -30.14
N ASP F 110 -19.23 2.94 -30.87
CA ASP F 110 -19.59 2.82 -32.27
C ASP F 110 -19.98 1.37 -32.46
N ALA F 111 -21.05 1.14 -33.23
CA ALA F 111 -21.55 -0.21 -33.41
C ALA F 111 -20.55 -1.03 -34.21
N MET F 112 -20.45 -2.30 -33.87
CA MET F 112 -19.54 -3.19 -34.58
C MET F 112 -20.35 -4.10 -35.45
N PRO F 113 -19.76 -4.70 -36.49
CA PRO F 113 -20.51 -5.65 -37.31
C PRO F 113 -21.07 -6.80 -36.49
N GLU F 114 -22.18 -7.35 -36.96
N GLU F 114 -22.20 -7.34 -36.94
CA GLU F 114 -22.80 -8.49 -36.30
CA GLU F 114 -22.81 -8.46 -36.23
C GLU F 114 -21.84 -9.67 -36.25
C GLU F 114 -21.90 -9.67 -36.24
N GLY F 115 -21.73 -10.29 -35.08
CA GLY F 115 -20.81 -11.39 -34.91
C GLY F 115 -19.36 -11.00 -34.72
N TYR F 116 -19.07 -9.71 -34.48
CA TYR F 116 -17.69 -9.29 -34.29
C TYR F 116 -17.11 -9.95 -33.05
N ASP F 117 -16.00 -10.64 -33.23
CA ASP F 117 -15.22 -11.17 -32.10
C ASP F 117 -13.86 -10.49 -32.08
N PRO F 118 -13.53 -9.70 -31.05
CA PRO F 118 -12.18 -9.11 -30.98
C PRO F 118 -11.09 -10.17 -30.90
N ARG F 119 -11.39 -11.36 -30.40
CA ARG F 119 -10.34 -12.34 -30.23
C ARG F 119 -9.78 -12.84 -31.55
N THR F 120 -10.47 -12.60 -32.66
CA THR F 120 -10.01 -12.98 -33.98
C THR F 120 -9.26 -11.87 -34.69
N ARG F 121 -8.96 -10.78 -34.01
N ARG F 121 -8.96 -10.79 -34.01
CA ARG F 121 -8.31 -9.64 -34.63
CA ARG F 121 -8.31 -9.64 -34.63
C ARG F 121 -6.82 -9.63 -34.29
C ARG F 121 -6.83 -9.60 -34.27
N ALA F 122 -6.04 -8.99 -35.16
CA ALA F 122 -4.59 -9.01 -35.01
C ALA F 122 -4.15 -8.26 -33.78
N TRP F 123 -4.74 -7.07 -33.54
CA TRP F 123 -4.37 -6.29 -32.36
C TRP F 123 -4.54 -7.10 -31.10
N TYR F 124 -5.43 -8.10 -31.13
CA TYR F 124 -5.65 -8.95 -29.96
C TYR F 124 -4.66 -10.11 -29.93
N LYS F 125 -4.59 -10.86 -31.03
CA LYS F 125 -3.72 -12.04 -31.06
C LYS F 125 -2.26 -11.68 -30.98
N ASP F 126 -1.83 -10.63 -31.68
CA ASP F 126 -0.43 -10.24 -31.65
C ASP F 126 -0.02 -9.76 -30.26
N ALA F 127 -0.94 -9.09 -29.56
CA ALA F 127 -0.64 -8.67 -28.19
C ALA F 127 -0.43 -9.89 -27.30
N LEU F 128 -1.29 -10.90 -27.44
CA LEU F 128 -1.18 -12.10 -26.61
C LEU F 128 0.08 -12.89 -26.95
N ALA F 129 0.35 -13.08 -28.24
CA ALA F 129 1.58 -13.74 -28.67
C ALA F 129 2.81 -13.04 -28.10
N ALA F 130 2.91 -11.73 -28.28
CA ALA F 130 4.08 -11.06 -27.73
C ALA F 130 4.05 -10.99 -26.19
N ASP F 131 2.88 -11.12 -25.56
CA ASP F 131 2.71 -10.82 -24.12
C ASP F 131 3.38 -9.48 -23.74
N ARG F 132 3.14 -8.45 -24.53
CA ARG F 132 3.64 -7.10 -24.23
C ARG F 132 2.93 -6.12 -25.14
N LEU F 133 3.11 -4.83 -24.87
CA LEU F 133 2.54 -3.79 -25.70
C LEU F 133 3.12 -3.87 -27.11
N ILE F 134 2.25 -3.80 -28.12
CA ILE F 134 2.67 -3.81 -29.51
C ILE F 134 2.18 -2.52 -30.15
N VAL F 135 3.00 -1.97 -31.04
CA VAL F 135 2.66 -0.77 -31.80
C VAL F 135 2.55 -1.15 -33.28
N THR F 136 1.44 -0.75 -33.92
CA THR F 136 1.23 -0.97 -35.33
C THR F 136 1.85 0.15 -36.15
N GLU F 137 2.09 -0.16 -37.42
CA GLU F 137 2.36 0.88 -38.38
C GLU F 137 1.08 1.67 -38.62
N PRO F 138 1.20 2.94 -39.03
CA PRO F 138 0.01 3.72 -39.42
C PRO F 138 -0.81 3.01 -40.48
N PHE F 139 -2.11 3.16 -40.36
CA PHE F 139 -3.07 2.67 -41.33
C PHE F 139 -4.20 3.68 -41.39
N VAL F 140 -5.22 3.36 -42.18
CA VAL F 140 -6.34 4.26 -42.47
C VAL F 140 -7.56 3.81 -41.67
N ASP F 141 -8.28 4.77 -41.11
CA ASP F 141 -9.51 4.47 -40.39
C ASP F 141 -10.71 4.75 -41.27
N GLU F 146 -8.82 8.88 -41.66
CA GLU F 146 -7.54 9.52 -41.32
C GLU F 146 -6.42 8.48 -41.11
N GLN F 147 -5.17 8.95 -41.02
CA GLN F 147 -4.05 8.10 -40.61
C GLN F 147 -4.06 7.90 -39.09
N ILE F 148 -4.09 6.63 -38.65
CA ILE F 148 -4.05 6.35 -37.23
C ILE F 148 -3.08 5.20 -36.99
N LEU F 149 -2.63 5.08 -35.74
CA LEU F 149 -2.05 3.82 -35.33
C LEU F 149 -2.64 3.36 -34.00
N ALA F 150 -2.48 2.06 -33.75
CA ALA F 150 -3.02 1.41 -32.56
C ALA F 150 -1.90 0.88 -31.66
N MET F 151 -2.15 0.95 -30.36
CA MET F 151 -1.31 0.25 -29.39
C MET F 151 -2.18 -0.69 -28.56
N SER F 152 -1.68 -1.90 -28.34
CA SER F 152 -2.42 -2.88 -27.58
C SER F 152 -1.47 -3.69 -26.70
N LEU F 153 -2.04 -4.29 -25.65
CA LEU F 153 -1.29 -5.10 -24.71
C LEU F 153 -2.25 -5.92 -23.88
N PRO F 154 -1.79 -7.06 -23.33
CA PRO F 154 -2.69 -7.94 -22.57
C PRO F 154 -2.98 -7.38 -21.20
N VAL F 155 -4.14 -7.76 -20.67
CA VAL F 155 -4.60 -7.29 -19.37
C VAL F 155 -4.89 -8.52 -18.53
N ARG F 156 -4.18 -8.65 -17.41
N ARG F 156 -4.19 -8.65 -17.41
CA ARG F 156 -4.46 -9.70 -16.44
CA ARG F 156 -4.49 -9.70 -16.44
C ARG F 156 -5.06 -9.11 -15.17
C ARG F 156 -5.08 -9.09 -15.19
N HIS F 157 -6.00 -9.85 -14.56
CA HIS F 157 -6.57 -9.51 -13.28
C HIS F 157 -6.30 -10.66 -12.33
N ALA F 158 -5.64 -10.35 -11.19
CA ALA F 158 -5.24 -11.38 -10.22
C ALA F 158 -4.56 -12.57 -10.93
N GLY F 159 -3.72 -12.26 -11.92
CA GLY F 159 -2.97 -13.28 -12.63
C GLY F 159 -3.73 -13.98 -13.75
N GLN F 160 -5.05 -13.78 -13.87
CA GLN F 160 -5.82 -14.38 -14.96
C GLN F 160 -6.02 -13.39 -16.11
N LEU F 161 -6.04 -13.89 -17.34
CA LEU F 161 -6.21 -13.02 -18.50
C LEU F 161 -7.61 -12.41 -18.52
N LEU F 162 -7.67 -11.09 -18.54
CA LEU F 162 -8.91 -10.38 -18.79
C LEU F 162 -9.14 -10.23 -20.30
N GLY F 163 -8.09 -9.91 -21.01
CA GLY F 163 -8.19 -9.73 -22.43
C GLY F 163 -7.09 -8.80 -22.91
N VAL F 164 -7.40 -8.03 -23.92
CA VAL F 164 -6.44 -7.11 -24.51
C VAL F 164 -7.07 -5.72 -24.51
N ALA F 165 -6.38 -4.75 -23.91
CA ALA F 165 -6.72 -3.34 -23.96
C ALA F 165 -5.91 -2.67 -25.06
N ALA F 166 -6.50 -1.63 -25.65
CA ALA F 166 -5.84 -0.94 -26.75
C ALA F 166 -6.34 0.51 -26.88
N GLY F 167 -5.57 1.31 -27.61
CA GLY F 167 -5.98 2.67 -27.92
C GLY F 167 -5.52 3.00 -29.31
N ASP F 168 -6.35 3.72 -30.09
CA ASP F 168 -6.03 4.27 -31.41
C ASP F 168 -5.76 5.76 -31.29
N MET F 169 -4.93 6.28 -32.20
CA MET F 169 -4.60 7.70 -32.12
C MET F 169 -4.28 8.25 -33.51
N LYS F 170 -4.69 9.48 -33.74
CA LYS F 170 -4.31 10.19 -34.94
C LYS F 170 -2.85 10.65 -34.85
N LEU F 171 -2.28 10.95 -36.02
CA LEU F 171 -0.85 11.20 -36.12
C LEU F 171 -0.53 12.60 -36.62
N GLU F 172 -1.48 13.53 -36.59
N GLU F 172 -1.49 13.52 -36.58
CA GLU F 172 -1.22 14.86 -37.15
CA GLU F 172 -1.26 14.86 -37.13
C GLU F 172 -0.07 15.56 -36.43
C GLU F 172 -0.09 15.55 -36.44
N THR F 173 0.05 15.36 -35.13
CA THR F 173 1.09 16.06 -34.38
C THR F 173 2.48 15.64 -34.83
N LEU F 174 2.68 14.33 -35.03
CA LEU F 174 3.94 13.85 -35.56
C LEU F 174 4.12 14.30 -37.02
N THR F 175 3.04 14.30 -37.81
CA THR F 175 3.19 14.76 -39.19
C THR F 175 3.62 16.21 -39.24
N ALA F 176 3.00 17.07 -38.40
CA ALA F 176 3.40 18.49 -38.36
C ALA F 176 4.85 18.67 -37.94
N ILE F 177 5.36 17.83 -37.03
CA ILE F 177 6.78 17.93 -36.67
C ILE F 177 7.66 17.69 -37.89
N LEU F 178 7.38 16.61 -38.63
CA LEU F 178 8.18 16.28 -39.81
C LEU F 178 8.04 17.35 -40.90
N ASN F 179 6.86 17.96 -41.02
CA ASN F 179 6.72 18.93 -42.09
C ASN F 179 7.43 20.23 -41.78
N SER F 180 7.65 20.55 -40.50
CA SER F 180 8.30 21.80 -40.15
C SER F 180 9.79 21.84 -40.53
N LEU F 181 10.40 20.71 -40.89
CA LEU F 181 11.81 20.67 -41.32
C LEU F 181 11.89 20.85 -42.83
N LYS F 182 12.07 22.10 -43.26
CA LYS F 182 12.18 22.42 -44.66
C LYS F 182 13.58 22.83 -45.08
N PHE F 183 14.50 22.99 -44.11
CA PHE F 183 15.93 23.22 -44.36
C PHE F 183 16.14 24.41 -45.27
N ASP F 184 15.36 25.47 -45.05
CA ASP F 184 15.42 26.71 -45.83
C ASP F 184 14.99 26.50 -47.28
N GLY F 185 14.29 25.41 -47.58
CA GLY F 185 13.83 25.12 -48.92
C GLY F 185 14.60 24.00 -49.62
N ALA F 186 15.70 23.52 -49.03
CA ALA F 186 16.57 22.54 -49.68
C ALA F 186 16.32 21.10 -49.24
N GLY F 187 15.36 20.85 -48.36
CA GLY F 187 15.22 19.49 -47.88
C GLY F 187 13.91 19.24 -47.16
N TYR F 188 13.81 18.03 -46.61
CA TYR F 188 12.56 17.60 -45.99
C TYR F 188 12.83 16.32 -45.20
N ALA F 189 11.81 15.89 -44.45
CA ALA F 189 11.92 14.79 -43.49
C ALA F 189 10.67 13.93 -43.57
N PHE F 190 10.85 12.63 -43.34
CA PHE F 190 9.73 11.70 -43.29
C PHE F 190 10.13 10.52 -42.41
N LEU F 191 9.17 9.63 -42.16
CA LEU F 191 9.34 8.44 -41.32
C LEU F 191 9.18 7.17 -42.15
N VAL F 192 10.13 6.25 -42.03
CA VAL F 192 10.13 5.03 -42.84
C VAL F 192 10.50 3.80 -41.98
N SER F 193 9.86 2.67 -42.26
CA SER F 193 10.22 1.42 -41.58
C SER F 193 11.54 0.84 -42.13
N ASP F 194 12.11 -0.09 -41.36
CA ASP F 194 13.29 -0.81 -41.82
C ASP F 194 12.98 -1.63 -43.09
N ALA F 195 11.73 -1.99 -43.31
CA ALA F 195 11.36 -2.67 -44.55
C ALA F 195 11.20 -1.71 -45.72
N GLY F 196 11.36 -0.38 -45.53
CA GLY F 196 11.25 0.54 -46.65
C GLY F 196 9.88 1.15 -46.87
N LYS F 197 8.93 0.94 -45.95
CA LYS F 197 7.59 1.50 -46.11
C LYS F 197 7.56 2.90 -45.48
N ILE F 198 7.16 3.89 -46.27
CA ILE F 198 6.97 5.22 -45.73
C ILE F 198 5.75 5.20 -44.83
N LEU F 199 5.91 5.66 -43.60
CA LEU F 199 4.88 5.67 -42.58
C LEU F 199 4.28 7.05 -42.37
N LEU F 200 5.10 8.07 -42.41
CA LEU F 200 4.64 9.45 -42.34
C LEU F 200 5.47 10.24 -43.33
N HIS F 201 4.84 11.23 -43.96
CA HIS F 201 5.49 11.99 -45.01
C HIS F 201 4.69 13.28 -45.23
N PRO F 202 5.35 14.42 -45.41
CA PRO F 202 4.61 15.65 -45.71
C PRO F 202 3.81 15.59 -46.99
N ASP F 203 4.25 14.83 -47.99
CA ASP F 203 3.44 14.51 -49.16
C ASP F 203 2.58 13.28 -48.83
N SER F 204 1.33 13.52 -48.43
CA SER F 204 0.42 12.44 -48.04
C SER F 204 0.23 11.41 -49.15
N GLY F 205 0.43 11.77 -50.42
CA GLY F 205 0.42 10.80 -51.53
C GLY F 205 1.44 9.68 -51.42
N LEU F 206 2.51 9.86 -50.65
CA LEU F 206 3.54 8.84 -50.51
C LEU F 206 3.40 8.04 -49.23
N VAL F 207 2.50 8.43 -48.34
CA VAL F 207 2.23 7.63 -47.14
C VAL F 207 1.84 6.21 -47.55
N LEU F 208 2.52 5.23 -46.97
CA LEU F 208 2.39 3.78 -47.16
C LEU F 208 2.89 3.33 -48.52
N LYS F 209 3.62 4.17 -49.23
CA LYS F 209 4.32 3.69 -50.41
C LYS F 209 5.70 3.19 -49.98
N THR F 210 6.31 2.37 -50.82
CA THR F 210 7.67 1.92 -50.56
C THR F 210 8.64 2.96 -51.13
N LEU F 211 9.85 2.96 -50.57
CA LEU F 211 10.90 3.88 -51.05
C LEU F 211 11.11 3.78 -52.56
N ALA F 212 11.03 2.56 -53.12
CA ALA F 212 11.27 2.37 -54.53
C ALA F 212 10.15 2.96 -55.39
N GLU F 213 8.89 2.89 -54.93
CA GLU F 213 7.82 3.58 -55.65
C GLU F 213 7.95 5.09 -55.54
N ALA F 214 8.31 5.59 -54.37
CA ALA F 214 8.40 7.03 -54.23
C ALA F 214 9.61 7.58 -54.96
N TYR F 215 10.69 6.79 -55.08
CA TYR F 215 11.92 7.23 -55.74
C TYR F 215 12.32 6.30 -56.88
N PRO F 216 11.57 6.32 -57.99
CA PRO F 216 11.93 5.46 -59.14
C PRO F 216 13.30 5.78 -59.74
N LYS F 217 13.83 7.00 -59.57
CA LYS F 217 15.12 7.39 -60.12
C LYS F 217 16.29 6.95 -59.25
N GLY F 218 16.06 6.42 -58.07
CA GLY F 218 17.16 5.88 -57.30
C GLY F 218 16.84 5.94 -55.82
N ALA F 219 16.66 4.85 -55.22
CA ALA F 219 16.27 5.01 -53.85
C ALA F 219 17.46 4.73 -52.93
N PRO F 220 17.55 5.34 -51.75
CA PRO F 220 18.69 5.07 -50.87
C PRO F 220 18.56 3.79 -50.05
N ASN F 221 19.70 3.17 -49.80
CA ASN F 221 19.75 2.02 -48.88
C ASN F 221 19.50 2.49 -47.45
N ILE F 222 18.59 1.81 -46.76
CA ILE F 222 18.32 2.19 -45.37
C ILE F 222 19.48 1.73 -44.50
N VAL F 223 20.45 2.60 -44.28
CA VAL F 223 21.53 2.35 -43.34
C VAL F 223 21.65 3.56 -42.43
N PRO F 224 21.76 3.36 -41.11
CA PRO F 224 21.92 4.50 -40.20
C PRO F 224 23.15 5.31 -40.58
N GLY F 225 23.06 6.61 -40.37
CA GLY F 225 24.13 7.54 -40.71
C GLY F 225 23.76 8.40 -41.90
N VAL F 226 24.69 9.29 -42.25
CA VAL F 226 24.53 10.24 -43.34
C VAL F 226 25.45 9.83 -44.48
N HIS F 227 24.89 9.69 -45.68
N HIS F 227 24.91 9.74 -45.69
CA HIS F 227 25.67 9.27 -46.83
CA HIS F 227 25.68 9.26 -46.83
C HIS F 227 25.16 9.98 -48.08
C HIS F 227 25.16 9.92 -48.11
N GLU F 228 26.08 10.28 -48.99
CA GLU F 228 25.73 10.92 -50.26
C GLU F 228 25.15 9.87 -51.20
N VAL F 229 24.03 10.21 -51.86
CA VAL F 229 23.38 9.31 -52.79
C VAL F 229 22.91 10.10 -54.02
N GLU F 230 22.67 9.37 -55.10
CA GLU F 230 22.31 9.96 -56.38
C GLU F 230 20.87 10.47 -56.38
N LEU F 231 19.97 9.79 -55.66
CA LEU F 231 18.55 10.15 -55.49
C LEU F 231 17.91 10.95 -56.62
N SER F 235 21.67 14.30 -56.81
CA SER F 235 22.79 14.27 -55.88
C SER F 235 22.47 14.97 -54.55
N GLN F 236 22.32 14.17 -53.49
CA GLN F 236 21.76 14.67 -52.23
C GLN F 236 22.42 13.97 -51.05
N PHE F 237 22.18 14.52 -49.88
CA PHE F 237 22.48 13.86 -48.62
C PHE F 237 21.21 13.18 -48.09
N VAL F 238 21.37 11.96 -47.58
CA VAL F 238 20.29 11.22 -46.96
C VAL F 238 20.77 10.71 -45.61
N SER F 239 20.01 11.01 -44.56
CA SER F 239 20.30 10.57 -43.20
C SER F 239 19.15 9.70 -42.71
N PHE F 240 19.49 8.55 -42.13
CA PHE F 240 18.54 7.69 -41.45
C PHE F 240 18.91 7.62 -39.99
N THR F 241 17.93 7.87 -39.11
CA THR F 241 18.16 7.88 -37.66
C THR F 241 17.13 6.96 -37.04
N PRO F 242 17.52 5.92 -36.36
CA PRO F 242 16.52 5.04 -35.72
C PRO F 242 15.76 5.78 -34.62
N VAL F 243 14.47 5.51 -34.51
CA VAL F 243 13.65 6.02 -33.41
C VAL F 243 13.78 5.01 -32.27
N LYS F 244 14.31 5.47 -31.13
CA LYS F 244 14.55 4.59 -30.01
C LYS F 244 13.26 4.33 -29.22
N GLY F 245 13.19 3.16 -28.58
CA GLY F 245 12.21 2.87 -27.56
C GLY F 245 10.88 2.36 -28.05
N LEU F 246 10.75 2.09 -29.29
CA LEU F 246 9.52 1.53 -29.83
C LEU F 246 9.60 0.02 -29.77
N PRO F 247 8.64 -0.66 -29.13
CA PRO F 247 8.70 -2.12 -29.02
C PRO F 247 8.33 -2.82 -30.32
N GLY F 248 9.19 -3.76 -30.72
CA GLY F 248 8.91 -4.64 -31.83
C GLY F 248 8.95 -4.03 -33.22
N VAL F 249 9.42 -2.79 -33.40
CA VAL F 249 9.56 -2.20 -34.74
C VAL F 249 10.88 -1.45 -34.81
N THR F 250 11.37 -1.27 -36.01
CA THR F 250 12.53 -0.44 -36.23
C THR F 250 12.11 0.58 -37.29
N TRP F 251 11.82 1.78 -36.84
CA TRP F 251 11.51 2.92 -37.69
C TRP F 251 12.62 3.94 -37.66
N TYR F 252 12.76 4.62 -38.80
CA TYR F 252 13.82 5.61 -39.02
C TYR F 252 13.22 6.96 -39.35
N VAL F 253 13.82 8.01 -38.80
CA VAL F 253 13.66 9.33 -39.39
C VAL F 253 14.61 9.46 -40.59
N ALA F 254 14.07 9.87 -41.74
CA ALA F 254 14.81 10.10 -42.96
C ALA F 254 14.86 11.60 -43.25
N LEU F 255 16.07 12.14 -43.42
CA LEU F 255 16.25 13.51 -43.85
C LEU F 255 16.85 13.49 -45.26
N VAL F 256 16.32 14.34 -46.13
CA VAL F 256 16.80 14.51 -47.49
C VAL F 256 17.19 15.96 -47.66
N LEU F 257 18.42 16.20 -48.14
CA LEU F 257 18.91 17.56 -48.34
C LEU F 257 19.74 17.63 -49.62
N ASP F 258 19.63 18.75 -50.33
CA ASP F 258 20.50 19.04 -51.48
C ASP F 258 21.84 19.68 -51.07
N THR G 34 -34.02 33.75 15.47
CA THR G 34 -32.82 33.30 14.77
C THR G 34 -32.59 34.10 13.46
N GLU G 35 -33.67 34.56 12.83
CA GLU G 35 -33.51 35.62 11.83
C GLU G 35 -32.88 36.85 12.46
N ASN G 36 -33.43 37.27 13.61
CA ASN G 36 -32.79 38.22 14.51
C ASN G 36 -31.27 38.01 14.60
N TYR G 37 -30.88 36.74 14.80
CA TYR G 37 -29.53 36.42 15.23
C TYR G 37 -28.54 36.46 14.08
N LEU G 38 -28.87 35.88 12.93
CA LEU G 38 -27.92 35.91 11.83
C LEU G 38 -27.79 37.32 11.25
N GLY G 39 -28.90 38.07 11.27
CA GLY G 39 -28.83 39.46 10.83
C GLY G 39 -27.84 40.28 11.62
N GLU G 40 -27.71 39.99 12.92
N GLU G 40 -27.69 39.97 12.91
CA GLU G 40 -26.73 40.70 13.72
CA GLU G 40 -26.73 40.70 13.73
C GLU G 40 -25.33 40.15 13.46
C GLU G 40 -25.32 40.14 13.60
N ILE G 41 -25.17 38.84 13.37
CA ILE G 41 -23.85 38.27 13.11
C ILE G 41 -23.33 38.73 11.74
N GLY G 42 -24.20 38.75 10.72
CA GLY G 42 -23.79 39.25 9.42
C GLY G 42 -23.35 40.70 9.46
N THR G 43 -24.14 41.56 10.11
CA THR G 43 -23.77 42.96 10.25
C THR G 43 -22.41 43.13 10.91
N LEU G 44 -22.17 42.37 11.99
CA LEU G 44 -20.89 42.46 12.68
C LEU G 44 -19.75 41.88 11.83
N THR G 45 -20.00 40.76 11.15
CA THR G 45 -18.98 40.17 10.29
C THR G 45 -18.64 41.13 9.16
N ALA G 46 -19.66 41.80 8.61
CA ALA G 46 -19.43 42.63 7.44
C ALA G 46 -18.60 43.85 7.81
N SER G 47 -18.90 44.47 8.96
CA SER G 47 -18.14 45.63 9.41
C SER G 47 -16.71 45.26 9.78
N ASN G 48 -16.48 44.02 10.22
CA ASN G 48 -15.11 43.57 10.43
C ASN G 48 -14.31 43.50 9.12
N ILE G 49 -14.93 42.93 8.07
CA ILE G 49 -14.32 42.90 6.74
C ILE G 49 -14.11 44.31 6.23
N GLN G 50 -15.09 45.19 6.42
CA GLN G 50 -14.98 46.56 5.99
C GLN G 50 -13.80 47.29 6.65
N SER G 51 -13.70 47.26 8.00
CA SER G 51 -12.58 47.91 8.70
C SER G 51 -11.24 47.38 8.24
N TRP G 52 -11.10 46.05 8.19
CA TRP G 52 -9.84 45.48 7.72
C TRP G 52 -9.49 45.98 6.33
N LEU G 53 -10.46 45.98 5.40
CA LEU G 53 -10.14 46.35 4.01
C LEU G 53 -9.94 47.85 3.85
N GLU G 54 -10.70 48.65 4.59
CA GLU G 54 -10.46 50.09 4.65
C GLU G 54 -9.06 50.43 5.15
N GLY G 55 -8.56 49.68 6.13
CA GLY G 55 -7.19 49.96 6.61
C GLY G 55 -6.17 49.78 5.50
N ARG G 56 -6.31 48.72 4.72
CA ARG G 56 -5.36 48.50 3.64
C ARG G 56 -5.53 49.54 2.52
N MET G 57 -6.77 49.98 2.28
CA MET G 57 -7.02 51.02 1.28
C MET G 57 -6.34 52.32 1.65
N HIS G 58 -6.47 52.74 2.94
CA HIS G 58 -5.79 53.94 3.42
C HIS G 58 -4.28 53.83 3.20
N LEU G 59 -3.69 52.68 3.55
CA LEU G 59 -2.26 52.47 3.32
C LEU G 59 -1.88 52.60 1.83
N VAL G 60 -2.72 52.12 0.90
CA VAL G 60 -2.44 52.33 -0.53
C VAL G 60 -2.70 53.79 -0.95
N GLU G 61 -3.74 54.46 -0.42
CA GLU G 61 -3.88 55.90 -0.71
C GLU G 61 -2.65 56.67 -0.26
N GLY G 62 -2.13 56.33 0.93
CA GLY G 62 -0.95 56.99 1.44
C GLY G 62 0.29 56.70 0.62
N LEU G 63 0.37 55.51 0.02
CA LEU G 63 1.53 55.20 -0.79
C LEU G 63 1.56 56.04 -2.04
N ALA G 64 0.40 56.26 -2.68
CA ALA G 64 0.32 57.18 -3.83
C ALA G 64 0.72 58.61 -3.43
N SER G 65 0.16 59.12 -2.33
N SER G 65 0.15 59.14 -2.35
CA SER G 65 0.50 60.47 -1.88
CA SER G 65 0.50 60.51 -1.97
C SER G 65 1.97 60.61 -1.59
C SER G 65 1.98 60.63 -1.57
N GLN G 66 2.57 59.61 -0.92
CA GLN G 66 4.02 59.62 -0.71
C GLN G 66 4.79 59.76 -2.02
N LEU G 67 4.47 58.86 -2.97
CA LEU G 67 5.16 58.86 -4.26
C LEU G 67 5.04 60.20 -4.97
N ALA G 68 3.83 60.78 -5.00
CA ALA G 68 3.61 62.11 -5.57
C ALA G 68 4.45 63.21 -4.89
N LEU G 69 4.84 63.04 -3.63
CA LEU G 69 5.60 64.09 -2.94
C LEU G 69 7.09 64.09 -3.29
N LEU G 70 7.58 63.05 -3.95
CA LEU G 70 9.01 62.93 -4.22
C LEU G 70 9.44 63.99 -5.23
N ASP G 71 10.53 64.70 -4.89
CA ASP G 71 11.01 65.82 -5.70
C ASP G 71 11.35 65.37 -7.11
N GLN G 72 12.28 64.45 -7.26
CA GLN G 72 12.62 63.89 -8.56
C GLN G 72 12.60 62.38 -8.40
N PRO G 73 11.49 61.74 -8.76
CA PRO G 73 11.34 60.31 -8.51
C PRO G 73 12.17 59.47 -9.45
N ASP G 74 13.38 59.11 -9.02
CA ASP G 74 14.21 58.18 -9.75
C ASP G 74 14.09 56.78 -9.14
N GLU G 75 14.71 55.80 -9.78
CA GLU G 75 14.44 54.41 -9.43
C GLU G 75 14.93 54.05 -8.03
N ALA G 76 16.02 54.67 -7.57
CA ALA G 76 16.53 54.30 -6.26
C ALA G 76 15.64 54.83 -5.14
N ASN G 77 15.08 56.03 -5.33
CA ASN G 77 14.20 56.56 -4.29
C ASN G 77 12.87 55.83 -4.27
N ILE G 78 12.37 55.41 -5.44
CA ILE G 78 11.10 54.72 -5.51
C ILE G 78 11.18 53.39 -4.76
N ALA G 79 12.27 52.64 -4.98
CA ALA G 79 12.47 51.39 -4.27
C ALA G 79 12.65 51.62 -2.77
N ARG G 80 13.42 52.67 -2.40
CA ARG G 80 13.52 53.04 -0.99
C ARG G 80 12.15 53.28 -0.40
N GLN G 81 11.30 54.03 -1.11
CA GLN G 81 9.95 54.31 -0.61
C GLN G 81 9.15 53.02 -0.47
N LEU G 82 9.28 52.12 -1.43
CA LEU G 82 8.48 50.89 -1.40
C LEU G 82 8.98 49.88 -0.38
N GLU G 83 10.23 50.00 0.09
CA GLU G 83 10.78 49.04 1.05
C GLU G 83 10.40 49.33 2.51
N GLN G 84 9.53 50.30 2.79
CA GLN G 84 9.23 50.56 4.18
C GLN G 84 8.59 49.33 4.83
N PRO G 85 9.02 48.95 6.04
CA PRO G 85 8.45 47.78 6.73
C PRO G 85 6.95 47.80 6.83
N VAL G 86 6.29 48.97 6.99
CA VAL G 86 4.83 48.96 7.08
C VAL G 86 4.23 48.31 5.83
N PHE G 87 4.88 48.46 4.66
CA PHE G 87 4.34 47.87 3.44
C PHE G 87 4.61 46.38 3.35
N SER G 88 5.77 45.92 3.79
CA SER G 88 6.04 44.51 3.68
C SER G 88 5.30 43.70 4.76
N ARG G 89 5.00 44.31 5.91
N ARG G 89 4.96 44.31 5.90
CA ARG G 89 4.18 43.63 6.91
CA ARG G 89 4.20 43.58 6.90
C ARG G 89 2.75 43.46 6.43
C ARG G 89 2.69 43.63 6.68
N ASN G 90 2.18 44.49 5.80
CA ASN G 90 0.74 44.55 5.56
C ASN G 90 0.31 44.21 4.14
N PHE G 91 1.24 43.97 3.23
CA PHE G 91 0.94 43.56 1.86
C PHE G 91 1.87 42.42 1.49
N ALA G 92 1.38 41.52 0.66
CA ALA G 92 2.26 40.60 -0.02
C ALA G 92 3.28 41.36 -0.86
N SER G 93 2.83 42.37 -1.61
CA SER G 93 3.79 43.23 -2.30
C SER G 93 3.10 44.56 -2.60
N VAL G 94 3.94 45.57 -2.84
CA VAL G 94 3.54 46.91 -3.27
C VAL G 94 4.39 47.25 -4.47
N TYR G 95 3.83 48.06 -5.38
CA TYR G 95 4.50 48.36 -6.63
C TYR G 95 3.98 49.65 -7.26
N LEU G 96 4.77 50.15 -8.21
CA LEU G 96 4.44 51.31 -9.02
C LEU G 96 4.77 51.03 -10.49
N GLY G 97 3.79 51.25 -11.36
CA GLY G 97 4.00 51.23 -12.79
C GLY G 97 3.96 52.66 -13.29
N GLU G 98 5.03 53.06 -13.98
CA GLU G 98 5.19 54.47 -14.37
C GLU G 98 4.64 54.70 -15.77
N ALA G 99 4.00 55.85 -15.94
CA ALA G 99 3.34 56.14 -17.22
C ALA G 99 4.33 56.43 -18.34
N ALA G 100 5.45 57.10 -18.05
CA ALA G 100 6.28 57.61 -19.14
C ALA G 100 6.80 56.50 -20.03
N SER G 101 7.40 55.45 -19.45
CA SER G 101 7.85 54.35 -20.30
C SER G 101 7.55 52.95 -19.77
N GLY G 102 6.60 52.81 -18.83
CA GLY G 102 6.30 51.50 -18.30
C GLY G 102 7.35 50.89 -17.38
N THR G 103 8.22 51.70 -16.78
CA THR G 103 9.14 51.19 -15.76
C THR G 103 8.35 50.67 -14.56
N PHE G 104 8.72 49.47 -14.08
CA PHE G 104 8.04 48.79 -13.01
C PHE G 104 8.98 48.64 -11.82
N THR G 105 8.50 48.96 -10.64
CA THR G 105 9.23 48.65 -9.42
C THR G 105 8.29 47.96 -8.43
N MET G 106 8.75 46.84 -7.85
CA MET G 106 7.95 46.06 -6.92
C MET G 106 8.81 45.63 -5.74
N ARG G 107 8.26 45.75 -4.53
CA ARG G 107 8.89 45.15 -3.33
C ARG G 107 7.89 44.29 -2.57
N PRO G 108 8.35 43.17 -1.96
CA PRO G 108 9.70 42.64 -2.09
C PRO G 108 9.97 42.17 -3.53
N TYR G 109 11.24 42.24 -3.92
CA TYR G 109 11.60 42.08 -5.32
C TYR G 109 11.21 40.68 -5.83
N ASP G 110 10.63 40.62 -7.02
CA ASP G 110 10.51 39.35 -7.74
C ASP G 110 10.53 39.69 -9.22
N ALA G 111 11.34 38.95 -9.97
CA ALA G 111 11.52 39.25 -11.38
C ALA G 111 10.21 39.04 -12.12
N MET G 112 9.89 40.01 -12.96
CA MET G 112 8.75 39.99 -13.85
C MET G 112 9.19 39.41 -15.18
N PRO G 113 8.24 38.95 -15.99
CA PRO G 113 8.59 38.57 -17.36
C PRO G 113 9.28 39.74 -18.02
N GLU G 114 10.45 39.49 -18.60
CA GLU G 114 11.12 40.52 -19.40
C GLU G 114 10.14 41.06 -20.45
N GLY G 115 10.12 42.38 -20.64
CA GLY G 115 9.13 43.03 -21.48
C GLY G 115 7.81 43.32 -20.80
N TYR G 116 7.67 43.04 -19.50
CA TYR G 116 6.43 43.33 -18.80
C TYR G 116 6.14 44.83 -18.81
N ASP G 117 4.94 45.19 -19.24
CA ASP G 117 4.50 46.59 -19.26
C ASP G 117 3.31 46.76 -18.32
N PRO G 118 3.50 47.35 -17.14
CA PRO G 118 2.36 47.52 -16.21
C PRO G 118 1.21 48.31 -16.80
N ARG G 119 1.46 49.15 -17.81
CA ARG G 119 0.39 49.97 -18.33
C ARG G 119 -0.63 49.16 -19.10
N THR G 120 -0.28 47.93 -19.49
CA THR G 120 -1.19 47.02 -20.20
C THR G 120 -2.05 46.17 -19.27
N ARG G 121 -1.92 46.30 -17.96
N ARG G 121 -1.93 46.31 -17.96
CA ARG G 121 -2.60 45.42 -17.02
CA ARG G 121 -2.60 45.43 -17.02
C ARG G 121 -3.85 46.09 -16.44
C ARG G 121 -3.84 46.08 -16.43
N ALA G 122 -4.79 45.25 -16.02
CA ALA G 122 -6.10 45.76 -15.60
C ALA G 122 -6.02 46.58 -14.32
N TRP G 123 -5.14 46.16 -13.37
CA TRP G 123 -4.95 46.95 -12.16
C TRP G 123 -4.45 48.37 -12.49
N TYR G 124 -3.71 48.51 -13.58
CA TYR G 124 -3.28 49.84 -14.00
C TYR G 124 -4.42 50.60 -14.68
N LYS G 125 -5.02 49.99 -15.70
CA LYS G 125 -5.98 50.69 -16.55
C LYS G 125 -7.27 50.95 -15.79
N ASP G 126 -7.71 49.99 -14.98
CA ASP G 126 -8.89 50.22 -14.17
C ASP G 126 -8.69 51.33 -13.12
N ALA G 127 -7.46 51.57 -12.66
CA ALA G 127 -7.27 52.72 -11.74
C ALA G 127 -7.38 54.04 -12.48
N LEU G 128 -6.78 54.11 -13.67
CA LEU G 128 -6.97 55.30 -14.50
C LEU G 128 -8.43 55.46 -14.88
N ALA G 129 -9.10 54.36 -15.24
CA ALA G 129 -10.47 54.50 -15.72
C ALA G 129 -11.37 55.09 -14.64
N ALA G 130 -11.28 54.56 -13.39
CA ALA G 130 -12.07 55.09 -12.29
C ALA G 130 -11.52 56.38 -11.75
N ASP G 131 -10.24 56.64 -11.99
CA ASP G 131 -9.52 57.76 -11.38
C ASP G 131 -9.81 57.86 -9.87
N ARG G 132 -9.68 56.72 -9.20
N ARG G 132 -9.70 56.72 -9.21
CA ARG G 132 -9.65 56.66 -7.75
CA ARG G 132 -9.79 56.62 -7.75
C ARG G 132 -9.24 55.25 -7.37
C ARG G 132 -9.32 55.22 -7.36
N LEU G 133 -9.22 54.97 -6.06
CA LEU G 133 -8.78 53.67 -5.57
C LEU G 133 -9.80 52.61 -5.95
N ILE G 134 -9.33 51.54 -6.58
CA ILE G 134 -10.17 50.41 -6.91
C ILE G 134 -9.67 49.20 -6.12
N VAL G 135 -10.59 48.29 -5.83
CA VAL G 135 -10.26 47.01 -5.22
C VAL G 135 -10.74 45.92 -6.15
N THR G 136 -9.84 45.02 -6.50
CA THR G 136 -10.12 43.94 -7.42
C THR G 136 -10.86 42.80 -6.73
N GLU G 137 -11.45 41.94 -7.54
CA GLU G 137 -11.87 40.64 -7.03
C GLU G 137 -10.65 39.73 -6.80
N PRO G 138 -10.76 38.76 -5.85
CA PRO G 138 -9.66 37.83 -5.56
C PRO G 138 -9.13 37.11 -6.80
N PHE G 139 -7.86 36.70 -6.74
CA PHE G 139 -7.08 36.19 -7.87
C PHE G 139 -5.66 35.85 -7.37
N VAL G 140 -5.01 34.84 -7.94
CA VAL G 140 -3.56 34.67 -7.72
C VAL G 140 -2.84 34.46 -9.05
N ILE G 148 -4.96 36.76 -4.43
CA ILE G 148 -4.66 37.96 -3.71
C ILE G 148 -5.74 38.88 -4.16
N LEU G 149 -5.91 39.99 -3.51
CA LEU G 149 -6.63 41.05 -4.16
C LEU G 149 -5.69 42.24 -4.22
N ALA G 150 -5.78 42.99 -5.31
CA ALA G 150 -5.02 44.22 -5.41
C ALA G 150 -5.91 45.42 -5.12
N MET G 151 -5.29 46.46 -4.58
CA MET G 151 -5.81 47.82 -4.55
C MET G 151 -4.85 48.72 -5.31
N SER G 152 -5.36 49.51 -6.26
CA SER G 152 -4.50 50.40 -7.03
C SER G 152 -5.19 51.75 -7.22
N LEU G 153 -4.38 52.79 -7.48
CA LEU G 153 -4.91 54.12 -7.75
C LEU G 153 -3.85 55.00 -8.41
N PRO G 154 -4.27 56.04 -9.17
CA PRO G 154 -3.31 56.89 -9.88
C PRO G 154 -2.42 57.67 -8.92
N VAL G 155 -1.19 57.93 -9.37
CA VAL G 155 -0.23 58.77 -8.66
C VAL G 155 -0.02 60.02 -9.50
N ARG G 156 -0.47 61.16 -8.99
N ARG G 156 -0.36 61.17 -8.93
CA ARG G 156 -0.29 62.43 -9.67
CA ARG G 156 -0.48 62.45 -9.64
C ARG G 156 0.39 63.42 -8.74
C ARG G 156 0.07 63.59 -8.79
N HIS G 157 0.94 64.45 -9.36
CA HIS G 157 1.45 65.60 -8.62
C HIS G 157 1.33 66.83 -9.51
N ALA G 158 0.64 67.85 -8.99
CA ALA G 158 0.43 69.09 -9.74
C ALA G 158 -0.24 68.81 -11.09
N GLY G 159 -1.12 67.80 -11.11
CA GLY G 159 -1.86 67.45 -12.30
C GLY G 159 -1.16 66.51 -13.25
N GLN G 160 0.10 66.15 -13.01
CA GLN G 160 0.86 65.28 -13.92
C GLN G 160 0.86 63.83 -13.41
N LEU G 161 0.59 62.87 -14.31
CA LEU G 161 0.53 61.46 -13.94
C LEU G 161 1.94 60.88 -13.81
N LEU G 162 2.30 60.38 -12.62
CA LEU G 162 3.55 59.60 -12.52
C LEU G 162 3.31 58.14 -12.91
N GLY G 163 2.18 57.57 -12.45
CA GLY G 163 1.80 56.22 -12.84
C GLY G 163 0.67 55.69 -11.96
N VAL G 164 0.68 54.37 -11.72
CA VAL G 164 -0.26 53.81 -10.76
C VAL G 164 0.51 53.02 -9.72
N ALA G 165 0.20 53.30 -8.45
CA ALA G 165 0.66 52.54 -7.29
C ALA G 165 -0.37 51.48 -6.91
N ALA G 166 0.12 50.37 -6.37
CA ALA G 166 -0.78 49.29 -5.95
C ALA G 166 -0.20 48.55 -4.75
N GLY G 167 -1.08 47.85 -4.05
CA GLY G 167 -0.67 46.84 -3.10
C GLY G 167 -1.55 45.62 -3.31
N ASP G 168 -0.96 44.46 -3.21
CA ASP G 168 -1.80 43.28 -3.17
C ASP G 168 -1.59 42.57 -1.84
N MET G 169 -2.65 41.93 -1.38
CA MET G 169 -2.68 41.39 -0.05
C MET G 169 -3.42 40.08 -0.15
N LYS G 170 -3.38 39.31 0.92
CA LYS G 170 -4.33 38.23 0.99
C LYS G 170 -4.89 38.02 2.39
N LEU G 171 -5.90 37.18 2.39
CA LEU G 171 -7.14 37.36 3.13
C LEU G 171 -7.25 36.41 4.30
N GLU G 172 -6.15 35.71 4.64
CA GLU G 172 -6.28 34.63 5.60
C GLU G 172 -6.90 35.15 6.89
N THR G 173 -6.57 36.38 7.25
CA THR G 173 -7.30 37.10 8.28
C THR G 173 -8.79 37.06 7.99
N LEU G 174 -9.20 37.69 6.89
CA LEU G 174 -10.62 37.75 6.50
C LEU G 174 -11.27 36.38 6.48
N THR G 175 -10.63 35.38 5.85
CA THR G 175 -11.16 34.02 5.90
C THR G 175 -11.26 33.52 7.34
N ALA G 176 -10.27 33.83 8.17
CA ALA G 176 -10.28 33.30 9.52
C ALA G 176 -11.53 33.76 10.27
N ILE G 177 -11.95 35.00 10.05
CA ILE G 177 -13.20 35.47 10.63
C ILE G 177 -14.39 34.71 10.03
N LEU G 178 -14.42 34.58 8.69
CA LEU G 178 -15.53 33.86 8.08
C LEU G 178 -15.64 32.42 8.56
N ASN G 179 -14.51 31.76 8.87
CA ASN G 179 -14.61 30.38 9.36
C ASN G 179 -15.18 30.33 10.78
N SER G 180 -14.77 31.27 11.63
CA SER G 180 -15.12 31.23 13.05
C SER G 180 -16.61 31.32 13.29
N GLY G 187 -24.81 25.77 9.87
CA GLY G 187 -24.37 27.11 9.52
C GLY G 187 -22.94 27.29 9.00
N TYR G 188 -22.77 28.19 8.02
CA TYR G 188 -21.43 28.56 7.56
C TYR G 188 -21.45 29.97 6.96
N ALA G 189 -20.24 30.49 6.65
CA ALA G 189 -20.07 31.87 6.22
C ALA G 189 -19.05 32.04 5.09
N PHE G 190 -19.41 32.82 4.04
CA PHE G 190 -18.47 33.13 2.95
C PHE G 190 -18.74 34.53 2.37
N LEU G 191 -17.86 34.96 1.45
CA LEU G 191 -17.95 36.26 0.75
C LEU G 191 -18.32 36.06 -0.71
N VAL G 192 -19.33 36.81 -1.18
CA VAL G 192 -19.81 36.62 -2.55
C VAL G 192 -20.16 37.98 -3.16
N SER G 193 -19.91 38.13 -4.46
CA SER G 193 -20.32 39.36 -5.13
C SER G 193 -21.81 39.35 -5.51
N ASP G 194 -22.32 40.55 -5.82
CA ASP G 194 -23.70 40.69 -6.26
C ASP G 194 -23.99 39.88 -7.53
N ALA G 195 -22.99 39.67 -8.38
CA ALA G 195 -23.15 38.80 -9.54
C ALA G 195 -23.13 37.31 -9.20
N GLY G 196 -22.82 36.92 -7.96
CA GLY G 196 -22.77 35.50 -7.62
C GLY G 196 -21.41 34.82 -7.68
N LYS G 197 -20.33 35.59 -7.89
CA LYS G 197 -18.97 35.08 -7.90
C LYS G 197 -18.46 35.00 -6.46
N ILE G 198 -18.10 33.80 -6.04
CA ILE G 198 -17.58 33.62 -4.68
C ILE G 198 -16.19 34.21 -4.63
N LEU G 199 -15.93 35.02 -3.59
CA LEU G 199 -14.67 35.73 -3.41
C LEU G 199 -13.83 35.15 -2.28
N LEU G 200 -14.45 34.77 -1.16
CA LEU G 200 -13.78 34.08 -0.07
C LEU G 200 -14.67 32.96 0.41
N HIS G 201 -14.06 31.79 0.66
CA HIS G 201 -14.80 30.62 1.16
C HIS G 201 -13.88 29.76 2.02
N PRO G 202 -14.34 29.29 3.18
CA PRO G 202 -13.57 28.28 3.93
C PRO G 202 -13.17 27.09 3.08
N ASP G 203 -14.10 26.58 2.27
CA ASP G 203 -13.76 25.70 1.15
C ASP G 203 -12.89 26.48 0.20
N SER G 204 -11.56 26.29 0.26
CA SER G 204 -10.76 26.85 -0.82
C SER G 204 -11.10 26.19 -2.15
N GLY G 205 -11.88 25.11 -2.09
CA GLY G 205 -12.44 24.38 -3.22
C GLY G 205 -13.54 25.08 -4.00
N LEU G 206 -13.81 26.38 -3.69
CA LEU G 206 -14.93 27.08 -4.30
C LEU G 206 -14.69 28.57 -4.54
N VAL G 207 -13.48 29.09 -4.41
CA VAL G 207 -13.23 30.52 -4.60
C VAL G 207 -13.11 30.82 -6.10
N LEU G 208 -13.66 31.95 -6.51
CA LEU G 208 -13.89 32.36 -7.91
C LEU G 208 -14.91 31.47 -8.64
N LYS G 209 -15.58 30.55 -7.95
CA LYS G 209 -16.70 29.80 -8.55
C LYS G 209 -18.01 30.56 -8.39
N THR G 210 -18.95 30.32 -9.30
CA THR G 210 -20.23 30.99 -9.12
C THR G 210 -21.10 30.24 -8.12
N LEU G 211 -22.17 30.90 -7.65
CA LEU G 211 -23.08 30.22 -6.72
C LEU G 211 -23.69 29.00 -7.38
N ALA G 212 -23.97 29.10 -8.68
CA ALA G 212 -24.54 27.97 -9.40
C ALA G 212 -23.59 26.77 -9.38
N GLU G 213 -22.29 27.02 -9.55
CA GLU G 213 -21.32 25.93 -9.49
C GLU G 213 -21.14 25.38 -8.08
N ALA G 214 -21.20 26.24 -7.07
CA ALA G 214 -21.14 25.79 -5.68
C ALA G 214 -22.41 25.10 -5.18
N TYR G 215 -23.57 25.38 -5.79
CA TYR G 215 -24.82 24.70 -5.43
C TYR G 215 -25.48 24.16 -6.70
N PRO G 216 -24.99 23.02 -7.24
CA PRO G 216 -25.60 22.50 -8.48
C PRO G 216 -27.02 22.00 -8.34
N LYS G 217 -27.45 21.56 -7.15
N LYS G 217 -27.43 21.58 -7.14
CA LYS G 217 -28.86 21.22 -6.95
CA LYS G 217 -28.82 21.22 -6.86
C LYS G 217 -29.75 22.45 -6.83
C LYS G 217 -29.73 22.44 -6.82
N GLY G 218 -29.18 23.64 -6.66
CA GLY G 218 -29.95 24.86 -6.62
C GLY G 218 -29.37 25.96 -5.74
N ALA G 219 -29.14 27.14 -6.34
CA ALA G 219 -28.43 28.22 -5.68
C ALA G 219 -29.40 29.24 -5.10
N PRO G 220 -29.08 29.82 -3.95
CA PRO G 220 -29.96 30.83 -3.37
C PRO G 220 -29.82 32.16 -4.10
N ASN G 221 -30.94 32.88 -4.17
CA ASN G 221 -30.88 34.20 -4.76
C ASN G 221 -30.22 35.15 -3.77
N ILE G 222 -29.40 36.07 -4.30
CA ILE G 222 -28.73 37.06 -3.47
C ILE G 222 -29.72 38.18 -3.24
N VAL G 223 -30.35 38.18 -2.08
CA VAL G 223 -31.27 39.23 -1.69
C VAL G 223 -30.88 39.61 -0.27
N PRO G 224 -30.61 40.89 0.01
CA PRO G 224 -30.31 41.29 1.39
C PRO G 224 -31.43 40.82 2.30
N GLY G 225 -31.06 40.24 3.44
CA GLY G 225 -32.04 39.76 4.38
C GLY G 225 -31.87 38.28 4.65
N VAL G 226 -32.87 37.65 5.25
CA VAL G 226 -32.79 36.23 5.59
C VAL G 226 -33.86 35.36 4.87
N PHE G 237 -31.81 28.66 6.66
CA PHE G 237 -31.82 30.10 6.44
C PHE G 237 -30.60 30.56 5.66
N VAL G 238 -30.82 31.39 4.64
CA VAL G 238 -29.76 32.10 3.93
C VAL G 238 -29.77 33.53 4.42
N SER G 239 -28.59 34.10 4.69
CA SER G 239 -28.44 35.50 5.08
C SER G 239 -27.36 36.15 4.23
N PHE G 240 -27.70 37.24 3.56
CA PHE G 240 -26.77 38.02 2.76
C PHE G 240 -26.69 39.42 3.33
N THR G 241 -25.51 39.78 3.86
CA THR G 241 -25.27 41.12 4.42
C THR G 241 -24.31 41.87 3.53
N PRO G 242 -24.66 43.05 3.00
CA PRO G 242 -23.71 43.82 2.18
C PRO G 242 -22.62 44.46 3.03
N VAL G 243 -21.40 44.43 2.49
CA VAL G 243 -20.23 45.06 3.11
C VAL G 243 -20.22 46.52 2.70
N LYS G 244 -20.23 47.43 3.68
CA LYS G 244 -20.25 48.82 3.35
C LYS G 244 -18.83 49.32 3.10
N GLY G 245 -18.73 50.50 2.49
CA GLY G 245 -17.48 51.22 2.36
C GLY G 245 -16.51 50.75 1.28
N LEU G 246 -16.84 49.70 0.53
CA LEU G 246 -15.96 49.29 -0.57
C LEU G 246 -16.28 50.10 -1.83
N PRO G 247 -15.27 50.71 -2.48
CA PRO G 247 -15.54 51.55 -3.67
C PRO G 247 -15.76 50.71 -4.92
N GLY G 248 -16.80 51.03 -5.70
CA GLY G 248 -17.12 50.39 -6.96
C GLY G 248 -17.56 48.92 -6.95
N VAL G 249 -17.80 48.28 -5.80
CA VAL G 249 -18.23 46.89 -5.77
C VAL G 249 -19.38 46.69 -4.79
N THR G 250 -20.14 45.63 -4.99
CA THR G 250 -21.20 45.25 -4.08
C THR G 250 -20.94 43.79 -3.71
N TRP G 251 -20.32 43.62 -2.55
CA TRP G 251 -19.97 42.32 -2.00
C TRP G 251 -20.80 42.02 -0.77
N TYR G 252 -21.10 40.73 -0.56
CA TYR G 252 -21.97 40.31 0.54
C TYR G 252 -21.31 39.26 1.42
N VAL G 253 -21.50 39.41 2.73
CA VAL G 253 -21.29 38.32 3.67
C VAL G 253 -22.47 37.37 3.57
N ALA G 254 -22.19 36.11 3.28
CA ALA G 254 -23.21 35.09 3.17
C ALA G 254 -23.13 34.21 4.41
N LEU G 255 -24.27 34.11 5.11
CA LEU G 255 -24.45 33.18 6.21
C LEU G 255 -25.56 32.21 5.85
N VAL G 256 -25.28 30.93 5.98
CA VAL G 256 -26.34 29.94 5.86
C VAL G 256 -26.21 28.94 6.99
#